data_5XA0
#
_entry.id   5XA0
#
_cell.length_a   128.164
_cell.length_b   128.164
_cell.length_c   369.486
_cell.angle_alpha   90.00
_cell.angle_beta   90.00
_cell.angle_gamma   90.00
#
_symmetry.space_group_name_H-M   'P 42'
#
_entity_poly.entity_id   1
_entity_poly.type   'polypeptide(L)'
_entity_poly.pdbx_seq_one_letter_code
;MSDKMSSFLHIGDICSLYAEGSTNGFISTLGLVDDRCVVQPEAGDLNNPPKKFRDCLFKLCPMNRYSAQKQFWKAAKPGA
NSTTDAVLLNKLHHAADLEKKQNETENRKLLGTVIQYGNVIQLLHLKSNKYLTVNKRLPALLEKNAMRVTLDEAGNEGSW
FYIQPFYKLRSIGDSVVIGDKVVLNPVNAGQPLHASSHQLVDNPGCNEVNSVNCNTSWKIVLFMKWSDNKDDILKGGDVV
RLFHAEQEKFLTCDEHRKKQHVFLRTTGRQSATSATSSKALWEVEVVQHDPCRGGAGYWNSLFRFKHLATGHYLAAEVDP
DFEEECLEFQPSVDPDQDASRSRLRNAQEKMVYSLVSVPEGNDISSIFELDPTTLRGGDSLVPRNSYVRLRHLCTNTWVH
STNIPIDKEEEKPVMLKIGTSPLKEDKEAFAIVPVSPAEVRDLDFANDASKVLGSIAGKLEKGTITQNERRSVTKLLEDL
VYFVTGGTNSGQDVLEVVFSKPNRERQKLMREQNILKQIFKLLQAPFTDCGDGPMLRLEELGDQRHAPFRHICRLCYRVL
RHSQQDYRKNQEYIAKQFGFMQKQIGYDVLAEDTITALLHNNRKLLEKHITAAEIDTFVSLVRKNREPRFLDYLSDLCVS
MNKSIPVTQELICKAVLNPTNADILIETKLVLSRFEFEGVSTGENALEAGEDEEEVWLFWRDSNKEIRSKSVRELAQDAK
EGQKEDRDILSYYRYQLNLFARMCLDRQYLAINEISGQLDVDLILRCMSDENLPYDLRASFCRLMLHMHVDRDPQEQVTP
VKYARLWSEIPSEIAIDDYDSSGTSKDEIKERFAQTMEFVEEYLRDVVCQRFPFSDKEKNKLTFEVVNLARNLIYFGFYN
FSDLLRLTKILLAILDCVHVTTIFPISKMTKGEENKGSNVMRSIHGVGELMTQVVLRGGGFLPMTPMAAAPEGNVKQAEP
EKEDIMVMDTKLKIIEILQFILNVRLDYRISCLLCIFKREFDESNSQSSETSSGNSSQEGPSNVPGALDFEHIEEQAEGI
FGGSEENTPLDLDDHGGRTFLRVLLHLTMHDYPPLVSGALQLLFRHFSQRQEVLQAFKQVQLLVTSQDVDNYKQIKQDLD
QLRSIVEKSELWVYKGQGPDEPMDGASGENEHKKTEEGTSKPLKHESTSSYNYRVVKEILIRLSKLCVQESASVRKSRKQ
QQRLLRNMGAHAVVLELLQIPYEKAEDTKMQEIMRLAHEFLQNFCAGNQQNQALLHKHINLFLNPGILEAVTMQHIFMNN
FQLCSEINERVVQHFVHCIETHGRNVQYIKFLQTIVKAEGKFIKKCQDMVMAELVNSGEDVLVFYNDRASFQTLIQMMRS
ERDRMDENSPLMYHIHLVELLAVCTEGKNVYTEIKCNSLLPLDDIVRVVTHEDCIPEVKIAYINFLNHCYVDTEVEMKEI
YTSNHMWKLFENFLVDICRACNNTSDRKHADSILEKYVTEIVMSIVTTFFSSPFSDQSTTLQTRQPVFVQLLQGVFRVYH
CNWLMPSQKASVESCIRVLSDVAKSRAIAIPVDLDSQVNNLFLKSHNIVQKTALNWRLSAR
;
_entity_poly.pdbx_strand_id   A,B
#
# COMPACT_ATOMS: atom_id res chain seq x y z
N SER A 7 -2.61 -7.83 50.10
CA SER A 7 -3.79 -7.14 49.63
C SER A 7 -4.69 -6.66 50.74
N PHE A 8 -4.36 -5.50 51.24
CA PHE A 8 -5.07 -4.88 52.35
C PHE A 8 -5.97 -3.82 51.74
N LEU A 9 -7.25 -3.89 52.05
CA LEU A 9 -8.14 -2.80 51.66
C LEU A 9 -7.80 -1.52 52.45
N HIS A 10 -8.37 -0.40 52.00
CA HIS A 10 -8.08 0.91 52.56
C HIS A 10 -9.32 1.81 52.38
N ILE A 11 -9.22 3.08 52.76
CA ILE A 11 -10.38 3.96 52.81
C ILE A 11 -10.40 4.92 51.63
N GLY A 12 -11.61 5.38 51.27
CA GLY A 12 -11.86 5.78 49.91
C GLY A 12 -11.55 4.72 48.86
N ASP A 13 -11.34 3.47 49.27
CA ASP A 13 -11.12 2.27 48.48
C ASP A 13 -12.27 1.36 48.85
N ILE A 14 -12.85 0.63 47.89
CA ILE A 14 -14.16 0.01 48.14
C ILE A 14 -14.53 -0.89 47.00
N CYS A 15 -15.48 -1.76 47.25
CA CYS A 15 -15.44 -3.10 46.71
C CYS A 15 -16.68 -3.85 47.14
N SER A 16 -16.87 -5.01 46.52
CA SER A 16 -18.10 -5.75 46.52
C SER A 16 -17.99 -6.85 47.52
N LEU A 17 -19.11 -7.37 47.97
CA LEU A 17 -19.15 -8.29 49.08
C LEU A 17 -20.04 -9.43 48.67
N TYR A 18 -19.98 -10.52 49.42
CA TYR A 18 -20.82 -11.63 49.03
C TYR A 18 -21.12 -12.45 50.27
N ALA A 19 -22.32 -13.05 50.33
CA ALA A 19 -22.63 -13.77 51.56
C ALA A 19 -21.75 -15.00 51.74
N GLU A 20 -21.74 -15.53 52.97
CA GLU A 20 -21.15 -16.85 53.23
C GLU A 20 -22.24 -17.82 53.53
N GLY A 21 -21.83 -19.07 53.53
CA GLY A 21 -22.71 -20.19 53.60
C GLY A 21 -23.75 -19.86 52.56
N SER A 22 -24.96 -20.31 52.81
CA SER A 22 -25.95 -20.45 51.75
C SER A 22 -26.37 -19.12 51.17
N THR A 23 -26.17 -18.06 51.93
CA THR A 23 -26.89 -16.87 51.59
C THR A 23 -26.18 -16.02 50.57
N ASN A 24 -25.07 -16.49 50.00
CA ASN A 24 -24.21 -15.61 49.25
C ASN A 24 -24.85 -15.17 47.95
N GLY A 25 -24.93 -13.86 47.80
CA GLY A 25 -25.35 -13.27 46.54
C GLY A 25 -24.54 -12.03 46.28
N PHE A 26 -24.43 -11.72 45.00
CA PHE A 26 -24.09 -10.37 44.63
C PHE A 26 -25.20 -9.42 45.06
N ILE A 27 -24.82 -8.19 45.39
CA ILE A 27 -25.73 -7.14 45.85
C ILE A 27 -25.80 -6.06 44.78
N SER A 28 -27.00 -5.56 44.51
CA SER A 28 -27.22 -4.71 43.34
C SER A 28 -28.39 -3.77 43.66
N THR A 29 -28.18 -2.45 43.57
CA THR A 29 -29.28 -1.50 43.77
C THR A 29 -30.36 -1.73 42.72
N LEU A 30 -31.63 -1.61 43.15
CA LEU A 30 -32.74 -1.96 42.26
C LEU A 30 -32.98 -0.90 41.20
N GLY A 31 -32.79 0.36 41.55
CA GLY A 31 -33.05 1.45 40.64
C GLY A 31 -33.70 2.59 41.40
N LEU A 32 -34.04 3.63 40.65
CA LEU A 32 -34.72 4.75 41.27
C LEU A 32 -36.19 4.44 41.54
N VAL A 33 -36.86 3.69 40.65
CA VAL A 33 -38.19 3.17 40.97
C VAL A 33 -38.15 2.24 42.15
N ASP A 34 -37.09 1.46 42.28
CA ASP A 34 -36.97 0.45 43.31
C ASP A 34 -35.66 0.68 44.04
N ASP A 35 -35.76 1.27 45.24
CA ASP A 35 -34.61 1.46 46.12
C ASP A 35 -34.72 0.47 47.28
N ARG A 36 -34.43 -0.80 46.98
CA ARG A 36 -34.52 -1.90 47.93
C ARG A 36 -33.37 -2.88 47.68
N CYS A 37 -32.92 -3.56 48.76
CA CYS A 37 -31.74 -4.43 48.74
C CYS A 37 -32.09 -5.84 48.24
N VAL A 38 -31.31 -6.34 47.26
CA VAL A 38 -31.53 -7.63 46.62
C VAL A 38 -30.24 -8.46 46.73
N VAL A 39 -30.34 -9.67 47.28
CA VAL A 39 -29.24 -10.63 47.23
C VAL A 39 -29.61 -11.66 46.16
N GLN A 40 -28.61 -12.14 45.34
CA GLN A 40 -28.84 -13.15 44.28
C GLN A 40 -27.78 -14.26 44.37
N PRO A 41 -28.10 -15.52 44.66
CA PRO A 41 -27.00 -16.46 44.64
C PRO A 41 -26.91 -17.00 43.23
N GLU A 42 -28.00 -16.89 42.44
CA GLU A 42 -28.00 -17.54 41.11
C GLU A 42 -27.33 -16.66 40.07
N ALA A 43 -27.58 -15.34 40.09
CA ALA A 43 -27.03 -14.50 39.04
C ALA A 43 -25.51 -14.61 38.99
N GLY A 44 -24.84 -14.95 40.11
CA GLY A 44 -23.40 -14.89 40.12
C GLY A 44 -22.66 -15.72 41.16
N ASP A 45 -21.34 -15.76 40.98
CA ASP A 45 -20.44 -16.52 41.84
C ASP A 45 -19.19 -15.68 42.06
N LEU A 46 -18.19 -16.25 42.72
CA LEU A 46 -16.91 -15.57 42.81
C LEU A 46 -16.29 -15.34 41.43
N ASN A 47 -16.43 -16.31 40.52
CA ASN A 47 -15.71 -16.23 39.25
C ASN A 47 -16.38 -15.28 38.25
N ASN A 48 -17.75 -15.23 38.23
CA ASN A 48 -18.57 -14.57 37.18
C ASN A 48 -18.96 -13.09 37.35
N PRO A 49 -19.05 -12.54 38.57
CA PRO A 49 -19.37 -11.11 38.79
C PRO A 49 -20.36 -10.50 37.82
N PRO A 50 -21.36 -11.21 37.44
CA PRO A 50 -22.34 -10.64 36.51
C PRO A 50 -21.82 -9.80 35.35
N LYS A 51 -22.67 -9.60 34.33
CA LYS A 51 -22.29 -8.78 33.18
C LYS A 51 -22.13 -7.31 33.58
N LYS A 52 -23.02 -6.82 34.44
CA LYS A 52 -22.98 -5.47 34.98
C LYS A 52 -22.94 -5.63 36.50
N PHE A 53 -21.75 -5.91 37.00
CA PHE A 53 -21.54 -5.88 38.45
C PHE A 53 -21.47 -4.45 38.99
N ARG A 54 -21.29 -3.45 38.13
CA ARG A 54 -21.13 -2.05 38.56
C ARG A 54 -22.32 -1.54 39.36
N ASP A 55 -23.46 -2.24 39.31
CA ASP A 55 -24.53 -1.93 40.25
C ASP A 55 -24.11 -2.46 41.62
N CYS A 56 -24.30 -1.62 42.63
CA CYS A 56 -23.78 -1.82 43.98
C CYS A 56 -22.24 -1.73 44.06
N LEU A 57 -21.62 -0.94 43.17
CA LEU A 57 -20.25 -0.51 43.40
C LEU A 57 -20.23 0.35 44.64
N PHE A 58 -19.61 -0.11 45.72
CA PHE A 58 -19.65 0.70 46.92
C PHE A 58 -18.28 1.23 47.28
N LYS A 59 -18.33 2.30 48.11
CA LYS A 59 -17.19 3.04 48.68
C LYS A 59 -17.26 3.17 50.22
N LEU A 60 -16.09 2.96 50.86
CA LEU A 60 -15.92 3.11 52.31
C LEU A 60 -15.60 4.57 52.66
N CYS A 61 -16.36 5.13 53.59
CA CYS A 61 -16.16 6.51 54.01
C CYS A 61 -16.09 6.60 55.52
N PRO A 62 -15.59 7.69 56.03
CA PRO A 62 -15.50 7.88 57.48
C PRO A 62 -16.73 8.53 58.05
N MET A 63 -16.71 8.78 59.37
CA MET A 63 -17.89 9.36 60.01
C MET A 63 -18.23 10.68 59.33
N ASN A 64 -19.31 10.62 58.53
CA ASN A 64 -20.00 11.76 57.88
C ASN A 64 -21.06 12.32 58.83
N ARG A 65 -20.65 13.26 59.68
CA ARG A 65 -21.50 13.76 60.76
C ARG A 65 -22.66 14.62 60.25
N TYR A 66 -23.85 14.39 60.81
CA TYR A 66 -25.03 15.18 60.47
C TYR A 66 -25.84 15.58 61.70
N SER A 67 -25.14 16.10 62.75
CA SER A 67 -25.73 16.54 64.04
C SER A 67 -26.34 17.96 64.05
N ALA A 68 -25.58 19.01 63.67
CA ALA A 68 -26.23 20.29 63.32
C ALA A 68 -27.36 20.12 62.26
N GLN A 69 -27.09 19.45 61.12
CA GLN A 69 -28.18 19.02 60.28
C GLN A 69 -29.20 18.37 61.18
N LYS A 70 -28.71 17.63 62.14
CA LYS A 70 -29.57 16.74 62.86
C LYS A 70 -30.88 17.43 63.27
N GLN A 71 -30.67 18.37 64.18
CA GLN A 71 -31.66 19.34 64.51
C GLN A 71 -32.24 20.03 63.27
N PHE A 72 -31.51 20.12 62.17
CA PHE A 72 -32.24 20.59 60.99
C PHE A 72 -33.24 19.55 60.46
N TRP A 73 -32.92 18.24 60.55
CA TRP A 73 -33.69 17.25 59.80
C TRP A 73 -34.93 16.82 60.56
N LYS A 74 -34.81 16.63 61.87
CA LYS A 74 -35.96 16.13 62.61
C LYS A 74 -37.21 16.95 62.30
N ALA A 75 -37.19 18.24 62.62
CA ALA A 75 -38.36 19.09 62.35
C ALA A 75 -38.59 19.26 60.84
N ALA A 76 -37.52 19.47 60.06
CA ALA A 76 -37.63 19.64 58.60
C ALA A 76 -38.21 18.38 57.94
N ASP A 85 -38.86 29.81 63.74
CA ASP A 85 -39.00 31.07 63.02
C ASP A 85 -38.10 31.07 61.78
N ALA A 86 -38.18 32.16 61.02
CA ALA A 86 -37.40 32.28 59.79
C ALA A 86 -35.89 32.27 60.09
N VAL A 87 -35.47 32.99 61.13
CA VAL A 87 -34.06 33.00 61.49
C VAL A 87 -33.60 31.58 61.78
N LEU A 88 -34.41 30.82 62.52
CA LEU A 88 -34.07 29.44 62.86
C LEU A 88 -33.69 28.64 61.61
N LEU A 89 -34.33 28.91 60.46
CA LEU A 89 -34.01 28.14 59.26
C LEU A 89 -32.67 28.58 58.63
N ASN A 90 -32.31 29.85 58.77
CA ASN A 90 -30.96 30.25 58.39
C ASN A 90 -29.91 29.60 59.28
N LYS A 91 -30.14 29.56 60.60
CA LYS A 91 -29.15 28.99 61.52
C LYS A 91 -28.98 27.49 61.29
N LEU A 92 -30.07 26.74 61.50
CA LEU A 92 -30.09 25.31 61.24
C LEU A 92 -29.56 24.99 59.84
N HIS A 93 -29.87 25.86 58.87
CA HIS A 93 -29.29 25.68 57.55
C HIS A 93 -27.77 25.87 57.59
N HIS A 94 -27.28 26.84 58.38
CA HIS A 94 -25.83 27.08 58.46
C HIS A 94 -25.10 25.87 59.05
N ALA A 95 -25.75 25.22 60.01
CA ALA A 95 -25.34 23.90 60.44
C ALA A 95 -25.27 22.91 59.25
N ALA A 96 -26.29 22.93 58.39
CA ALA A 96 -26.33 22.00 57.25
C ALA A 96 -25.13 22.17 56.30
N ASP A 97 -24.82 23.42 55.90
CA ASP A 97 -23.70 23.61 54.98
C ASP A 97 -22.35 23.32 55.65
N LEU A 98 -22.26 23.59 56.97
CA LEU A 98 -21.06 23.23 57.76
C LEU A 98 -20.81 21.72 57.73
N GLU A 99 -21.85 20.91 57.83
CA GLU A 99 -21.62 19.48 57.86
C GLU A 99 -21.52 18.77 56.50
N LYS A 100 -22.33 19.11 55.49
CA LYS A 100 -22.14 18.53 54.15
C LYS A 100 -20.84 18.99 53.49
N LYS A 101 -20.51 20.28 53.64
CA LYS A 101 -19.26 20.86 53.14
C LYS A 101 -18.03 20.44 53.96
N GLN A 102 -18.14 20.43 55.31
CA GLN A 102 -17.11 19.79 56.17
C GLN A 102 -16.88 18.34 55.76
N ASN A 103 -17.97 17.63 55.45
CA ASN A 103 -17.81 16.34 54.82
C ASN A 103 -16.90 16.45 53.62
N GLU A 104 -17.35 16.98 52.49
CA GLU A 104 -16.37 17.28 51.47
C GLU A 104 -14.94 17.15 52.13
N THR A 105 -14.47 18.23 52.72
CA THR A 105 -13.14 18.33 53.24
C THR A 105 -12.62 17.03 53.93
N GLU A 106 -13.38 16.48 54.87
CA GLU A 106 -13.03 15.21 55.51
C GLU A 106 -12.94 14.07 54.49
N ASN A 107 -14.05 13.74 53.83
CA ASN A 107 -14.03 12.55 52.97
C ASN A 107 -12.99 12.67 51.84
N ARG A 108 -13.03 13.74 51.01
CA ARG A 108 -12.05 13.75 49.91
C ARG A 108 -10.62 13.63 50.45
N LYS A 109 -10.29 14.34 51.55
CA LYS A 109 -8.94 14.17 52.09
C LYS A 109 -8.72 12.78 52.67
N LEU A 110 -9.74 11.93 52.75
CA LEU A 110 -9.59 10.70 53.55
C LEU A 110 -8.98 9.48 52.83
N LEU A 111 -8.67 9.52 51.53
CA LEU A 111 -8.28 8.31 50.78
C LEU A 111 -6.88 7.79 51.15
N GLY A 112 -6.77 6.48 51.36
CA GLY A 112 -5.50 5.89 51.80
C GLY A 112 -5.32 5.66 53.30
N THR A 113 -6.40 5.64 54.10
CA THR A 113 -6.35 5.47 55.56
C THR A 113 -6.60 4.01 55.96
N VAL A 114 -5.75 3.50 56.87
CA VAL A 114 -5.82 2.12 57.32
C VAL A 114 -6.94 1.99 58.34
N ILE A 115 -7.68 0.89 58.25
CA ILE A 115 -8.80 0.62 59.15
C ILE A 115 -8.57 -0.76 59.78
N GLN A 116 -8.92 -0.84 61.05
CA GLN A 116 -8.86 -2.08 61.81
C GLN A 116 -10.27 -2.70 61.86
N TYR A 117 -10.79 -2.94 63.05
CA TYR A 117 -12.14 -3.42 63.22
C TYR A 117 -12.75 -2.70 64.41
N GLY A 118 -14.07 -2.68 64.47
CA GLY A 118 -14.80 -1.93 65.47
C GLY A 118 -14.98 -0.46 65.16
N ASN A 119 -14.21 0.08 64.21
CA ASN A 119 -14.25 1.51 63.98
C ASN A 119 -15.53 1.92 63.29
N VAL A 120 -15.86 3.18 63.46
CA VAL A 120 -17.17 3.71 63.12
C VAL A 120 -17.03 4.48 61.84
N ILE A 121 -17.58 3.97 60.77
CA ILE A 121 -17.30 4.57 59.50
C ILE A 121 -18.58 4.51 58.70
N GLN A 122 -18.92 5.62 58.04
CA GLN A 122 -20.04 5.63 57.12
C GLN A 122 -19.64 4.91 55.84
N LEU A 123 -20.57 4.80 54.91
CA LEU A 123 -20.25 4.10 53.68
C LEU A 123 -21.14 4.61 52.56
N LEU A 124 -20.52 5.02 51.47
CA LEU A 124 -21.20 5.58 50.29
C LEU A 124 -21.24 4.58 49.16
N HIS A 125 -22.20 4.73 48.28
CA HIS A 125 -22.34 3.76 47.21
C HIS A 125 -21.76 4.32 45.93
N LEU A 126 -20.90 3.56 45.23
CA LEU A 126 -20.33 4.12 44.00
C LEU A 126 -21.41 4.30 42.95
N LYS A 127 -22.19 3.24 42.67
CA LYS A 127 -23.14 3.25 41.55
C LYS A 127 -24.26 4.25 41.76
N SER A 128 -24.68 4.44 43.01
CA SER A 128 -25.68 5.45 43.34
C SER A 128 -25.18 6.50 44.36
N ASN A 129 -23.88 6.50 44.70
CA ASN A 129 -23.33 7.46 45.65
C ASN A 129 -24.27 7.62 46.83
N LYS A 130 -24.65 6.49 47.41
CA LYS A 130 -25.60 6.45 48.52
C LYS A 130 -25.05 5.56 49.62
N TYR A 131 -25.01 6.09 50.86
CA TYR A 131 -24.65 5.31 52.04
C TYR A 131 -25.75 4.33 52.43
N LEU A 132 -25.34 3.16 52.97
CA LEU A 132 -26.29 2.20 53.50
C LEU A 132 -26.90 2.71 54.80
N THR A 133 -28.23 2.67 54.86
CA THR A 133 -29.03 3.25 55.92
C THR A 133 -29.80 2.13 56.63
N VAL A 134 -29.63 1.99 57.97
CA VAL A 134 -30.41 1.04 58.79
C VAL A 134 -31.32 1.83 59.71
N ASN A 135 -32.62 1.64 59.54
CA ASN A 135 -33.61 2.35 60.34
C ASN A 135 -34.11 1.40 61.40
N LYS A 136 -33.84 1.75 62.65
CA LYS A 136 -34.26 1.05 63.85
C LYS A 136 -35.63 1.50 64.33
N ARG A 137 -36.19 2.52 63.69
CA ARG A 137 -37.54 2.88 64.07
C ARG A 137 -38.55 2.14 63.22
N LEU A 138 -38.33 2.15 61.79
CA LEU A 138 -39.30 1.54 60.88
C LEU A 138 -38.89 0.12 60.49
N PRO A 139 -39.81 -0.84 60.31
CA PRO A 139 -39.40 -2.20 60.02
C PRO A 139 -39.58 -2.48 58.56
N ALA A 140 -38.55 -3.02 57.96
CA ALA A 140 -38.50 -3.27 56.53
C ALA A 140 -39.82 -3.85 56.07
N LEU A 141 -40.02 -3.96 54.77
CA LEU A 141 -41.28 -4.51 54.29
C LEU A 141 -41.16 -6.01 54.03
N LEU A 142 -39.96 -6.50 53.68
CA LEU A 142 -39.78 -7.91 53.37
C LEU A 142 -39.64 -8.77 54.63
N GLU A 143 -38.75 -8.40 55.55
CA GLU A 143 -38.62 -9.08 56.84
C GLU A 143 -39.20 -8.21 57.96
N LYS A 144 -40.29 -8.67 58.60
CA LYS A 144 -40.98 -7.81 59.56
C LYS A 144 -40.10 -7.49 60.75
N ASN A 145 -39.10 -8.32 60.99
CA ASN A 145 -38.37 -8.33 62.26
C ASN A 145 -37.08 -7.51 62.23
N ALA A 146 -36.46 -7.32 61.07
CA ALA A 146 -35.20 -6.63 61.04
C ALA A 146 -35.33 -5.14 60.73
N MET A 147 -36.49 -4.53 61.00
CA MET A 147 -36.78 -3.11 60.78
C MET A 147 -36.31 -2.68 59.38
N ARG A 148 -36.30 -1.38 59.05
CA ARG A 148 -36.16 -1.04 57.64
C ARG A 148 -34.69 -1.02 57.26
N VAL A 149 -34.41 -1.55 56.09
CA VAL A 149 -33.12 -1.38 55.46
C VAL A 149 -33.36 -0.54 54.22
N THR A 150 -32.77 0.64 54.19
CA THR A 150 -32.93 1.54 53.07
C THR A 150 -31.68 2.42 52.91
N LEU A 151 -31.28 2.66 51.67
CA LEU A 151 -30.10 3.46 51.36
C LEU A 151 -30.48 4.93 51.38
N ASP A 152 -29.85 5.72 52.24
CA ASP A 152 -30.32 7.10 52.32
C ASP A 152 -29.16 8.06 52.20
N GLU A 153 -29.18 8.87 51.14
CA GLU A 153 -27.98 9.60 50.75
C GLU A 153 -27.67 10.73 51.71
N ALA A 154 -28.68 11.33 52.34
CA ALA A 154 -28.47 12.59 53.02
C ALA A 154 -27.54 12.45 54.21
N GLY A 155 -27.51 11.28 54.82
CA GLY A 155 -26.72 11.13 56.01
C GLY A 155 -27.27 9.96 56.78
N ASN A 156 -28.21 10.24 57.68
CA ASN A 156 -28.92 9.25 58.47
C ASN A 156 -28.10 8.88 59.70
N GLU A 157 -28.74 8.33 60.72
CA GLU A 157 -28.02 7.79 61.86
C GLU A 157 -27.44 6.39 61.58
N GLY A 158 -27.90 5.68 60.55
CA GLY A 158 -27.57 4.27 60.38
C GLY A 158 -26.39 3.92 59.49
N SER A 159 -26.06 4.77 58.52
CA SER A 159 -24.85 4.56 57.73
C SER A 159 -23.66 4.35 58.64
N TRP A 160 -23.68 4.96 59.82
CA TRP A 160 -22.60 4.90 60.78
C TRP A 160 -22.67 3.62 61.57
N PHE A 161 -21.56 2.89 61.62
CA PHE A 161 -21.65 1.50 62.08
C PHE A 161 -20.38 1.05 62.79
N TYR A 162 -20.55 0.56 64.04
CA TYR A 162 -19.52 -0.27 64.69
C TYR A 162 -19.32 -1.57 63.89
N ILE A 163 -18.08 -1.99 63.74
CA ILE A 163 -17.74 -3.15 62.91
C ILE A 163 -17.11 -4.21 63.80
N GLN A 164 -17.29 -5.48 63.47
CA GLN A 164 -16.79 -6.52 64.35
C GLN A 164 -16.22 -7.66 63.51
N PRO A 165 -15.10 -8.25 63.94
CA PRO A 165 -14.32 -9.18 63.10
C PRO A 165 -14.94 -10.56 63.04
N PHE A 166 -15.31 -10.98 61.84
CA PHE A 166 -15.85 -12.32 61.61
C PHE A 166 -14.86 -13.41 61.96
N TYR A 167 -13.67 -13.32 61.39
CA TYR A 167 -12.75 -14.44 61.41
C TYR A 167 -11.85 -14.26 62.62
N LYS A 168 -11.46 -15.38 63.20
CA LYS A 168 -10.80 -15.39 64.50
C LYS A 168 -9.32 -15.05 64.42
N LEU A 169 -8.68 -15.35 63.29
CA LEU A 169 -7.31 -14.88 63.02
C LEU A 169 -7.25 -13.36 62.95
N ARG A 170 -8.17 -12.73 62.19
CA ARG A 170 -8.42 -11.29 62.27
C ARG A 170 -9.40 -11.02 63.41
N SER A 171 -8.91 -11.25 64.64
CA SER A 171 -9.56 -10.92 65.90
C SER A 171 -9.45 -9.41 66.03
N ILE A 172 -9.71 -8.83 67.21
CA ILE A 172 -9.65 -7.38 67.29
C ILE A 172 -8.18 -6.90 67.25
N GLY A 173 -7.99 -5.69 66.72
CA GLY A 173 -6.67 -5.08 66.67
C GLY A 173 -5.68 -5.43 65.57
N ASP A 174 -6.06 -5.98 64.43
CA ASP A 174 -5.22 -5.91 63.24
C ASP A 174 -5.88 -5.06 62.16
N SER A 175 -5.09 -4.65 61.15
CA SER A 175 -5.65 -3.97 59.97
C SER A 175 -6.18 -4.99 58.98
N VAL A 176 -7.36 -4.72 58.44
CA VAL A 176 -7.95 -5.72 57.57
C VAL A 176 -7.04 -5.91 56.38
N VAL A 177 -6.82 -7.14 56.03
CA VAL A 177 -5.96 -7.48 54.93
C VAL A 177 -6.72 -8.47 54.09
N ILE A 178 -6.72 -8.28 52.77
CA ILE A 178 -7.23 -9.32 51.90
C ILE A 178 -8.73 -9.48 52.09
N GLY A 179 -9.39 -8.41 52.50
CA GLY A 179 -10.83 -8.41 52.71
C GLY A 179 -11.40 -9.58 53.48
N ASP A 180 -11.06 -9.62 54.77
CA ASP A 180 -11.52 -10.65 55.71
C ASP A 180 -13.02 -10.58 55.91
N LYS A 181 -13.73 -11.62 55.45
CA LYS A 181 -15.15 -11.81 55.82
C LYS A 181 -15.37 -11.42 57.27
N VAL A 182 -16.21 -10.40 57.48
CA VAL A 182 -16.50 -9.97 58.86
C VAL A 182 -17.81 -9.18 58.95
N VAL A 183 -18.41 -9.15 60.19
CA VAL A 183 -19.78 -8.63 60.34
C VAL A 183 -19.73 -7.16 60.72
N LEU A 184 -20.62 -6.36 60.13
CA LEU A 184 -20.65 -4.94 60.42
C LEU A 184 -22.04 -4.50 60.84
N ASN A 185 -22.07 -3.62 61.81
CA ASN A 185 -23.31 -3.34 62.47
C ASN A 185 -23.45 -1.83 62.44
N PRO A 186 -24.60 -1.30 62.04
CA PRO A 186 -24.75 0.17 62.11
C PRO A 186 -24.82 0.63 63.56
N VAL A 187 -24.26 1.81 63.84
CA VAL A 187 -24.33 2.28 65.21
C VAL A 187 -25.76 2.73 65.52
N ASN A 188 -26.73 1.84 65.27
CA ASN A 188 -28.16 2.15 65.46
C ASN A 188 -28.98 0.97 65.96
N ALA A 189 -29.19 -0.01 65.08
CA ALA A 189 -30.16 -1.07 65.36
C ALA A 189 -29.62 -2.07 66.38
N GLY A 190 -28.48 -2.67 66.09
CA GLY A 190 -27.98 -3.79 66.86
C GLY A 190 -26.98 -4.55 66.02
N GLN A 191 -26.57 -5.71 66.48
CA GLN A 191 -25.38 -6.24 65.81
C GLN A 191 -25.65 -7.17 64.63
N PRO A 192 -24.58 -7.76 64.06
CA PRO A 192 -24.62 -8.33 62.71
C PRO A 192 -25.67 -7.88 61.73
N LEU A 193 -25.62 -8.65 60.65
CA LEU A 193 -26.54 -8.65 59.53
C LEU A 193 -26.93 -10.12 59.36
N HIS A 194 -28.10 -10.36 58.74
CA HIS A 194 -28.79 -11.66 58.67
C HIS A 194 -29.59 -11.77 57.38
N ALA A 195 -29.57 -12.94 56.78
CA ALA A 195 -30.36 -13.09 55.58
C ALA A 195 -31.28 -14.28 55.73
N SER A 196 -32.30 -14.29 54.88
CA SER A 196 -33.52 -15.06 55.14
C SER A 196 -34.22 -15.41 53.83
N SER A 197 -34.98 -16.49 53.88
CA SER A 197 -35.70 -16.97 52.70
C SER A 197 -36.79 -15.96 52.38
N HIS A 198 -36.39 -14.85 51.78
CA HIS A 198 -37.38 -13.98 51.17
C HIS A 198 -36.91 -13.68 49.77
N GLN A 199 -37.87 -13.52 48.86
CA GLN A 199 -37.56 -13.45 47.45
C GLN A 199 -38.55 -12.61 46.66
N LEU A 200 -39.72 -12.28 47.21
CA LEU A 200 -40.71 -11.52 46.46
C LEU A 200 -41.32 -12.41 45.37
N VAL A 201 -42.24 -11.85 44.57
CA VAL A 201 -42.92 -12.60 43.51
C VAL A 201 -42.84 -11.79 42.22
N ASP A 202 -43.23 -10.51 42.27
CA ASP A 202 -43.11 -9.68 41.09
C ASP A 202 -41.66 -9.47 40.72
N ASN A 203 -40.81 -9.24 41.71
CA ASN A 203 -39.38 -8.99 41.46
C ASN A 203 -38.56 -10.08 42.12
N PRO A 204 -38.61 -11.32 41.58
CA PRO A 204 -37.79 -12.42 42.10
C PRO A 204 -36.36 -12.49 41.58
N GLY A 205 -35.68 -13.59 41.81
CA GLY A 205 -34.28 -13.67 41.48
C GLY A 205 -33.34 -13.23 42.59
N CYS A 206 -33.78 -12.29 43.46
CA CYS A 206 -32.96 -11.60 44.47
C CYS A 206 -33.28 -12.08 45.90
N ASN A 207 -32.34 -12.78 46.54
CA ASN A 207 -32.40 -13.17 47.94
C ASN A 207 -32.26 -11.93 48.82
N GLU A 208 -32.50 -12.11 50.13
CA GLU A 208 -32.73 -11.02 51.08
C GLU A 208 -31.47 -10.53 51.79
N VAL A 209 -31.51 -9.26 52.15
CA VAL A 209 -30.56 -8.67 53.07
C VAL A 209 -31.36 -8.24 54.30
N ASN A 210 -30.74 -8.42 55.47
CA ASN A 210 -31.33 -8.21 56.79
C ASN A 210 -30.19 -7.78 57.73
N SER A 211 -30.52 -7.31 58.95
CA SER A 211 -29.48 -6.90 59.91
C SER A 211 -29.56 -7.53 61.30
N VAL A 212 -30.57 -8.37 61.58
CA VAL A 212 -30.89 -8.91 62.91
C VAL A 212 -29.85 -9.91 63.43
N ASN A 213 -29.94 -10.29 64.70
CA ASN A 213 -29.07 -11.34 65.20
C ASN A 213 -29.12 -12.54 64.26
N CYS A 214 -27.93 -13.13 63.97
CA CYS A 214 -27.67 -13.80 62.67
C CYS A 214 -26.54 -14.85 62.67
N ASN A 215 -26.82 -16.02 62.08
CA ASN A 215 -25.81 -17.01 61.68
C ASN A 215 -25.49 -16.90 60.17
N THR A 216 -25.00 -15.72 59.75
CA THR A 216 -24.52 -15.53 58.39
C THR A 216 -23.14 -14.96 58.40
N SER A 217 -22.74 -14.60 57.21
CA SER A 217 -21.39 -14.21 56.99
C SER A 217 -21.39 -13.20 55.85
N TRP A 218 -20.31 -12.37 55.81
CA TRP A 218 -20.09 -11.27 54.83
C TRP A 218 -18.62 -11.17 54.37
N LYS A 219 -18.32 -11.58 53.12
CA LYS A 219 -16.93 -11.56 52.62
C LYS A 219 -16.57 -10.36 51.78
N ILE A 220 -15.47 -9.74 52.23
CA ILE A 220 -14.90 -8.52 51.70
C ILE A 220 -14.21 -8.83 50.38
N VAL A 221 -14.76 -8.31 49.34
CA VAL A 221 -14.21 -8.39 48.00
C VAL A 221 -13.61 -7.03 47.74
N LEU A 222 -12.35 -7.00 47.30
CA LEU A 222 -11.57 -5.81 47.04
C LEU A 222 -12.00 -5.05 45.77
N PHE A 223 -11.66 -3.75 45.72
CA PHE A 223 -12.14 -2.86 44.67
C PHE A 223 -11.87 -1.39 44.97
N MET A 224 -11.95 -0.54 43.92
CA MET A 224 -12.08 0.91 44.01
C MET A 224 -11.18 1.43 45.12
N LYS A 225 -9.94 1.79 44.83
CA LYS A 225 -8.88 1.94 45.85
C LYS A 225 -8.64 3.40 46.25
N TRP A 226 -7.54 3.66 46.96
CA TRP A 226 -7.24 5.07 47.35
C TRP A 226 -6.66 5.79 46.17
N SER A 227 -5.77 5.12 45.44
CA SER A 227 -5.81 5.32 44.01
C SER A 227 -7.30 5.29 43.62
N ASP A 228 -7.86 4.15 43.29
CA ASP A 228 -9.23 4.20 42.75
C ASP A 228 -9.23 4.93 41.40
N ASN A 229 -10.26 5.76 41.19
CA ASN A 229 -10.42 6.44 39.91
C ASN A 229 -9.20 7.28 39.57
N LYS A 230 -8.71 8.06 40.54
CA LYS A 230 -7.48 8.79 40.34
C LYS A 230 -7.56 9.76 39.18
N ASP A 231 -8.76 10.14 38.76
CA ASP A 231 -8.94 11.16 37.73
C ASP A 231 -7.91 11.23 36.61
N ASP A 232 -6.66 10.76 36.80
CA ASP A 232 -5.62 10.94 35.78
C ASP A 232 -5.76 9.96 34.61
N ILE A 233 -6.28 8.76 34.87
CA ILE A 233 -6.33 7.67 33.89
C ILE A 233 -7.76 7.20 33.67
N LEU A 234 -8.05 6.76 32.45
CA LEU A 234 -9.42 6.36 32.12
C LEU A 234 -9.92 5.33 33.12
N LYS A 235 -11.00 5.65 33.79
CA LYS A 235 -11.57 4.77 34.80
C LYS A 235 -11.79 3.37 34.24
N GLY A 236 -11.43 2.35 35.01
CA GLY A 236 -11.48 0.99 34.50
C GLY A 236 -12.87 0.56 34.10
N GLY A 237 -13.89 1.11 34.75
CA GLY A 237 -15.26 0.75 34.47
C GLY A 237 -16.21 1.86 34.09
N ASP A 238 -15.74 3.09 33.93
CA ASP A 238 -16.70 4.14 33.60
C ASP A 238 -17.04 4.11 32.12
N VAL A 239 -18.08 4.86 31.77
CA VAL A 239 -18.70 4.77 30.45
C VAL A 239 -18.28 5.98 29.63
N VAL A 240 -18.09 5.77 28.33
CA VAL A 240 -17.19 6.59 27.53
C VAL A 240 -17.53 6.51 26.03
N ARG A 241 -18.14 7.58 25.48
CA ARG A 241 -18.21 7.86 24.03
C ARG A 241 -16.83 7.82 23.36
N LEU A 242 -16.78 7.50 22.05
CA LEU A 242 -15.51 7.23 21.35
C LEU A 242 -15.41 7.85 19.96
N PHE A 243 -14.46 8.76 19.70
CA PHE A 243 -14.50 9.48 18.44
C PHE A 243 -13.09 9.81 17.93
N HIS A 244 -12.94 10.58 16.81
CA HIS A 244 -11.62 10.82 16.30
C HIS A 244 -11.17 12.28 16.30
N ALA A 245 -9.90 12.63 16.63
CA ALA A 245 -9.46 13.95 16.19
C ALA A 245 -9.57 14.05 14.66
N GLU A 246 -9.14 12.99 13.99
CA GLU A 246 -9.03 12.91 12.55
C GLU A 246 -10.41 12.83 11.90
N GLN A 247 -11.11 11.69 12.07
CA GLN A 247 -12.51 11.60 11.58
C GLN A 247 -13.54 11.22 12.65
N GLU A 248 -13.69 12.01 13.72
CA GLU A 248 -14.68 11.72 14.78
C GLU A 248 -15.03 10.25 15.04
N LYS A 249 -14.82 9.42 14.02
CA LYS A 249 -15.62 8.24 13.83
C LYS A 249 -16.20 7.73 15.17
N PHE A 250 -17.29 8.34 15.59
CA PHE A 250 -17.99 7.83 16.76
C PHE A 250 -18.78 6.58 16.31
N LEU A 251 -18.38 5.39 16.78
CA LEU A 251 -19.09 4.18 16.41
C LEU A 251 -20.22 4.00 17.42
N THR A 252 -21.43 3.90 16.93
CA THR A 252 -22.55 3.45 17.73
C THR A 252 -22.92 2.04 17.26
N CYS A 253 -23.48 1.21 18.15
CA CYS A 253 -24.01 -0.10 17.73
C CYS A 253 -25.56 -0.05 17.74
N ASP A 254 -26.14 0.22 16.55
CA ASP A 254 -27.56 0.42 16.29
C ASP A 254 -28.10 -0.68 15.39
N GLU A 255 -29.41 -0.87 15.54
CA GLU A 255 -30.20 -1.97 15.01
C GLU A 255 -30.97 -1.49 13.77
N HIS A 256 -30.87 -2.21 12.64
CA HIS A 256 -31.46 -1.69 11.40
C HIS A 256 -31.96 -2.85 10.57
N ARG A 257 -32.98 -2.61 9.75
CA ARG A 257 -33.32 -3.68 8.83
C ARG A 257 -33.67 -4.94 9.64
N LYS A 258 -33.61 -4.85 10.97
CA LYS A 258 -34.08 -5.89 11.89
C LYS A 258 -32.95 -6.81 12.38
N LYS A 259 -31.70 -6.44 12.07
CA LYS A 259 -30.48 -7.19 12.39
C LYS A 259 -29.46 -6.20 12.96
N GLN A 260 -28.70 -6.65 13.99
CA GLN A 260 -27.85 -5.74 14.76
C GLN A 260 -26.74 -5.17 13.90
N HIS A 261 -26.49 -3.88 14.05
CA HIS A 261 -25.47 -3.20 13.27
C HIS A 261 -24.53 -2.54 14.25
N VAL A 262 -23.27 -2.50 13.89
CA VAL A 262 -22.27 -1.77 14.66
C VAL A 262 -21.50 -0.92 13.66
N PHE A 263 -21.27 0.33 14.00
CA PHE A 263 -21.02 1.18 12.85
C PHE A 263 -20.71 2.58 13.34
N LEU A 264 -20.25 3.40 12.41
CA LEU A 264 -19.75 4.71 12.76
C LEU A 264 -20.11 5.69 11.68
N ARG A 265 -20.55 6.89 12.03
CA ARG A 265 -20.83 7.76 10.89
C ARG A 265 -21.07 9.22 11.23
N THR A 266 -21.67 9.89 10.25
CA THR A 266 -21.90 11.34 10.17
C THR A 266 -23.23 11.73 10.82
N THR A 267 -23.24 12.87 11.55
CA THR A 267 -24.41 13.32 12.32
C THR A 267 -24.91 14.70 11.84
N GLY A 268 -26.16 14.75 11.39
CA GLY A 268 -26.78 15.96 10.88
C GLY A 268 -27.14 17.03 11.89
N SER A 271 -20.27 17.01 18.32
CA SER A 271 -19.96 16.07 19.40
C SER A 271 -18.82 16.56 20.32
N ALA A 272 -17.89 17.38 19.82
CA ALA A 272 -16.87 17.94 20.71
C ALA A 272 -17.44 19.00 21.65
N THR A 273 -18.35 19.84 21.16
CA THR A 273 -19.08 20.83 21.94
C THR A 273 -20.54 20.35 22.20
N SER A 274 -21.14 20.87 23.28
CA SER A 274 -22.59 20.80 23.61
C SER A 274 -22.86 19.41 24.20
N ALA A 275 -23.62 18.48 23.58
CA ALA A 275 -23.84 17.11 24.12
C ALA A 275 -24.08 16.17 22.94
N THR A 276 -23.51 14.94 23.00
CA THR A 276 -23.62 13.92 21.95
C THR A 276 -24.85 13.06 22.19
N SER A 277 -24.96 11.96 21.43
CA SER A 277 -26.13 11.07 21.44
C SER A 277 -26.12 10.06 22.61
N SER A 278 -27.33 9.59 22.99
CA SER A 278 -27.51 8.84 24.23
C SER A 278 -27.07 7.39 24.14
N LYS A 279 -27.31 6.75 22.98
CA LYS A 279 -26.88 5.37 22.77
C LYS A 279 -25.38 5.22 22.63
N ALA A 280 -24.61 6.31 22.71
CA ALA A 280 -23.18 6.25 22.46
C ALA A 280 -22.40 5.73 23.66
N LEU A 281 -22.81 6.12 24.85
CA LEU A 281 -22.20 5.66 26.08
C LEU A 281 -22.03 4.15 26.02
N TRP A 282 -20.82 3.66 26.32
CA TRP A 282 -20.52 2.23 26.41
C TRP A 282 -19.66 1.90 27.62
N GLU A 283 -20.04 0.84 28.31
CA GLU A 283 -19.44 0.56 29.61
C GLU A 283 -18.09 -0.09 29.40
N VAL A 284 -17.16 0.19 30.30
CA VAL A 284 -15.78 -0.28 30.18
C VAL A 284 -15.58 -1.38 31.19
N GLU A 285 -14.99 -2.48 30.76
CA GLU A 285 -14.52 -3.45 31.73
C GLU A 285 -13.02 -3.51 31.60
N VAL A 286 -12.36 -3.80 32.71
CA VAL A 286 -10.93 -4.01 32.74
C VAL A 286 -10.70 -5.50 32.93
N VAL A 287 -9.87 -6.08 32.05
CA VAL A 287 -9.58 -7.50 32.14
C VAL A 287 -9.18 -7.84 33.56
N GLN A 288 -9.69 -8.96 34.03
CA GLN A 288 -9.61 -9.25 35.43
C GLN A 288 -9.69 -10.75 35.63
N HIS A 289 -8.77 -11.23 36.41
CA HIS A 289 -8.69 -12.65 36.69
C HIS A 289 -9.77 -13.10 37.67
N ASP A 290 -10.33 -12.17 38.46
CA ASP A 290 -11.35 -12.47 39.48
C ASP A 290 -12.62 -11.64 39.27
N PRO A 291 -13.68 -11.88 40.06
CA PRO A 291 -14.93 -11.17 39.80
C PRO A 291 -14.78 -9.68 39.68
N CYS A 292 -14.06 -9.08 40.60
CA CYS A 292 -14.25 -7.69 40.98
C CYS A 292 -12.91 -7.01 41.24
N ARG A 293 -11.91 -7.30 40.40
CA ARG A 293 -10.65 -6.67 40.76
C ARG A 293 -10.72 -5.19 40.43
N GLY A 294 -9.79 -4.46 41.02
CA GLY A 294 -9.79 -3.00 40.95
C GLY A 294 -8.61 -2.47 40.15
N GLY A 295 -8.92 -1.76 39.08
CA GLY A 295 -7.82 -1.34 38.25
C GLY A 295 -8.33 -0.37 37.22
N ALA A 296 -7.41 -0.04 36.35
CA ALA A 296 -7.67 0.87 35.26
C ALA A 296 -7.09 0.25 34.00
N GLY A 297 -7.48 0.78 32.87
CA GLY A 297 -6.73 0.46 31.68
C GLY A 297 -5.29 0.91 31.85
N TYR A 298 -4.36 -0.01 31.73
CA TYR A 298 -2.94 0.32 31.66
C TYR A 298 -2.33 -0.46 30.51
N TRP A 299 -1.24 0.09 29.94
CA TRP A 299 -0.37 -0.66 29.03
C TRP A 299 -0.22 -2.05 29.59
N ASN A 300 -0.56 -3.05 28.79
CA ASN A 300 -0.73 -4.42 29.26
C ASN A 300 -1.92 -4.62 30.22
N SER A 301 -2.55 -3.56 30.76
CA SER A 301 -3.75 -3.81 31.59
C SER A 301 -4.79 -4.63 30.86
N LEU A 302 -4.90 -4.43 29.55
CA LEU A 302 -5.80 -5.17 28.67
C LEU A 302 -7.07 -4.34 28.51
N PHE A 303 -7.97 -4.66 27.58
CA PHE A 303 -9.11 -3.76 27.41
C PHE A 303 -10.44 -4.44 27.16
N ARG A 304 -11.50 -3.88 27.76
CA ARG A 304 -12.83 -4.45 27.71
C ARG A 304 -13.84 -3.37 27.38
N PHE A 305 -14.80 -3.70 26.51
CA PHE A 305 -15.77 -2.76 25.97
C PHE A 305 -17.15 -3.42 25.89
N LYS A 306 -18.10 -2.96 26.71
CA LYS A 306 -19.46 -3.48 26.64
C LYS A 306 -20.41 -2.45 26.12
N HIS A 307 -21.58 -2.94 25.83
CA HIS A 307 -22.68 -2.05 25.48
C HIS A 307 -23.55 -1.95 26.70
N LEU A 308 -23.42 -0.80 27.36
CA LEU A 308 -24.28 -0.41 28.46
C LEU A 308 -25.74 -0.71 28.16
N ALA A 309 -26.32 0.03 27.22
CA ALA A 309 -27.75 -0.06 26.98
C ALA A 309 -28.15 -1.51 26.82
N THR A 310 -27.44 -2.22 25.98
CA THR A 310 -27.75 -3.61 25.80
C THR A 310 -26.90 -4.50 26.71
N GLY A 311 -25.85 -4.00 27.34
CA GLY A 311 -25.03 -4.93 28.10
C GLY A 311 -24.35 -5.92 27.18
N HIS A 312 -23.90 -5.47 26.01
CA HIS A 312 -23.24 -6.32 25.02
C HIS A 312 -21.80 -5.86 24.82
N TYR A 313 -20.85 -6.73 25.11
CA TYR A 313 -19.47 -6.40 24.77
C TYR A 313 -19.32 -6.36 23.24
N LEU A 314 -18.35 -5.60 22.75
CA LEU A 314 -17.88 -5.75 21.37
C LEU A 314 -17.01 -7.02 21.23
N ALA A 315 -17.07 -7.74 20.06
CA ALA A 315 -16.30 -8.99 19.75
C ALA A 315 -15.81 -9.06 18.28
N ALA A 316 -14.63 -8.53 18.00
CA ALA A 316 -14.36 -7.97 16.68
C ALA A 316 -13.31 -8.74 15.87
N GLU A 317 -13.78 -9.48 14.85
CA GLU A 317 -12.92 -10.44 14.19
C GLU A 317 -12.84 -10.10 12.70
N VAL A 318 -13.71 -10.69 11.84
CA VAL A 318 -13.57 -10.68 10.37
C VAL A 318 -14.90 -10.40 9.63
N ASP A 319 -14.83 -9.61 8.57
CA ASP A 319 -15.89 -9.50 7.56
C ASP A 319 -16.20 -10.87 6.97
N VAL A 352 -10.65 -7.32 5.13
CA VAL A 352 -10.15 -8.55 5.75
C VAL A 352 -10.90 -8.84 7.04
N TYR A 353 -10.45 -8.28 8.17
CA TYR A 353 -11.08 -8.46 9.46
C TYR A 353 -11.89 -7.21 9.81
N SER A 354 -13.03 -7.41 10.47
CA SER A 354 -13.96 -6.36 10.85
C SER A 354 -14.62 -6.72 12.18
N LEU A 355 -15.03 -5.68 12.92
CA LEU A 355 -15.51 -5.83 14.31
C LEU A 355 -16.91 -6.46 14.40
N VAL A 356 -17.04 -7.61 15.13
CA VAL A 356 -18.35 -8.29 15.31
C VAL A 356 -18.67 -8.24 16.80
N SER A 357 -19.96 -8.31 17.20
CA SER A 357 -20.36 -8.03 18.61
C SER A 357 -20.39 -9.29 19.48
N VAL A 358 -19.75 -9.24 20.66
CA VAL A 358 -19.91 -10.29 21.66
C VAL A 358 -21.14 -9.96 22.50
N PRO A 359 -22.11 -10.84 22.56
CA PRO A 359 -23.24 -10.66 23.48
C PRO A 359 -22.93 -11.09 24.92
N GLU A 360 -22.03 -12.07 25.14
CA GLU A 360 -21.83 -12.74 26.44
C GLU A 360 -20.41 -12.53 26.97
N GLY A 361 -20.32 -12.21 28.25
CA GLY A 361 -19.07 -11.75 28.81
C GLY A 361 -18.05 -12.85 28.99
N ASN A 362 -16.93 -12.43 29.58
CA ASN A 362 -15.85 -13.34 29.94
C ASN A 362 -15.40 -14.13 28.72
N ASP A 363 -15.14 -13.42 27.61
CA ASP A 363 -14.51 -14.05 26.46
C ASP A 363 -13.24 -13.29 26.08
N ILE A 364 -12.11 -13.95 26.30
CA ILE A 364 -10.81 -13.40 25.98
C ILE A 364 -10.68 -13.09 24.50
N SER A 365 -11.21 -13.94 23.64
CA SER A 365 -11.07 -13.58 22.24
C SER A 365 -11.92 -12.42 21.86
N SER A 366 -12.65 -11.81 22.78
CA SER A 366 -13.25 -10.55 22.39
C SER A 366 -12.50 -9.37 22.99
N ILE A 367 -11.37 -9.61 23.70
CA ILE A 367 -10.59 -8.51 24.26
C ILE A 367 -9.69 -7.87 23.18
N PHE A 368 -9.31 -6.61 23.45
CA PHE A 368 -8.53 -5.72 22.60
C PHE A 368 -7.47 -5.01 23.47
N GLU A 369 -6.27 -4.80 22.94
CA GLU A 369 -5.24 -4.06 23.66
C GLU A 369 -4.98 -2.75 22.93
N LEU A 370 -4.83 -1.66 23.66
CA LEU A 370 -4.72 -0.35 23.02
C LEU A 370 -3.52 -0.27 22.09
N ASP A 371 -3.64 0.53 21.05
CA ASP A 371 -2.49 1.17 20.49
C ASP A 371 -2.73 2.64 20.79
N PRO A 372 -1.85 3.58 20.48
CA PRO A 372 -2.29 4.98 20.66
C PRO A 372 -1.29 5.95 20.05
N THR A 373 -1.71 6.96 19.27
CA THR A 373 -0.80 7.64 18.35
C THR A 373 0.11 8.72 18.97
N THR A 374 -0.22 9.26 20.16
CA THR A 374 0.64 10.20 20.89
C THR A 374 1.01 9.59 22.24
N LEU A 375 2.26 9.14 22.36
CA LEU A 375 2.81 8.56 23.56
C LEU A 375 3.39 9.68 24.42
N ARG A 376 3.26 9.56 25.75
CA ARG A 376 3.61 10.64 26.67
C ARG A 376 3.90 10.08 28.06
N GLY A 377 4.85 10.69 28.78
CA GLY A 377 5.49 10.00 29.89
C GLY A 377 5.07 10.23 31.33
N GLY A 378 4.73 11.47 31.70
CA GLY A 378 4.28 11.78 33.04
C GLY A 378 3.47 10.67 33.67
N ASP A 379 2.71 9.99 32.83
CA ASP A 379 1.66 9.05 33.23
C ASP A 379 1.83 7.79 32.40
N SER A 380 2.39 6.74 33.00
CA SER A 380 2.50 5.47 32.31
C SER A 380 1.20 4.74 32.28
N LEU A 381 0.14 5.47 32.55
CA LEU A 381 -1.10 4.83 32.93
C LEU A 381 -2.21 5.12 31.91
N VAL A 382 -1.89 5.73 30.77
CA VAL A 382 -2.82 6.17 29.70
C VAL A 382 -3.51 7.44 30.20
N PRO A 383 -3.98 8.33 29.32
CA PRO A 383 -4.66 9.54 29.79
C PRO A 383 -6.14 9.57 29.45
N ARG A 384 -7.01 9.87 30.42
CA ARG A 384 -8.45 9.91 30.17
C ARG A 384 -8.80 11.02 29.19
N ASN A 385 -9.82 10.76 28.36
CA ASN A 385 -10.22 11.70 27.32
C ASN A 385 -9.05 12.05 26.43
N SER A 386 -8.19 11.09 26.19
CA SER A 386 -7.06 11.28 25.31
C SER A 386 -7.27 10.41 24.09
N TYR A 387 -6.88 10.95 22.95
CA TYR A 387 -7.00 10.17 21.74
C TYR A 387 -6.35 8.81 21.96
N VAL A 388 -6.84 7.80 21.23
CA VAL A 388 -6.44 6.44 21.52
C VAL A 388 -6.95 5.46 20.50
N ARG A 389 -6.07 4.52 20.15
CA ARG A 389 -6.37 3.52 19.17
C ARG A 389 -6.56 2.20 19.86
N LEU A 390 -7.23 1.32 19.19
CA LEU A 390 -7.53 0.08 19.87
C LEU A 390 -7.77 -0.96 18.81
N ARG A 391 -7.59 -2.23 19.19
CA ARG A 391 -7.50 -3.35 18.23
C ARG A 391 -7.68 -4.69 18.94
N HIS A 392 -8.11 -5.69 18.15
CA HIS A 392 -8.48 -6.98 18.75
C HIS A 392 -7.36 -7.60 19.55
N LEU A 393 -7.64 -7.93 20.78
CA LEU A 393 -6.59 -8.65 21.48
C LEU A 393 -6.30 -9.97 20.82
N CYS A 394 -7.32 -10.58 20.24
CA CYS A 394 -7.37 -12.04 20.18
C CYS A 394 -7.34 -12.62 18.78
N THR A 395 -7.74 -11.87 17.76
CA THR A 395 -7.52 -12.26 16.39
C THR A 395 -6.65 -11.19 15.74
N ASN A 396 -5.44 -11.57 15.31
CA ASN A 396 -4.44 -10.64 14.76
C ASN A 396 -5.10 -9.69 13.76
N THR A 397 -6.05 -8.90 14.26
CA THR A 397 -6.98 -8.08 13.47
C THR A 397 -7.04 -6.69 14.12
N TRP A 398 -6.38 -5.71 13.48
CA TRP A 398 -6.23 -4.35 14.01
C TRP A 398 -7.40 -3.47 13.59
N VAL A 399 -8.00 -2.75 14.55
CA VAL A 399 -9.19 -1.94 14.30
C VAL A 399 -8.84 -0.77 13.37
N HIS A 400 -9.79 -0.40 12.50
CA HIS A 400 -9.54 0.56 11.43
C HIS A 400 -10.68 1.56 11.36
N SER A 401 -10.36 2.86 11.41
CA SER A 401 -11.33 3.97 11.47
C SER A 401 -11.20 4.87 10.24
N THR A 402 -12.24 4.89 9.39
CA THR A 402 -12.20 5.38 8.00
C THR A 402 -13.59 5.85 7.52
N ASN A 403 -13.57 6.53 6.35
CA ASN A 403 -14.78 7.10 5.72
C ASN A 403 -15.72 6.04 5.15
N ILE A 404 -15.21 4.87 4.80
CA ILE A 404 -16.05 3.79 4.28
C ILE A 404 -17.15 3.49 5.28
N PRO A 405 -18.41 3.34 4.84
CA PRO A 405 -19.54 2.90 5.70
C PRO A 405 -20.06 1.43 5.58
N ILE A 406 -20.40 0.71 6.67
CA ILE A 406 -20.82 -0.69 6.52
C ILE A 406 -22.21 -0.75 5.91
N ASP A 407 -23.15 0.01 6.46
CA ASP A 407 -24.50 0.20 5.94
C ASP A 407 -24.60 0.12 4.41
N LYS A 408 -25.72 -0.43 3.93
CA LYS A 408 -26.11 -0.39 2.52
C LYS A 408 -27.55 0.09 2.40
N GLU A 409 -27.85 0.72 1.27
CA GLU A 409 -29.19 1.25 1.02
C GLU A 409 -29.55 2.35 2.01
N GLU A 410 -28.56 2.99 2.61
CA GLU A 410 -28.78 4.11 3.52
C GLU A 410 -27.99 5.31 2.99
N GLU A 411 -28.59 6.50 3.07
CA GLU A 411 -27.96 7.74 2.62
C GLU A 411 -27.51 8.56 3.82
N LYS A 412 -26.31 9.11 3.75
CA LYS A 412 -25.77 9.77 4.93
C LYS A 412 -26.04 8.84 6.10
N PRO A 413 -25.79 7.55 5.94
CA PRO A 413 -26.26 6.56 6.93
C PRO A 413 -25.43 6.61 8.21
N VAL A 414 -25.85 5.83 9.22
CA VAL A 414 -25.29 6.05 10.57
C VAL A 414 -24.03 5.22 10.70
N MET A 415 -23.52 4.67 9.61
CA MET A 415 -22.25 3.96 9.70
C MET A 415 -21.40 4.22 8.48
N LEU A 416 -20.17 4.60 8.85
CA LEU A 416 -18.93 4.72 8.09
C LEU A 416 -17.91 3.79 8.72
N LYS A 417 -18.41 2.57 9.01
CA LYS A 417 -17.63 1.33 9.01
C LYS A 417 -16.47 1.32 9.98
N ILE A 418 -15.27 1.45 9.40
CA ILE A 418 -13.99 1.43 10.09
C ILE A 418 -13.70 0.12 10.81
N GLY A 419 -13.61 -0.98 10.04
CA GLY A 419 -13.51 -2.32 10.64
C GLY A 419 -12.11 -2.90 10.59
N THR A 420 -11.81 -3.76 11.57
CA THR A 420 -10.44 -4.07 11.98
C THR A 420 -9.72 -4.97 11.00
N SER A 421 -9.02 -4.37 10.08
CA SER A 421 -8.10 -5.00 9.14
C SER A 421 -6.77 -5.34 9.81
N PRO A 422 -6.09 -6.38 9.31
CA PRO A 422 -4.78 -6.74 9.89
C PRO A 422 -3.76 -5.61 9.84
N LEU A 423 -3.72 -4.84 8.75
CA LEU A 423 -2.85 -3.68 8.51
C LEU A 423 -1.79 -3.45 9.59
N LYS A 424 -1.79 -2.28 10.23
CA LYS A 424 -0.99 -2.00 11.42
C LYS A 424 -0.86 -0.48 11.59
N GLU A 425 -1.08 0.26 10.51
CA GLU A 425 -0.95 1.70 10.56
C GLU A 425 -2.29 2.32 10.85
N GLU A 428 -6.95 5.38 14.50
CA GLU A 428 -6.07 6.40 13.94
C GLU A 428 -5.93 7.66 14.87
N ALA A 429 -7.01 8.40 15.09
CA ALA A 429 -6.99 9.69 15.75
C ALA A 429 -8.15 9.85 16.75
N PHE A 430 -8.54 8.69 17.28
CA PHE A 430 -9.65 8.68 18.27
C PHE A 430 -9.14 8.96 19.69
N ALA A 431 -9.96 9.69 20.42
CA ALA A 431 -9.76 10.02 21.81
C ALA A 431 -10.91 9.59 22.73
N ILE A 432 -10.63 8.66 23.66
CA ILE A 432 -11.70 8.13 24.50
C ILE A 432 -12.28 9.24 25.36
N VAL A 433 -13.60 9.29 25.39
CA VAL A 433 -14.44 10.24 26.11
C VAL A 433 -15.34 9.39 27.01
N PRO A 434 -15.56 9.73 28.27
CA PRO A 434 -16.57 9.01 29.06
C PRO A 434 -17.87 9.77 29.37
N VAL A 435 -18.89 9.03 29.86
CA VAL A 435 -20.21 9.57 30.20
C VAL A 435 -20.22 10.21 31.58
N SER A 436 -20.84 11.43 31.68
CA SER A 436 -20.80 12.30 32.86
C SER A 436 -21.71 11.79 33.98
N PRO A 437 -21.24 11.78 35.24
CA PRO A 437 -22.12 11.33 36.33
C PRO A 437 -23.37 12.19 36.52
N ALA A 438 -23.30 13.51 36.35
CA ALA A 438 -24.53 14.31 36.37
C ALA A 438 -25.53 13.75 35.37
N GLU A 439 -25.10 13.58 34.12
CA GLU A 439 -25.94 13.04 33.06
C GLU A 439 -26.37 11.58 33.28
N VAL A 440 -25.55 10.74 33.98
CA VAL A 440 -25.88 9.31 34.17
C VAL A 440 -26.83 9.05 35.36
N ARG A 441 -26.77 9.86 36.43
CA ARG A 441 -27.80 9.76 37.47
C ARG A 441 -29.13 10.36 37.01
N ASP A 442 -29.08 11.49 36.28
CA ASP A 442 -30.30 12.09 35.74
C ASP A 442 -30.97 11.18 34.69
N LEU A 443 -30.22 10.79 33.65
CA LEU A 443 -30.71 9.79 32.70
C LEU A 443 -31.19 8.54 33.42
N ASP A 444 -30.33 7.95 34.26
CA ASP A 444 -30.78 6.86 35.11
C ASP A 444 -32.17 7.15 35.67
N PHE A 445 -32.41 8.39 36.11
CA PHE A 445 -33.70 8.60 36.75
C PHE A 445 -34.82 8.52 35.76
N ALA A 446 -34.72 9.30 34.69
CA ALA A 446 -35.80 9.19 33.74
C ALA A 446 -36.11 7.71 33.48
N ASN A 447 -35.09 6.87 33.44
CA ASN A 447 -35.37 5.46 33.16
C ASN A 447 -36.22 4.85 34.27
N ASP A 448 -35.74 4.93 35.50
CA ASP A 448 -36.48 4.26 36.55
C ASP A 448 -37.89 4.82 36.63
N ALA A 449 -38.01 6.12 36.91
CA ALA A 449 -39.30 6.73 36.64
C ALA A 449 -40.01 5.90 35.59
N SER A 450 -39.40 5.72 34.42
CA SER A 450 -40.10 4.97 33.39
C SER A 450 -40.65 3.69 33.93
N LYS A 451 -39.78 2.80 34.40
CA LYS A 451 -40.35 1.50 34.74
C LYS A 451 -41.55 1.71 35.64
N VAL A 452 -41.49 2.70 36.53
CA VAL A 452 -42.64 2.84 37.41
C VAL A 452 -43.80 3.11 36.48
N LEU A 453 -43.85 4.32 35.91
CA LEU A 453 -45.08 4.75 35.24
C LEU A 453 -45.66 3.66 34.35
N GLY A 454 -44.80 2.91 33.65
CA GLY A 454 -45.31 1.93 32.73
C GLY A 454 -46.01 0.83 33.48
N SER A 455 -45.40 0.40 34.62
CA SER A 455 -45.86 -0.57 35.63
C SER A 455 -47.10 -0.12 36.41
N ILE A 456 -47.28 1.21 36.51
CA ILE A 456 -48.39 1.91 37.21
C ILE A 456 -49.59 2.35 36.31
N ALA A 457 -49.38 2.71 35.02
CA ALA A 457 -50.48 2.74 34.02
C ALA A 457 -51.03 1.37 33.61
N GLY A 458 -50.26 0.57 32.84
CA GLY A 458 -50.67 -0.82 32.56
C GLY A 458 -51.53 -1.47 33.64
N LYS A 459 -51.02 -1.70 34.88
CA LYS A 459 -51.98 -1.81 35.98
C LYS A 459 -53.22 -0.92 35.89
N LEU A 460 -53.10 0.42 35.83
CA LEU A 460 -54.30 1.24 35.87
C LEU A 460 -55.38 0.75 34.89
N GLU A 461 -55.02 0.64 33.61
CA GLU A 461 -55.95 0.09 32.63
C GLU A 461 -56.43 -1.27 33.08
N LYS A 462 -55.58 -1.96 33.83
CA LYS A 462 -55.86 -3.32 34.26
C LYS A 462 -56.77 -3.34 35.50
N GLY A 463 -56.38 -2.64 36.56
CA GLY A 463 -57.20 -2.71 37.76
C GLY A 463 -57.00 -1.60 38.77
N THR A 464 -56.47 -1.95 39.94
CA THR A 464 -56.23 -1.04 41.05
C THR A 464 -54.72 -0.94 41.33
N ILE A 465 -54.26 0.25 41.78
CA ILE A 465 -52.82 0.49 41.97
C ILE A 465 -52.32 -0.09 43.28
N THR A 466 -53.22 -0.33 44.23
CA THR A 466 -52.91 -0.96 45.52
C THR A 466 -52.30 0.04 46.49
N GLN A 467 -52.66 -0.08 47.78
CA GLN A 467 -52.38 0.96 48.77
C GLN A 467 -50.90 1.10 49.02
N ASN A 468 -50.24 0.00 49.38
CA ASN A 468 -48.78 0.01 49.52
C ASN A 468 -48.10 0.43 48.22
N GLU A 469 -48.57 -0.11 47.09
CA GLU A 469 -48.11 0.37 45.79
C GLU A 469 -48.61 1.79 45.55
N ARG A 470 -49.83 2.08 46.04
CA ARG A 470 -50.36 3.43 45.97
C ARG A 470 -49.34 4.44 46.49
N ARG A 471 -48.76 4.17 47.65
CA ARG A 471 -47.80 5.08 48.27
C ARG A 471 -46.59 5.32 47.36
N SER A 472 -46.08 4.25 46.73
CA SER A 472 -44.85 4.34 45.93
C SER A 472 -45.07 5.03 44.58
N VAL A 473 -46.25 4.87 43.96
CA VAL A 473 -46.52 5.62 42.73
C VAL A 473 -46.74 7.10 43.03
N THR A 474 -47.67 7.44 43.95
CA THR A 474 -47.84 8.85 44.30
C THR A 474 -46.50 9.49 44.68
N LYS A 475 -45.73 8.84 45.57
CA LYS A 475 -44.37 9.32 45.83
C LYS A 475 -43.61 9.57 44.53
N LEU A 476 -43.45 8.52 43.68
CA LEU A 476 -42.80 8.67 42.39
C LEU A 476 -43.10 10.00 41.73
N LEU A 477 -44.39 10.31 41.61
CA LEU A 477 -44.69 11.49 40.80
C LEU A 477 -44.38 12.80 41.53
N GLU A 478 -44.47 12.85 42.85
CA GLU A 478 -44.06 14.12 43.47
C GLU A 478 -42.55 14.26 43.42
N ASP A 479 -41.79 13.16 43.64
CA ASP A 479 -40.35 13.30 43.45
C ASP A 479 -40.05 13.81 42.04
N LEU A 480 -40.75 13.33 41.00
CA LEU A 480 -40.39 13.82 39.65
C LEU A 480 -40.62 15.32 39.54
N VAL A 481 -41.71 15.83 40.10
CA VAL A 481 -41.72 17.28 40.20
C VAL A 481 -40.44 17.76 40.84
N TYR A 482 -40.03 17.12 41.93
CA TYR A 482 -38.80 17.60 42.52
C TYR A 482 -37.67 17.49 41.52
N PHE A 483 -37.51 16.32 40.94
CA PHE A 483 -36.35 16.03 40.13
C PHE A 483 -36.34 16.87 38.91
N VAL A 484 -37.39 17.64 38.70
CA VAL A 484 -37.49 18.35 37.46
C VAL A 484 -36.61 19.60 37.49
N THR A 485 -36.26 20.12 38.69
CA THR A 485 -35.26 21.25 38.81
C THR A 485 -33.78 20.86 38.90
N LYS A 501 -37.39 25.71 34.18
CA LYS A 501 -36.39 25.81 33.13
C LYS A 501 -35.00 25.59 33.70
N PRO A 502 -34.82 24.51 34.41
CA PRO A 502 -33.62 24.37 35.24
C PRO A 502 -32.41 23.91 34.46
N ASN A 503 -32.60 22.99 33.52
CA ASN A 503 -31.45 22.48 32.78
C ASN A 503 -31.94 21.72 31.55
N ARG A 504 -31.04 21.58 30.56
CA ARG A 504 -31.37 21.10 29.21
C ARG A 504 -31.45 19.57 29.14
N GLU A 505 -30.58 18.91 29.88
CA GLU A 505 -30.55 17.45 29.86
C GLU A 505 -31.75 16.86 30.63
N ARG A 506 -32.22 17.55 31.68
CA ARG A 506 -33.34 17.06 32.52
C ARG A 506 -34.65 17.09 31.75
N GLN A 507 -34.97 18.25 31.17
CA GLN A 507 -36.16 18.42 30.36
C GLN A 507 -36.12 17.55 29.11
N LYS A 508 -34.96 17.50 28.44
CA LYS A 508 -34.82 16.55 27.35
C LYS A 508 -35.12 15.12 27.83
N LEU A 509 -34.74 14.84 29.08
CA LEU A 509 -34.86 13.50 29.66
C LEU A 509 -36.29 12.96 29.58
N MET A 510 -37.25 13.70 30.15
CA MET A 510 -38.66 13.56 29.84
C MET A 510 -38.88 12.91 28.46
N ARG A 511 -38.68 13.68 27.41
CA ARG A 511 -39.13 13.27 26.10
C ARG A 511 -38.38 12.02 25.66
N GLU A 512 -37.06 12.13 25.52
CA GLU A 512 -36.29 11.01 25.01
C GLU A 512 -36.37 9.85 25.97
N GLN A 513 -36.18 10.13 27.24
CA GLN A 513 -36.28 9.04 28.16
C GLN A 513 -37.74 8.73 28.40
N ASN A 514 -37.93 7.72 29.20
CA ASN A 514 -39.22 7.22 29.49
C ASN A 514 -39.77 7.94 30.72
N ILE A 515 -39.69 9.29 30.71
CA ILE A 515 -40.39 10.17 31.68
C ILE A 515 -41.69 10.50 30.96
N LEU A 516 -41.62 11.20 29.83
CA LEU A 516 -42.87 11.53 29.17
C LEU A 516 -43.40 10.36 28.41
N LYS A 517 -42.61 9.81 27.50
CA LYS A 517 -43.00 8.56 26.88
C LYS A 517 -43.77 7.70 27.88
N GLN A 518 -43.20 7.50 29.05
CA GLN A 518 -43.91 6.71 30.02
C GLN A 518 -45.25 7.36 30.38
N ILE A 519 -45.22 8.58 30.91
CA ILE A 519 -46.45 9.29 31.22
C ILE A 519 -47.48 9.03 30.13
N PHE A 520 -47.06 9.19 28.89
CA PHE A 520 -47.95 9.06 27.74
C PHE A 520 -48.47 7.65 27.56
N LYS A 521 -47.76 6.65 28.09
CA LYS A 521 -48.41 5.35 28.10
C LYS A 521 -49.45 5.31 29.21
N LEU A 522 -49.19 6.02 30.30
CA LEU A 522 -49.99 5.86 31.51
C LEU A 522 -51.23 6.73 31.55
N LEU A 523 -51.41 7.68 30.60
CA LEU A 523 -52.49 8.67 30.70
C LEU A 523 -53.88 8.08 30.58
N GLN A 524 -54.00 6.79 30.29
CA GLN A 524 -55.32 6.17 30.16
C GLN A 524 -55.43 4.93 31.06
N HIS A 551 -53.31 14.86 43.84
CA HIS A 551 -53.19 13.43 43.50
C HIS A 551 -52.08 13.20 42.43
N ILE A 552 -52.21 12.14 41.63
CA ILE A 552 -51.21 11.74 40.63
C ILE A 552 -51.18 12.72 39.43
N CYS A 553 -52.36 13.23 39.05
CA CYS A 553 -52.46 14.26 38.01
C CYS A 553 -51.57 15.48 38.31
N ARG A 554 -51.59 15.97 39.56
CA ARG A 554 -50.73 17.09 39.94
C ARG A 554 -49.27 16.84 39.55
N LEU A 555 -48.79 15.63 39.79
CA LEU A 555 -47.40 15.31 39.45
C LEU A 555 -47.17 15.35 37.95
N CYS A 556 -48.06 14.72 37.18
CA CYS A 556 -47.92 14.82 35.72
C CYS A 556 -47.81 16.28 35.27
N TYR A 557 -48.72 17.13 35.75
CA TYR A 557 -48.75 18.53 35.30
C TYR A 557 -47.48 19.28 35.67
N ARG A 558 -47.03 19.12 36.93
CA ARG A 558 -45.85 19.85 37.39
C ARG A 558 -44.60 19.44 36.63
N VAL A 559 -44.42 18.13 36.46
CA VAL A 559 -43.32 17.68 35.61
C VAL A 559 -43.43 18.30 34.23
N LEU A 560 -44.64 18.30 33.65
CA LEU A 560 -44.80 18.80 32.28
C LEU A 560 -44.35 20.27 32.18
N ARG A 561 -44.98 21.16 32.95
CA ARG A 561 -44.72 22.59 32.75
C ARG A 561 -43.28 22.95 33.06
N HIS A 562 -42.75 22.37 34.15
CA HIS A 562 -41.36 22.63 34.46
C HIS A 562 -40.48 22.16 33.32
N SER A 563 -40.68 20.93 32.89
CA SER A 563 -39.81 20.32 31.90
C SER A 563 -40.25 20.57 30.46
N GLN A 564 -41.11 21.55 30.24
CA GLN A 564 -41.56 21.90 28.91
C GLN A 564 -41.54 23.40 28.75
N GLN A 565 -40.38 23.96 29.04
CA GLN A 565 -40.17 25.36 28.75
C GLN A 565 -39.88 25.58 27.26
N ASP A 566 -39.04 24.74 26.64
CA ASP A 566 -38.59 24.96 25.27
C ASP A 566 -39.20 23.98 24.25
N TYR A 567 -40.13 23.13 24.69
CA TYR A 567 -40.67 22.03 23.88
C TYR A 567 -42.12 22.33 23.49
N ARG A 568 -42.35 22.61 22.20
CA ARG A 568 -43.68 22.92 21.67
C ARG A 568 -44.38 21.70 21.10
N LYS A 569 -43.90 20.49 21.41
CA LYS A 569 -44.54 19.26 20.95
C LYS A 569 -45.86 19.00 21.70
N ASN A 570 -45.92 19.28 23.01
CA ASN A 570 -47.10 18.89 23.79
C ASN A 570 -48.37 19.54 23.25
N GLN A 571 -48.25 20.69 22.57
CA GLN A 571 -49.42 21.31 21.97
C GLN A 571 -50.19 20.29 21.15
N GLU A 572 -49.47 19.49 20.37
CA GLU A 572 -50.10 18.51 19.51
C GLU A 572 -51.03 17.57 20.27
N TYR A 573 -50.82 17.39 21.58
CA TYR A 573 -51.70 16.54 22.37
C TYR A 573 -53.16 16.96 22.23
N ILE A 574 -53.41 18.26 22.02
CA ILE A 574 -54.75 18.81 22.11
C ILE A 574 -55.70 18.30 21.05
N ALA A 575 -55.20 17.73 19.94
CA ALA A 575 -56.12 17.26 18.91
C ALA A 575 -56.91 16.04 19.38
N LYS A 576 -56.24 15.00 19.89
CA LYS A 576 -56.94 13.83 20.42
C LYS A 576 -56.93 13.74 21.95
N GLN A 577 -55.87 14.22 22.61
CA GLN A 577 -55.81 14.24 24.07
C GLN A 577 -56.82 15.21 24.66
N PHE A 578 -57.23 16.23 23.90
CA PHE A 578 -58.18 17.22 24.40
C PHE A 578 -59.46 16.56 24.87
N GLY A 579 -59.90 15.48 24.22
CA GLY A 579 -61.07 14.78 24.71
C GLY A 579 -60.96 14.54 26.20
N PHE A 580 -59.81 14.04 26.64
CA PHE A 580 -59.59 13.74 28.05
C PHE A 580 -59.93 14.93 28.94
N MET A 581 -59.56 16.14 28.51
CA MET A 581 -59.70 17.33 29.35
C MET A 581 -61.12 17.54 29.85
N GLN A 582 -62.16 17.18 29.05
CA GLN A 582 -63.54 17.35 29.51
C GLN A 582 -63.78 16.58 30.81
N LYS A 583 -63.54 15.27 30.77
CA LYS A 583 -63.43 14.54 32.02
C LYS A 583 -62.49 15.30 32.95
N GLN A 584 -61.27 15.59 32.46
CA GLN A 584 -60.30 16.31 33.25
C GLN A 584 -60.87 17.64 33.76
N ILE A 585 -61.68 18.31 32.93
CA ILE A 585 -62.14 19.65 33.30
C ILE A 585 -63.01 19.57 34.55
N GLY A 586 -63.69 18.45 34.74
CA GLY A 586 -64.54 18.32 35.90
C GLY A 586 -63.80 18.09 37.21
N TYR A 587 -62.54 17.64 37.14
CA TYR A 587 -61.83 17.22 38.34
C TYR A 587 -61.08 18.37 39.01
N ASP A 588 -60.59 19.34 38.23
CA ASP A 588 -59.87 20.50 38.77
C ASP A 588 -59.57 21.48 37.62
N VAL A 589 -58.85 22.54 37.95
CA VAL A 589 -58.46 23.55 36.97
C VAL A 589 -57.00 23.37 36.56
N LEU A 590 -56.43 22.20 36.82
CA LEU A 590 -55.01 21.95 36.57
C LEU A 590 -54.67 22.12 35.09
N ALA A 591 -55.52 21.61 34.20
CA ALA A 591 -55.27 21.81 32.78
C ALA A 591 -55.10 23.29 32.50
N GLU A 592 -55.77 24.11 33.31
CA GLU A 592 -55.53 25.54 33.37
C GLU A 592 -54.04 25.89 33.35
N ASP A 593 -53.29 25.48 34.38
CA ASP A 593 -51.87 25.85 34.42
C ASP A 593 -51.20 25.57 33.10
N THR A 594 -51.50 24.43 32.48
CA THR A 594 -50.97 24.13 31.15
C THR A 594 -51.43 25.15 30.10
N ILE A 595 -52.76 25.30 29.92
CA ILE A 595 -53.27 26.37 29.06
C ILE A 595 -52.57 27.70 29.38
N THR A 596 -52.27 27.94 30.68
CA THR A 596 -51.70 29.22 31.11
C THR A 596 -50.25 29.40 30.64
N ALA A 597 -49.47 28.31 30.60
CA ALA A 597 -48.14 28.42 30.02
C ALA A 597 -48.22 28.66 28.51
N LEU A 598 -49.28 28.11 27.84
CA LEU A 598 -49.39 28.08 26.38
C LEU A 598 -49.96 29.37 25.77
N LEU A 599 -50.75 30.13 26.53
CA LEU A 599 -51.31 31.37 26.00
C LEU A 599 -50.28 32.49 25.90
N HIS A 600 -49.38 32.60 26.90
CA HIS A 600 -48.32 33.62 26.88
C HIS A 600 -47.20 33.26 25.91
N ASN A 601 -46.71 32.03 25.99
CA ASN A 601 -45.64 31.61 25.07
C ASN A 601 -46.13 31.43 23.62
N ASN A 602 -47.37 30.95 23.40
CA ASN A 602 -47.90 30.63 22.06
C ASN A 602 -49.12 31.47 21.74
N ARG A 603 -49.11 32.08 20.55
CA ARG A 603 -50.15 33.02 20.23
C ARG A 603 -50.29 33.06 18.72
N LYS A 604 -51.44 33.60 18.28
CA LYS A 604 -51.81 33.66 16.87
C LYS A 604 -52.04 32.27 16.28
N LEU A 605 -53.28 31.79 16.26
CA LEU A 605 -53.69 30.49 15.68
C LEU A 605 -53.02 29.28 16.39
N LEU A 606 -53.21 29.18 17.72
CA LEU A 606 -52.90 27.97 18.49
C LEU A 606 -54.23 27.43 19.00
N GLU A 607 -54.73 26.40 18.31
CA GLU A 607 -56.07 25.83 18.53
C GLU A 607 -57.17 26.90 18.37
N LYS A 608 -57.13 27.62 17.26
CA LYS A 608 -58.13 28.66 17.02
C LYS A 608 -59.54 28.09 17.02
N HIS A 609 -59.78 26.98 16.30
CA HIS A 609 -61.12 26.39 16.27
C HIS A 609 -61.61 26.18 17.67
N ILE A 610 -60.67 25.97 18.60
CA ILE A 610 -60.98 25.89 20.01
C ILE A 610 -61.54 27.19 20.55
N THR A 611 -61.35 28.32 19.87
CA THR A 611 -61.83 29.57 20.42
C THR A 611 -63.35 29.64 20.44
N ALA A 612 -63.98 29.28 19.32
CA ALA A 612 -65.41 29.08 19.34
C ALA A 612 -65.81 28.19 20.53
N ALA A 613 -65.09 27.09 20.74
CA ALA A 613 -65.37 26.21 21.89
C ALA A 613 -65.10 26.93 23.22
N GLU A 614 -64.23 27.94 23.19
CA GLU A 614 -63.75 28.56 24.41
C GLU A 614 -64.88 29.26 25.13
N ILE A 615 -65.91 29.63 24.38
CA ILE A 615 -67.10 30.23 24.99
C ILE A 615 -67.81 29.23 25.90
N ASP A 616 -68.17 28.06 25.35
CA ASP A 616 -68.88 27.08 26.16
C ASP A 616 -68.04 26.61 27.35
N THR A 617 -66.70 26.72 27.26
CA THR A 617 -65.84 26.32 28.37
C THR A 617 -65.51 27.43 29.39
N PHE A 618 -65.64 28.71 29.03
CA PHE A 618 -65.45 29.76 30.04
C PHE A 618 -66.75 30.03 30.77
N VAL A 619 -67.88 29.99 30.06
CA VAL A 619 -69.18 30.06 30.72
C VAL A 619 -69.43 28.78 31.51
N SER A 620 -69.31 27.62 30.87
CA SER A 620 -69.51 26.37 31.58
C SER A 620 -68.42 26.16 32.65
N LEU A 621 -67.17 26.59 32.36
CA LEU A 621 -66.05 26.44 33.30
C LEU A 621 -66.16 27.38 34.47
N VAL A 622 -66.71 28.57 34.24
CA VAL A 622 -67.04 29.46 35.34
C VAL A 622 -68.14 28.88 36.22
N ARG A 623 -69.27 28.51 35.63
CA ARG A 623 -70.44 28.10 36.42
C ARG A 623 -70.17 26.84 37.24
N LYS A 624 -69.61 25.80 36.62
CA LYS A 624 -69.31 24.56 37.34
C LYS A 624 -68.16 24.77 38.32
N ASN A 625 -67.07 25.39 37.85
CA ASN A 625 -65.94 25.69 38.74
C ASN A 625 -66.39 26.48 39.96
N ARG A 626 -67.41 27.31 39.79
CA ARG A 626 -67.83 28.29 40.79
C ARG A 626 -66.84 29.46 40.76
N GLU A 627 -65.54 29.17 40.85
CA GLU A 627 -64.47 30.17 40.85
C GLU A 627 -64.01 30.46 39.43
N PRO A 628 -64.60 29.81 38.43
CA PRO A 628 -64.25 30.17 37.06
C PRO A 628 -62.79 30.05 36.79
N ARG A 629 -62.23 28.94 37.27
CA ARG A 629 -60.86 28.67 36.96
C ARG A 629 -60.63 28.85 35.47
N PHE A 630 -61.27 27.98 34.69
CA PHE A 630 -60.96 27.89 33.27
C PHE A 630 -61.06 29.25 32.60
N LEU A 631 -62.17 29.95 32.84
CA LEU A 631 -62.31 31.26 32.27
C LEU A 631 -61.16 32.15 32.74
N ASP A 632 -60.87 32.14 34.05
CA ASP A 632 -59.86 33.02 34.60
C ASP A 632 -58.55 32.94 33.82
N TYR A 633 -57.97 31.74 33.75
CA TYR A 633 -56.75 31.63 32.98
C TYR A 633 -56.98 32.17 31.58
N LEU A 634 -58.20 31.93 31.06
CA LEU A 634 -58.57 32.38 29.73
C LEU A 634 -58.39 33.89 29.58
N SER A 635 -58.85 34.67 30.54
CA SER A 635 -58.59 36.10 30.48
C SER A 635 -57.10 36.41 30.64
N ASP A 636 -56.37 35.64 31.46
CA ASP A 636 -54.96 35.93 31.67
C ASP A 636 -54.26 35.98 30.33
N LEU A 637 -54.48 34.97 29.50
CA LEU A 637 -53.72 34.79 28.27
C LEU A 637 -53.76 36.04 27.41
N CYS A 638 -54.94 36.55 27.11
CA CYS A 638 -55.05 37.72 26.25
C CYS A 638 -54.61 37.44 24.81
N VAL A 639 -53.51 38.08 24.39
CA VAL A 639 -52.69 37.73 23.24
C VAL A 639 -52.73 38.79 22.14
N SER A 640 -52.54 38.35 20.91
CA SER A 640 -52.67 39.26 19.78
C SER A 640 -54.16 39.50 19.54
N MET A 641 -54.51 39.91 18.31
CA MET A 641 -55.90 40.15 17.93
C MET A 641 -56.74 38.86 17.85
N ASN A 642 -56.09 37.69 17.75
CA ASN A 642 -56.81 36.46 17.42
C ASN A 642 -57.75 36.03 18.53
N LYS A 643 -57.30 36.14 19.79
CA LYS A 643 -58.22 35.98 20.89
C LYS A 643 -59.50 36.78 20.61
N SER A 644 -59.34 38.06 20.25
CA SER A 644 -60.46 38.98 20.30
C SER A 644 -61.60 38.55 19.39
N ILE A 645 -61.35 38.51 18.09
CA ILE A 645 -62.42 38.19 17.17
C ILE A 645 -63.16 36.97 17.68
N PRO A 646 -62.50 35.86 17.96
CA PRO A 646 -63.24 34.70 18.48
C PRO A 646 -63.60 34.85 19.94
N VAL A 647 -62.66 35.25 20.78
CA VAL A 647 -62.95 35.33 22.21
C VAL A 647 -64.11 36.27 22.42
N THR A 648 -64.18 37.35 21.63
CA THR A 648 -65.15 38.39 21.88
C THR A 648 -66.53 37.80 22.08
N GLN A 649 -66.89 36.81 21.27
CA GLN A 649 -68.21 36.24 21.34
C GLN A 649 -68.59 35.92 22.78
N GLU A 650 -67.72 35.19 23.47
CA GLU A 650 -68.04 34.72 24.81
C GLU A 650 -68.67 35.82 25.66
N LEU A 651 -68.19 37.05 25.54
CA LEU A 651 -68.59 38.12 26.45
C LEU A 651 -70.11 38.36 26.42
N ILE A 652 -70.71 38.50 25.22
CA ILE A 652 -72.15 38.74 25.19
C ILE A 652 -72.87 37.60 25.88
N CYS A 653 -72.41 36.37 25.63
CA CYS A 653 -72.90 35.22 26.37
C CYS A 653 -72.76 35.45 27.87
N LYS A 654 -71.57 35.87 28.33
CA LYS A 654 -71.34 36.10 29.75
C LYS A 654 -72.49 36.88 30.36
N ALA A 655 -73.04 37.82 29.62
CA ALA A 655 -74.07 38.68 30.19
C ALA A 655 -75.28 37.84 30.67
N VAL A 656 -75.78 36.93 29.83
CA VAL A 656 -76.86 36.05 30.29
C VAL A 656 -76.34 34.93 31.21
N LEU A 657 -75.10 34.44 31.00
CA LEU A 657 -74.60 33.28 31.74
C LEU A 657 -73.89 33.67 33.04
N ASN A 658 -73.13 34.77 33.01
CA ASN A 658 -72.55 35.33 34.24
C ASN A 658 -73.64 35.61 35.26
N PRO A 659 -74.77 36.21 34.90
CA PRO A 659 -75.87 36.32 35.86
C PRO A 659 -75.37 36.85 37.19
N THR A 660 -74.64 37.97 37.15
CA THR A 660 -74.01 38.54 38.34
C THR A 660 -75.02 39.46 39.02
N ASN A 661 -75.75 38.92 40.02
CA ASN A 661 -76.94 39.55 40.61
C ASN A 661 -76.94 39.64 42.15
N ALA A 662 -75.80 39.37 42.83
CA ALA A 662 -75.75 39.36 44.30
C ALA A 662 -74.91 40.54 44.80
N ASP A 663 -75.59 41.56 45.30
CA ASP A 663 -74.93 42.63 46.04
C ASP A 663 -73.97 43.42 45.14
N ILE A 664 -74.47 44.41 44.39
CA ILE A 664 -73.61 45.31 43.59
C ILE A 664 -74.35 46.60 43.21
N LEU A 665 -74.32 47.60 44.10
CA LEU A 665 -74.89 48.90 43.76
C LEU A 665 -74.73 49.84 44.96
N ILE A 666 -74.97 51.13 44.72
CA ILE A 666 -74.67 52.16 45.71
C ILE A 666 -75.14 53.62 45.45
N GLU A 667 -74.66 54.32 44.42
CA GLU A 667 -73.76 53.79 43.39
C GLU A 667 -72.31 53.80 43.84
N THR A 668 -71.89 54.90 44.44
CA THR A 668 -70.50 55.01 44.86
C THR A 668 -70.26 54.65 46.32
N LYS A 669 -71.17 55.02 47.22
CA LYS A 669 -70.90 54.90 48.66
C LYS A 669 -70.79 53.43 49.10
N LEU A 670 -71.65 52.56 48.56
CA LEU A 670 -71.66 51.14 48.97
C LEU A 670 -70.46 50.39 48.43
N VAL A 671 -69.87 50.91 47.36
CA VAL A 671 -68.53 50.50 46.98
C VAL A 671 -67.57 50.69 48.16
N LEU A 672 -67.59 51.88 48.77
CA LEU A 672 -66.72 52.15 49.91
C LEU A 672 -67.02 51.22 51.09
N SER A 673 -68.30 51.11 51.48
CA SER A 673 -68.65 50.14 52.49
C SER A 673 -68.02 48.78 52.16
N ARG A 674 -68.14 48.35 50.89
CA ARG A 674 -67.66 47.03 50.46
C ARG A 674 -66.13 46.89 50.57
N PHE A 675 -65.37 47.94 50.28
CA PHE A 675 -63.93 47.89 50.50
C PHE A 675 -63.64 47.72 51.99
N GLU A 676 -64.50 48.27 52.85
CA GLU A 676 -64.32 48.12 54.29
C GLU A 676 -64.54 46.68 54.75
N PHE A 677 -65.65 46.05 54.36
CA PHE A 677 -65.90 44.67 54.82
C PHE A 677 -64.85 43.71 54.26
N GLU A 678 -64.48 43.86 52.97
CA GLU A 678 -63.46 43.01 52.38
C GLU A 678 -62.07 43.23 52.98
N GLY A 679 -61.81 44.39 53.59
CA GLY A 679 -60.46 44.71 54.05
C GLY A 679 -59.83 43.69 54.99
N VAL A 680 -60.63 42.80 55.59
CA VAL A 680 -60.17 41.95 56.68
C VAL A 680 -59.14 40.93 56.19
N SER A 681 -58.08 40.76 56.98
CA SER A 681 -56.89 39.99 56.58
C SER A 681 -56.99 38.52 56.96
N THR A 682 -57.69 38.21 58.05
CA THR A 682 -57.61 36.87 58.63
C THR A 682 -58.32 35.83 57.75
N GLY A 683 -59.53 36.15 57.29
CA GLY A 683 -60.32 35.18 56.51
C GLY A 683 -61.66 35.74 56.10
N GLU A 684 -62.29 35.02 55.15
CA GLU A 684 -63.61 35.37 54.61
C GLU A 684 -63.75 36.88 54.57
N ASN A 685 -62.70 37.57 54.13
CA ASN A 685 -62.77 38.99 53.85
C ASN A 685 -61.87 39.30 52.65
N ALA A 686 -60.64 39.75 52.93
CA ALA A 686 -59.79 40.21 51.85
C ALA A 686 -59.58 39.13 50.80
N LEU A 687 -59.44 37.88 51.25
CA LEU A 687 -59.14 36.79 50.32
C LEU A 687 -60.30 36.54 49.37
N GLU A 688 -61.51 36.37 49.91
CA GLU A 688 -62.67 36.07 49.07
C GLU A 688 -62.94 37.18 48.06
N ALA A 689 -62.90 38.45 48.50
CA ALA A 689 -63.17 39.52 47.54
C ALA A 689 -62.05 39.65 46.50
N GLY A 690 -60.82 39.36 46.91
CA GLY A 690 -59.68 39.61 46.04
C GLY A 690 -59.82 38.97 44.68
N GLU A 691 -60.22 37.70 44.64
CA GLU A 691 -60.27 36.97 43.38
C GLU A 691 -61.03 37.80 42.34
N ASP A 692 -62.28 38.11 42.68
CA ASP A 692 -63.09 38.91 41.80
C ASP A 692 -62.36 40.19 41.44
N GLU A 693 -61.69 40.84 42.42
CA GLU A 693 -61.12 42.16 42.19
C GLU A 693 -60.00 42.13 41.13
N GLU A 694 -58.90 41.44 41.44
CA GLU A 694 -57.78 41.43 40.53
C GLU A 694 -58.26 41.03 39.12
N GLU A 695 -59.22 40.05 39.05
CA GLU A 695 -59.69 39.52 37.76
C GLU A 695 -60.51 40.55 36.94
N VAL A 696 -61.52 41.18 37.55
CA VAL A 696 -62.33 42.12 36.80
C VAL A 696 -61.50 43.32 36.35
N TRP A 697 -60.47 43.72 37.13
CA TRP A 697 -59.56 44.79 36.72
C TRP A 697 -58.76 44.46 35.45
N LEU A 698 -57.82 43.51 35.52
CA LEU A 698 -57.03 43.21 34.32
C LEU A 698 -57.94 42.89 33.14
N PHE A 699 -58.83 41.91 33.31
CA PHE A 699 -59.66 41.45 32.20
C PHE A 699 -60.47 42.60 31.63
N TRP A 700 -61.15 43.35 32.48
CA TRP A 700 -62.03 44.39 31.97
C TRP A 700 -61.23 45.42 31.19
N ARG A 701 -60.01 45.73 31.64
CA ARG A 701 -59.18 46.63 30.84
C ARG A 701 -59.12 46.10 29.43
N ASP A 702 -58.81 44.81 29.30
CA ASP A 702 -58.83 44.05 28.05
C ASP A 702 -58.70 44.84 26.76
N SER A 703 -59.83 45.03 26.09
CA SER A 703 -59.85 45.46 24.71
C SER A 703 -59.38 46.90 24.68
N ASN A 704 -58.07 47.09 24.45
CA ASN A 704 -57.49 48.42 24.59
C ASN A 704 -57.68 49.24 23.30
N LYS A 705 -57.69 48.57 22.13
CA LYS A 705 -57.55 49.22 20.82
C LYS A 705 -58.89 49.64 20.19
N GLU A 706 -59.99 49.03 20.60
CA GLU A 706 -61.29 49.28 20.00
C GLU A 706 -62.10 50.16 20.95
N ILE A 707 -62.58 51.29 20.46
CA ILE A 707 -63.35 52.22 21.29
C ILE A 707 -64.78 52.17 20.83
N ARG A 708 -65.67 51.89 21.76
CA ARG A 708 -67.09 51.63 21.51
C ARG A 708 -67.49 50.35 22.24
N SER A 709 -66.71 49.27 22.06
CA SER A 709 -66.87 48.12 22.95
C SER A 709 -66.44 48.50 24.35
N LYS A 710 -65.17 48.89 24.52
CA LYS A 710 -64.60 49.23 25.82
C LYS A 710 -64.83 50.70 26.21
N SER A 711 -64.57 51.64 25.30
CA SER A 711 -64.81 53.04 25.62
C SER A 711 -66.29 53.31 25.88
N VAL A 712 -67.17 52.83 24.98
CA VAL A 712 -68.61 53.09 25.09
C VAL A 712 -69.30 52.14 26.12
N ARG A 713 -68.95 50.85 26.14
CA ARG A 713 -69.50 50.01 27.19
C ARG A 713 -69.01 50.47 28.56
N GLU A 714 -67.71 50.82 28.64
CA GLU A 714 -67.09 51.31 29.87
C GLU A 714 -67.38 52.81 30.06
N LEU A 715 -68.68 53.10 30.14
CA LEU A 715 -69.11 54.43 30.57
C LEU A 715 -68.59 54.74 31.97
N ALA A 716 -68.32 53.70 32.78
CA ALA A 716 -68.17 53.84 34.23
C ALA A 716 -66.81 54.40 34.67
N GLN A 717 -65.73 54.13 33.93
CA GLN A 717 -64.37 54.52 34.30
C GLN A 717 -64.28 55.78 35.17
N ASP A 718 -64.96 55.80 36.31
CA ASP A 718 -65.02 56.98 37.17
C ASP A 718 -64.44 56.68 38.53
N ALA A 719 -63.63 55.63 38.63
CA ALA A 719 -63.19 55.16 39.93
C ALA A 719 -62.34 56.20 40.64
N LYS A 720 -62.51 56.28 41.96
CA LYS A 720 -61.83 57.25 42.80
C LYS A 720 -60.83 56.52 43.68
N GLU A 721 -59.58 56.93 43.61
CA GLU A 721 -58.55 56.32 44.43
C GLU A 721 -58.46 54.82 44.17
N GLY A 722 -58.50 54.44 42.90
CA GLY A 722 -58.37 53.03 42.53
C GLY A 722 -57.04 52.44 42.96
N GLN A 723 -56.70 51.21 42.59
CA GLN A 723 -55.38 50.67 42.88
C GLN A 723 -55.08 49.56 41.87
N LYS A 724 -53.89 48.98 41.98
CA LYS A 724 -53.52 47.83 41.17
C LYS A 724 -53.49 48.15 39.69
N GLU A 725 -53.34 49.42 39.39
CA GLU A 725 -53.10 49.86 38.03
C GLU A 725 -54.14 49.33 37.05
N ASP A 726 -55.29 48.84 37.52
CA ASP A 726 -56.33 48.48 36.55
C ASP A 726 -56.69 49.65 35.64
N ARG A 727 -56.82 50.85 36.22
CA ARG A 727 -57.37 51.99 35.51
C ARG A 727 -56.53 52.38 34.30
N ASP A 728 -55.21 52.47 34.45
CA ASP A 728 -54.39 52.92 33.33
C ASP A 728 -54.66 52.07 32.10
N ILE A 729 -54.78 50.75 32.30
CA ILE A 729 -55.08 49.86 31.21
C ILE A 729 -56.48 50.13 30.69
N LEU A 730 -57.45 50.28 31.60
CA LEU A 730 -58.79 50.64 31.15
C LEU A 730 -58.73 51.89 30.27
N SER A 731 -58.02 52.91 30.75
CA SER A 731 -57.85 54.17 30.03
C SER A 731 -57.34 53.92 28.63
N TYR A 732 -56.29 53.08 28.51
CA TYR A 732 -55.83 52.68 27.20
C TYR A 732 -57.00 52.21 26.34
N TYR A 733 -57.84 51.37 26.92
CA TYR A 733 -59.02 50.92 26.19
C TYR A 733 -59.75 52.10 25.61
N ARG A 734 -60.25 52.99 26.44
CA ARG A 734 -60.96 54.14 25.90
C ARG A 734 -60.09 54.90 24.93
N TYR A 735 -58.77 54.82 25.09
CA TYR A 735 -57.88 55.72 24.40
C TYR A 735 -57.70 55.36 22.94
N GLN A 736 -57.71 54.07 22.60
CA GLN A 736 -57.35 53.66 21.25
C GLN A 736 -58.14 54.42 20.20
N LEU A 737 -59.40 54.73 20.48
CA LEU A 737 -60.16 55.57 19.58
C LEU A 737 -59.51 56.91 19.49
N ASN A 738 -59.48 57.45 18.29
CA ASN A 738 -58.85 58.75 18.12
C ASN A 738 -57.40 58.56 18.57
N LEU A 739 -56.88 59.41 19.46
CA LEU A 739 -55.54 59.24 20.01
C LEU A 739 -54.52 58.90 18.93
N PHE A 740 -54.55 57.67 18.38
CA PHE A 740 -53.51 57.15 17.51
C PHE A 740 -52.92 58.27 16.67
N ALA A 741 -52.19 59.17 17.32
CA ALA A 741 -51.64 60.35 16.69
C ALA A 741 -50.33 60.07 15.93
N ARG A 742 -49.47 59.18 16.45
CA ARG A 742 -48.21 58.79 15.80
C ARG A 742 -47.13 59.87 15.91
N MET A 743 -45.96 59.66 15.29
CA MET A 743 -44.89 60.65 15.40
C MET A 743 -43.82 60.41 14.33
N CYS A 744 -43.18 61.51 13.89
CA CYS A 744 -42.31 61.57 12.72
C CYS A 744 -40.83 61.82 13.07
N LEU A 745 -40.48 61.70 14.36
CA LEU A 745 -39.15 62.02 14.82
C LEU A 745 -39.07 63.53 14.99
N ASP A 746 -38.26 63.97 15.95
CA ASP A 746 -38.23 65.38 16.28
C ASP A 746 -37.45 66.19 15.27
N ARG A 747 -36.44 65.59 14.65
CA ARG A 747 -35.48 66.30 13.83
C ARG A 747 -35.54 65.69 12.44
N GLN A 748 -35.90 66.50 11.44
CA GLN A 748 -36.06 65.99 10.08
C GLN A 748 -35.73 67.07 9.05
N TYR A 749 -34.67 67.86 9.31
CA TYR A 749 -34.13 68.88 8.40
C TYR A 749 -32.63 69.03 8.66
N LEU A 750 -32.00 69.99 7.98
CA LEU A 750 -30.60 70.29 8.24
C LEU A 750 -30.42 70.99 9.58
N ALA A 751 -31.40 71.82 9.96
CA ALA A 751 -31.29 72.61 11.19
C ALA A 751 -31.21 71.70 12.42
N ILE A 752 -31.98 70.61 12.40
CA ILE A 752 -32.08 69.70 13.55
C ILE A 752 -30.75 69.01 13.82
N ASN A 753 -29.98 68.71 12.78
CA ASN A 753 -28.63 68.25 12.98
C ASN A 753 -27.85 69.29 13.78
N GLU A 754 -27.93 70.57 13.37
CA GLU A 754 -27.20 71.65 14.04
C GLU A 754 -27.66 71.84 15.48
N ILE A 755 -28.94 71.60 15.73
CA ILE A 755 -29.51 71.68 17.08
C ILE A 755 -29.01 70.53 17.94
N SER A 756 -29.26 69.29 17.51
CA SER A 756 -28.77 68.14 18.24
C SER A 756 -27.28 68.32 18.59
N GLY A 757 -26.49 68.87 17.64
CA GLY A 757 -25.07 69.13 17.91
C GLY A 757 -24.82 70.23 18.92
N GLN A 758 -25.61 71.31 18.89
CA GLN A 758 -25.50 72.32 19.91
C GLN A 758 -25.89 71.80 21.29
N LEU A 759 -26.75 70.77 21.36
CA LEU A 759 -27.27 70.31 22.64
C LEU A 759 -26.31 69.41 23.41
N ASP A 760 -25.22 68.95 22.79
CA ASP A 760 -24.22 68.10 23.45
C ASP A 760 -24.68 66.64 23.53
N VAL A 761 -25.40 66.18 22.50
CA VAL A 761 -25.87 64.80 22.42
C VAL A 761 -26.96 64.51 23.46
N ASP A 762 -26.75 63.51 24.35
CA ASP A 762 -27.64 63.15 25.47
C ASP A 762 -28.56 61.93 25.24
N LEU A 763 -29.03 61.78 23.99
CA LEU A 763 -29.85 60.64 23.65
C LEU A 763 -29.15 59.32 23.99
N ILE A 764 -27.82 59.28 23.85
CA ILE A 764 -27.04 58.10 24.21
C ILE A 764 -27.03 57.92 25.72
N LEU A 765 -26.81 59.01 26.47
CA LEU A 765 -26.80 58.94 27.92
C LEU A 765 -28.06 58.27 28.44
N ARG A 766 -29.24 58.67 27.93
CA ARG A 766 -30.46 57.92 28.26
C ARG A 766 -30.44 56.50 27.67
N CYS A 767 -29.91 56.40 26.45
CA CYS A 767 -30.10 55.25 25.61
C CYS A 767 -29.27 54.04 26.04
N MET A 768 -28.23 54.21 26.87
CA MET A 768 -27.43 53.08 27.33
C MET A 768 -28.15 52.28 28.43
N SER A 769 -28.44 52.91 29.57
CA SER A 769 -29.28 52.29 30.59
C SER A 769 -30.45 51.62 29.94
N ASP A 770 -31.29 52.42 29.32
CA ASP A 770 -32.47 51.82 28.75
C ASP A 770 -32.08 50.63 27.89
N GLU A 771 -31.25 50.88 26.88
CA GLU A 771 -31.13 49.95 25.78
C GLU A 771 -30.49 48.65 26.24
N ASN A 772 -29.36 48.77 26.95
CA ASN A 772 -28.64 47.62 27.47
C ASN A 772 -28.66 47.61 28.98
N LEU A 773 -29.51 48.41 29.63
CA LEU A 773 -29.56 48.31 31.09
C LEU A 773 -29.23 46.93 31.58
N PRO A 774 -29.81 45.84 31.08
CA PRO A 774 -29.53 44.55 31.71
C PRO A 774 -29.72 44.64 33.22
N TYR A 775 -28.69 44.36 34.01
CA TYR A 775 -28.76 44.56 35.46
C TYR A 775 -29.00 46.03 35.75
N ASP A 776 -29.39 46.33 36.97
CA ASP A 776 -29.71 47.71 37.31
C ASP A 776 -28.50 48.65 37.10
N LEU A 777 -27.27 48.19 37.40
CA LEU A 777 -26.13 49.11 37.54
C LEU A 777 -25.93 49.96 36.29
N ARG A 778 -26.01 49.35 35.11
CA ARG A 778 -25.76 50.08 33.89
C ARG A 778 -26.59 51.35 33.88
N ALA A 779 -27.87 51.24 34.19
CA ALA A 779 -28.69 52.45 34.22
C ALA A 779 -28.30 53.34 35.39
N SER A 780 -27.87 52.75 36.50
CA SER A 780 -27.53 53.56 37.66
C SER A 780 -26.48 54.61 37.33
N PHE A 781 -25.45 54.22 36.57
CA PHE A 781 -24.40 55.16 36.24
C PHE A 781 -25.00 56.44 35.63
N CYS A 782 -25.95 56.29 34.69
CA CYS A 782 -26.59 57.45 34.11
C CYS A 782 -27.37 58.22 35.16
N ARG A 783 -27.85 57.51 36.18
CA ARG A 783 -28.46 58.21 37.31
C ARG A 783 -27.48 59.18 37.96
N LEU A 784 -26.32 58.70 38.44
CA LEU A 784 -25.38 59.59 39.12
C LEU A 784 -25.10 60.84 38.28
N MET A 785 -24.67 60.63 37.04
CA MET A 785 -24.39 61.78 36.20
C MET A 785 -25.61 62.70 36.22
N LEU A 786 -26.79 62.15 35.96
CA LEU A 786 -27.98 62.99 35.91
C LEU A 786 -28.18 63.75 37.20
N HIS A 787 -27.75 63.18 38.31
CA HIS A 787 -27.95 63.80 39.59
C HIS A 787 -27.17 65.10 39.68
N MET A 788 -25.98 65.15 39.08
CA MET A 788 -25.18 66.39 39.14
C MET A 788 -25.62 67.38 38.05
N HIS A 789 -26.78 68.03 38.26
CA HIS A 789 -27.37 68.95 37.27
C HIS A 789 -27.77 70.29 37.91
N VAL A 790 -28.31 71.21 37.08
CA VAL A 790 -28.77 72.52 37.50
C VAL A 790 -30.19 72.74 37.00
N ASP A 791 -30.88 73.71 37.58
CA ASP A 791 -32.31 73.95 37.31
C ASP A 791 -32.65 73.95 35.81
N SER A 825 -57.18 72.35 27.70
CA SER A 825 -58.36 71.55 27.40
C SER A 825 -58.42 71.23 25.90
N LYS A 826 -57.53 70.31 25.48
CA LYS A 826 -57.53 69.81 24.12
C LYS A 826 -58.58 68.71 23.87
N ASP A 827 -58.96 67.92 24.89
CA ASP A 827 -59.89 66.81 24.73
C ASP A 827 -60.60 66.46 26.06
N GLU A 828 -61.48 65.43 26.00
CA GLU A 828 -62.25 65.02 27.17
C GLU A 828 -61.34 64.43 28.24
N ILE A 829 -60.15 63.94 27.84
CA ILE A 829 -59.23 63.31 28.77
C ILE A 829 -58.47 64.31 29.63
N LYS A 830 -58.54 65.60 29.34
CA LYS A 830 -57.80 66.58 30.13
C LYS A 830 -58.20 66.52 31.60
N GLU A 831 -59.50 66.62 31.86
CA GLU A 831 -59.99 66.61 33.24
C GLU A 831 -59.39 65.45 34.02
N ARG A 832 -59.37 64.26 33.45
CA ARG A 832 -58.72 63.15 34.13
C ARG A 832 -57.24 63.45 34.32
N PHE A 833 -56.64 64.21 33.39
CA PHE A 833 -55.22 64.53 33.49
C PHE A 833 -54.90 65.33 34.74
N ALA A 834 -55.78 66.26 35.16
CA ALA A 834 -55.49 67.04 36.38
C ALA A 834 -55.40 66.15 37.62
N GLN A 835 -56.39 65.26 37.81
CA GLN A 835 -56.33 64.28 38.89
C GLN A 835 -55.09 63.42 38.74
N THR A 836 -54.69 63.13 37.49
CA THR A 836 -53.46 62.39 37.26
C THR A 836 -52.26 63.13 37.81
N MET A 837 -52.13 64.40 37.45
CA MET A 837 -51.03 65.19 37.97
C MET A 837 -51.05 65.16 39.49
N GLU A 838 -52.23 65.33 40.08
CA GLU A 838 -52.31 65.30 41.53
C GLU A 838 -51.90 63.95 42.09
N PHE A 839 -52.35 62.86 41.48
CA PHE A 839 -51.96 61.53 41.94
C PHE A 839 -50.47 61.34 41.80
N VAL A 840 -49.88 61.90 40.74
CA VAL A 840 -48.43 61.88 40.58
C VAL A 840 -47.77 62.61 41.73
N GLU A 841 -48.36 63.73 42.14
CA GLU A 841 -47.86 64.45 43.30
C GLU A 841 -47.97 63.59 44.56
N GLU A 842 -49.02 62.78 44.66
CA GLU A 842 -49.20 61.92 45.84
C GLU A 842 -48.24 60.74 45.81
N TYR A 843 -47.85 60.31 44.60
CA TYR A 843 -46.71 59.43 44.45
C TYR A 843 -45.44 60.11 44.91
N LEU A 844 -45.26 61.39 44.55
CA LEU A 844 -44.09 62.16 44.98
C LEU A 844 -44.08 62.31 46.50
N ARG A 845 -45.25 62.51 47.10
CA ARG A 845 -45.37 62.42 48.54
C ARG A 845 -45.03 61.02 49.03
N ASP A 846 -45.46 60.01 48.29
CA ASP A 846 -44.97 58.67 48.53
C ASP A 846 -43.45 58.63 48.43
N VAL A 847 -42.87 59.42 47.53
CA VAL A 847 -41.45 59.39 47.26
C VAL A 847 -40.67 59.97 48.42
N VAL A 848 -41.17 61.07 48.99
CA VAL A 848 -40.51 61.68 50.14
C VAL A 848 -40.35 60.65 51.25
N CYS A 849 -41.34 59.79 51.42
CA CYS A 849 -41.10 58.55 52.12
C CYS A 849 -40.22 57.68 51.24
N GLN A 850 -39.05 57.30 51.74
CA GLN A 850 -38.11 56.50 50.96
C GLN A 850 -37.98 55.14 51.65
N ARG A 851 -38.34 54.08 50.93
CA ARG A 851 -38.35 52.75 51.53
C ARG A 851 -38.23 51.68 50.46
N PHE A 852 -37.57 50.57 50.82
CA PHE A 852 -37.29 49.49 49.88
C PHE A 852 -38.00 48.23 50.33
N PRO A 853 -39.12 48.35 51.07
CA PRO A 853 -39.84 47.16 51.52
C PRO A 853 -40.96 46.79 50.58
N PHE A 854 -41.99 46.14 51.10
CA PHE A 854 -43.11 45.69 50.29
C PHE A 854 -43.75 46.93 49.66
N SER A 855 -44.93 46.74 49.11
CA SER A 855 -45.76 47.82 48.60
C SER A 855 -45.19 48.33 47.30
N ASP A 856 -43.97 47.93 46.93
CA ASP A 856 -43.40 48.38 45.70
C ASP A 856 -44.14 47.87 44.47
N LYS A 857 -44.94 46.81 44.56
CA LYS A 857 -45.68 46.35 43.39
C LYS A 857 -47.12 46.83 43.36
N GLU A 858 -47.65 47.36 44.45
CA GLU A 858 -48.94 48.03 44.40
C GLU A 858 -48.73 49.49 43.98
N LYS A 859 -47.76 50.15 44.61
CA LYS A 859 -47.37 51.47 44.14
C LYS A 859 -46.69 51.38 42.78
N ASN A 860 -45.82 50.38 42.59
CA ASN A 860 -45.06 50.22 41.35
C ASN A 860 -45.84 49.48 40.30
N LYS A 861 -46.94 48.83 40.71
CA LYS A 861 -47.90 48.30 39.78
C LYS A 861 -48.82 49.41 39.25
N LEU A 862 -49.59 50.02 40.16
CA LEU A 862 -50.37 51.19 39.79
C LEU A 862 -49.52 52.09 38.92
N THR A 863 -48.28 52.36 39.39
CA THR A 863 -47.37 53.29 38.75
C THR A 863 -46.77 52.73 37.47
N PHE A 864 -46.55 51.41 37.38
CA PHE A 864 -46.04 50.89 36.14
C PHE A 864 -47.07 51.11 35.03
N GLU A 865 -48.27 50.58 35.23
CA GLU A 865 -49.35 50.84 34.28
C GLU A 865 -49.45 52.32 34.00
N VAL A 866 -49.50 53.07 35.08
CA VAL A 866 -49.72 54.50 35.01
C VAL A 866 -48.61 55.21 34.26
N VAL A 867 -47.39 54.70 34.38
CA VAL A 867 -46.19 55.43 33.97
C VAL A 867 -45.96 55.30 32.46
N ASN A 868 -46.00 54.07 31.94
CA ASN A 868 -46.08 53.96 30.50
C ASN A 868 -47.19 54.89 30.02
N LEU A 869 -48.37 54.80 30.67
CA LEU A 869 -49.49 55.64 30.26
C LEU A 869 -49.16 57.13 30.38
N ALA A 870 -48.30 57.54 31.31
CA ALA A 870 -48.02 58.96 31.45
C ALA A 870 -47.21 59.43 30.27
N ARG A 871 -46.21 58.64 29.86
CA ARG A 871 -45.58 58.93 28.60
C ARG A 871 -46.65 59.23 27.59
N ASN A 872 -47.52 58.25 27.39
CA ASN A 872 -48.52 58.35 26.35
C ASN A 872 -49.52 59.49 26.59
N LEU A 873 -49.68 59.90 27.85
CA LEU A 873 -50.66 60.90 28.24
C LEU A 873 -50.14 62.29 27.99
N ILE A 874 -48.87 62.49 28.32
CA ILE A 874 -48.21 63.74 28.01
C ILE A 874 -48.19 63.95 26.51
N TYR A 875 -47.84 62.90 25.73
CA TYR A 875 -47.78 63.06 24.27
C TYR A 875 -49.17 63.09 23.59
N PHE A 876 -50.17 62.36 24.12
CA PHE A 876 -51.50 62.34 23.51
C PHE A 876 -52.30 63.61 23.82
N GLY A 877 -52.04 64.27 24.95
CA GLY A 877 -52.61 65.60 25.20
C GLY A 877 -51.60 66.55 25.84
N PHE A 878 -51.49 67.77 25.32
CA PHE A 878 -50.46 68.70 25.78
C PHE A 878 -50.97 70.11 25.58
N TYR A 879 -50.14 71.07 25.98
CA TYR A 879 -50.53 72.46 25.99
C TYR A 879 -49.42 73.26 25.33
N ASN A 880 -49.81 74.25 24.57
CA ASN A 880 -48.84 75.06 23.85
C ASN A 880 -48.61 76.38 24.60
N PHE A 881 -47.86 77.29 23.96
CA PHE A 881 -47.41 78.54 24.58
C PHE A 881 -46.75 78.28 25.93
N SER A 882 -46.15 77.09 26.07
CA SER A 882 -45.42 76.65 27.26
C SER A 882 -46.32 76.09 28.35
N ASP A 883 -47.56 75.68 28.05
CA ASP A 883 -48.38 75.05 29.09
C ASP A 883 -48.05 73.55 29.21
N LEU A 884 -47.80 72.87 28.09
CA LEU A 884 -47.23 71.53 28.14
C LEU A 884 -45.83 71.57 28.74
N LEU A 885 -45.00 72.54 28.31
CA LEU A 885 -43.65 72.70 28.84
C LEU A 885 -43.66 73.00 30.33
N ARG A 886 -44.69 73.71 30.82
CA ARG A 886 -44.84 73.94 32.24
C ARG A 886 -45.17 72.65 32.98
N LEU A 887 -46.19 71.92 32.49
CA LEU A 887 -46.45 70.58 32.98
C LEU A 887 -45.18 69.76 32.96
N THR A 888 -44.21 70.21 32.17
CA THR A 888 -42.89 69.58 32.10
C THR A 888 -41.93 70.10 33.18
N LYS A 889 -41.92 71.39 33.49
CA LYS A 889 -41.05 71.83 34.57
C LYS A 889 -41.45 71.16 35.87
N ILE A 890 -42.76 70.99 36.09
CA ILE A 890 -43.21 70.21 37.23
C ILE A 890 -42.84 68.74 37.06
N LEU A 891 -43.05 68.16 35.85
CA LEU A 891 -42.68 66.77 35.65
C LEU A 891 -41.19 66.54 35.83
N LEU A 892 -40.37 67.59 35.74
CA LEU A 892 -38.94 67.47 35.99
C LEU A 892 -38.68 67.13 37.45
N ALA A 893 -39.53 67.65 38.33
CA ALA A 893 -39.40 67.37 39.76
C ALA A 893 -40.09 66.09 40.17
N ILE A 894 -41.13 65.67 39.44
CA ILE A 894 -41.68 64.35 39.72
C ILE A 894 -40.67 63.29 39.29
N LEU A 895 -40.15 63.41 38.05
CA LEU A 895 -39.06 62.58 37.54
C LEU A 895 -37.81 62.70 38.39
N ASP A 896 -37.62 63.86 39.01
CA ASP A 896 -36.56 64.04 39.97
C ASP A 896 -36.91 63.39 41.32
N CYS A 897 -38.21 63.16 41.61
CA CYS A 897 -38.68 62.62 42.89
C CYS A 897 -39.55 61.39 42.58
N VAL A 898 -38.89 60.31 42.15
CA VAL A 898 -39.53 59.05 41.80
C VAL A 898 -38.84 57.89 42.54
N HIS A 899 -39.07 56.65 42.05
CA HIS A 899 -38.47 55.39 42.56
C HIS A 899 -38.50 54.24 41.50
N PRO A 960 -29.51 42.00 40.46
CA PRO A 960 -29.12 42.28 41.84
C PRO A 960 -29.68 41.25 42.85
N GLU A 961 -29.24 40.01 42.74
CA GLU A 961 -29.72 38.93 43.61
C GLU A 961 -31.23 38.84 43.52
N LYS A 962 -31.95 39.12 44.60
CA LYS A 962 -33.41 39.14 44.55
C LYS A 962 -33.96 40.11 43.50
N GLU A 963 -33.16 41.12 43.14
CA GLU A 963 -33.61 42.23 42.30
C GLU A 963 -33.61 41.87 40.83
N ASP A 964 -33.45 40.59 40.49
CA ASP A 964 -33.85 40.14 39.17
C ASP A 964 -35.35 39.92 39.13
N ILE A 965 -35.84 38.99 39.97
CA ILE A 965 -37.28 38.76 40.11
C ILE A 965 -37.98 40.08 40.42
N MET A 966 -37.42 40.86 41.35
CA MET A 966 -37.87 42.23 41.53
C MET A 966 -37.50 43.12 40.33
N VAL A 967 -36.47 42.72 39.58
CA VAL A 967 -35.90 43.60 38.58
C VAL A 967 -36.74 43.69 37.33
N MET A 968 -37.64 42.74 37.07
CA MET A 968 -38.59 42.97 36.00
C MET A 968 -39.46 44.19 36.32
N ASP A 969 -40.04 44.23 37.53
CA ASP A 969 -40.84 45.38 37.92
C ASP A 969 -40.02 46.67 37.88
N THR A 970 -38.79 46.61 38.38
CA THR A 970 -37.91 47.77 38.39
C THR A 970 -37.57 48.24 36.97
N LYS A 971 -37.36 47.32 36.05
CA LYS A 971 -37.09 47.70 34.67
C LYS A 971 -38.33 48.32 34.02
N LEU A 972 -39.53 47.92 34.46
CA LEU A 972 -40.76 48.56 33.98
C LEU A 972 -40.88 50.01 34.43
N LYS A 973 -40.42 50.32 35.66
CA LYS A 973 -40.45 51.71 36.13
C LYS A 973 -39.31 52.59 35.57
N ILE A 974 -38.11 52.04 35.33
CA ILE A 974 -37.10 52.83 34.62
C ILE A 974 -37.51 53.05 33.15
N ILE A 975 -38.10 52.04 32.50
CA ILE A 975 -38.53 52.16 31.10
C ILE A 975 -39.71 53.12 30.97
N GLU A 976 -40.59 53.18 31.96
CA GLU A 976 -41.68 54.15 31.91
C GLU A 976 -41.19 55.57 32.24
N ILE A 977 -40.24 55.71 33.18
CA ILE A 977 -39.59 56.99 33.37
C ILE A 977 -38.98 57.44 32.05
N LEU A 978 -38.35 56.50 31.35
CA LEU A 978 -37.77 56.79 30.06
C LEU A 978 -38.82 57.00 28.98
N GLN A 979 -40.05 56.46 29.14
CA GLN A 979 -41.10 56.58 28.13
C GLN A 979 -41.81 57.93 28.23
N PHE A 980 -42.07 58.36 29.45
CA PHE A 980 -42.44 59.74 29.70
C PHE A 980 -41.37 60.68 29.16
N ILE A 981 -40.13 60.52 29.64
CA ILE A 981 -39.05 61.43 29.28
C ILE A 981 -38.76 61.37 27.78
N LEU A 982 -39.12 60.27 27.14
CA LEU A 982 -38.84 60.06 25.73
C LEU A 982 -39.96 60.59 24.82
N ASN A 983 -41.22 60.43 25.23
CA ASN A 983 -42.31 60.99 24.43
C ASN A 983 -42.36 62.51 24.57
N VAL A 984 -42.25 63.03 25.78
CA VAL A 984 -42.21 64.48 25.92
C VAL A 984 -40.86 65.02 25.41
N ARG A 985 -39.74 64.51 25.94
CA ARG A 985 -38.41 65.02 25.57
C ARG A 985 -38.16 64.84 24.08
N LEU A 986 -38.24 63.59 23.61
CA LEU A 986 -37.94 63.25 22.22
C LEU A 986 -39.11 63.54 21.28
N ASP A 987 -40.35 63.19 21.66
CA ASP A 987 -41.43 63.34 20.69
C ASP A 987 -41.67 64.82 20.40
N TYR A 988 -41.60 65.68 21.41
CA TYR A 988 -41.69 67.11 21.12
C TYR A 988 -41.19 67.95 22.27
N ARG A 989 -39.90 67.93 22.55
CA ARG A 989 -39.36 68.75 23.61
C ARG A 989 -38.15 69.54 23.14
N ILE A 990 -38.04 70.76 23.68
CA ILE A 990 -36.85 71.61 23.63
C ILE A 990 -36.55 72.08 22.21
N SER A 991 -37.58 72.45 21.46
CA SER A 991 -37.40 72.78 20.06
C SER A 991 -37.80 74.21 19.70
N CYS A 992 -38.23 75.02 20.66
CA CYS A 992 -38.80 76.30 20.28
C CYS A 992 -37.83 77.46 20.34
N LEU A 993 -36.73 77.39 21.12
CA LEU A 993 -35.88 78.56 21.26
C LEU A 993 -35.45 79.08 19.89
N LEU A 994 -35.12 78.17 18.97
CA LEU A 994 -34.71 78.56 17.64
C LEU A 994 -35.90 78.86 16.74
N CYS A 995 -36.88 77.96 16.68
CA CYS A 995 -38.06 78.20 15.87
C CYS A 995 -38.82 79.40 16.40
N ILE A 996 -38.93 79.53 17.73
CA ILE A 996 -39.76 80.56 18.35
C ILE A 996 -39.03 81.91 18.39
N PHE A 997 -37.72 81.90 18.63
CA PHE A 997 -36.90 83.11 18.65
C PHE A 997 -36.06 83.16 17.39
N LYS A 998 -36.06 84.31 16.72
CA LYS A 998 -35.36 84.43 15.45
C LYS A 998 -34.90 85.87 15.29
N ARG A 999 -33.83 86.03 14.52
CA ARG A 999 -33.28 87.34 14.21
C ARG A 999 -33.65 87.69 12.78
N GLU A 1000 -34.09 88.93 12.59
CA GLU A 1000 -34.54 89.43 11.31
C GLU A 1000 -33.54 90.49 10.83
N PHE A 1001 -32.66 90.12 9.85
CA PHE A 1001 -31.55 90.96 9.42
C PHE A 1001 -31.36 90.97 7.91
N ASP A 1002 -30.91 92.11 7.39
CA ASP A 1002 -30.45 92.27 6.01
C ASP A 1002 -31.61 92.48 5.04
N GLU A 1003 -32.36 91.42 4.76
CA GLU A 1003 -33.42 91.43 3.75
C GLU A 1003 -34.77 91.54 4.44
N SER A 1004 -35.01 92.73 4.98
CA SER A 1004 -36.29 93.09 5.58
C SER A 1004 -36.76 92.06 6.58
N ASN A 1005 -35.86 91.77 7.53
CA ASN A 1005 -36.17 90.89 8.66
C ASN A 1005 -36.02 89.41 8.29
N SER A 1006 -36.82 88.53 8.92
CA SER A 1006 -37.00 87.10 8.58
C SER A 1006 -37.10 86.29 9.85
N GLN A 1007 -37.89 86.75 10.80
CA GLN A 1007 -38.05 86.04 12.05
C GLN A 1007 -39.52 85.63 12.20
N SER A 1008 -39.75 84.71 13.14
CA SER A 1008 -41.08 84.21 13.45
C SER A 1008 -41.42 84.53 14.90
N SER A 1009 -41.13 85.76 15.32
CA SER A 1009 -41.49 86.29 16.64
C SER A 1009 -41.26 87.79 16.62
N GLY A 1026 -43.02 74.73 0.42
CA GLY A 1026 -43.18 74.15 -0.91
C GLY A 1026 -44.27 74.81 -1.74
N ALA A 1027 -44.09 76.10 -2.05
CA ALA A 1027 -45.06 76.92 -2.79
C ALA A 1027 -46.38 76.89 -2.01
N LEU A 1028 -47.52 76.57 -2.63
CA LEU A 1028 -48.80 76.46 -1.94
C LEU A 1028 -48.92 75.10 -1.23
N ASP A 1029 -47.94 74.84 -0.35
CA ASP A 1029 -47.93 73.59 0.39
C ASP A 1029 -49.08 73.51 1.38
N PHE A 1030 -49.31 74.59 2.17
CA PHE A 1030 -50.31 74.55 3.23
C PHE A 1030 -51.60 73.94 2.73
N GLU A 1031 -51.96 74.23 1.48
CA GLU A 1031 -53.20 73.72 0.92
C GLU A 1031 -53.17 72.21 0.72
N HIS A 1032 -51.98 71.62 0.57
CA HIS A 1032 -51.88 70.18 0.35
C HIS A 1032 -52.09 69.38 1.63
N ILE A 1033 -51.97 69.98 2.81
CA ILE A 1033 -51.97 69.21 4.06
C ILE A 1033 -53.36 68.76 4.55
N GLU A 1034 -54.46 69.35 4.05
CA GLU A 1034 -55.80 68.84 4.40
C GLU A 1034 -55.97 67.40 3.91
N GLU A 1035 -55.35 67.08 2.77
CA GLU A 1035 -55.27 65.69 2.30
C GLU A 1035 -54.49 64.82 3.30
N GLN A 1036 -53.42 65.36 3.89
CA GLN A 1036 -52.77 64.69 5.00
C GLN A 1036 -53.79 64.34 6.08
N ALA A 1037 -54.69 65.28 6.36
CA ALA A 1037 -55.78 64.99 7.29
C ALA A 1037 -56.59 63.78 6.83
N GLU A 1038 -56.81 63.65 5.53
CA GLU A 1038 -57.48 62.47 5.02
C GLU A 1038 -56.67 61.23 5.33
N GLY A 1039 -55.35 61.37 5.42
CA GLY A 1039 -54.53 60.27 5.87
C GLY A 1039 -54.73 59.93 7.34
N ILE A 1040 -54.76 60.94 8.20
CA ILE A 1040 -54.98 60.69 9.62
C ILE A 1040 -56.34 60.01 9.84
N PHE A 1041 -57.32 60.33 8.99
CA PHE A 1041 -58.60 59.63 9.03
C PHE A 1041 -58.46 58.17 8.55
N GLY A 1042 -57.61 57.93 7.53
CA GLY A 1042 -57.38 56.56 7.07
C GLY A 1042 -56.64 55.66 8.06
N GLY A 1043 -55.84 56.24 8.96
CA GLY A 1043 -55.17 55.42 9.96
C GLY A 1043 -56.14 54.81 10.97
N SER A 1044 -57.15 55.56 11.40
CA SER A 1044 -58.14 55.11 12.37
C SER A 1044 -59.37 54.54 11.65
N GLU A 1045 -59.21 53.34 11.08
CA GLU A 1045 -60.26 52.72 10.25
C GLU A 1045 -60.67 51.34 10.78
N GLU A 1046 -61.97 51.16 11.01
CA GLU A 1046 -62.56 49.90 11.42
C GLU A 1046 -63.29 49.27 10.25
N ASN A 1047 -63.32 47.94 10.23
CA ASN A 1047 -63.82 47.19 9.10
C ASN A 1047 -65.31 46.84 9.26
N THR A 1048 -65.92 46.41 8.14
CA THR A 1048 -67.31 46.00 8.11
C THR A 1048 -68.23 47.18 8.43
N PRO A 1049 -67.90 48.40 7.95
CA PRO A 1049 -68.80 49.55 8.18
C PRO A 1049 -69.11 50.32 6.92
N LEU A 1050 -70.39 50.47 6.59
CA LEU A 1050 -70.78 50.92 5.26
C LEU A 1050 -70.19 52.30 4.92
N ASP A 1051 -70.54 53.33 5.71
CA ASP A 1051 -70.15 54.72 5.44
C ASP A 1051 -69.65 54.99 4.01
N LEU A 1052 -68.33 55.09 3.80
CA LEU A 1052 -67.80 55.44 2.50
C LEU A 1052 -66.66 54.52 2.04
N ASP A 1053 -66.49 53.34 2.64
CA ASP A 1053 -65.31 52.50 2.36
C ASP A 1053 -65.38 51.76 1.04
N ASP A 1054 -66.54 51.66 0.42
CA ASP A 1054 -66.68 50.85 -0.78
C ASP A 1054 -65.99 51.51 -1.97
N HIS A 1055 -66.26 52.79 -2.22
CA HIS A 1055 -65.81 53.44 -3.44
C HIS A 1055 -65.16 54.79 -3.24
N GLY A 1056 -65.46 55.48 -2.14
CA GLY A 1056 -64.98 56.84 -1.92
C GLY A 1056 -63.53 56.87 -1.53
N GLY A 1057 -63.16 56.09 -0.51
CA GLY A 1057 -61.79 55.93 -0.10
C GLY A 1057 -61.00 55.77 -1.36
N ARG A 1058 -61.55 54.96 -2.28
CA ARG A 1058 -60.99 54.70 -3.60
C ARG A 1058 -59.49 54.45 -3.50
N THR A 1059 -58.78 55.32 -2.79
CA THR A 1059 -57.33 55.35 -2.84
C THR A 1059 -56.87 56.54 -3.66
N PHE A 1060 -56.36 57.58 -3.00
CA PHE A 1060 -55.87 58.73 -3.75
C PHE A 1060 -54.45 58.42 -4.26
N LEU A 1061 -54.36 57.32 -5.02
CA LEU A 1061 -53.08 56.91 -5.55
C LEU A 1061 -52.44 58.04 -6.35
N ARG A 1062 -53.15 58.54 -7.35
CA ARG A 1062 -52.63 59.60 -8.18
C ARG A 1062 -51.98 60.68 -7.34
N VAL A 1063 -52.78 61.36 -6.52
CA VAL A 1063 -52.26 62.47 -5.74
C VAL A 1063 -51.07 62.02 -4.91
N LEU A 1064 -51.20 60.89 -4.22
CA LEU A 1064 -50.09 60.46 -3.39
C LEU A 1064 -48.97 59.86 -4.24
N LEU A 1065 -49.33 59.06 -5.26
CA LEU A 1065 -48.33 58.43 -6.12
C LEU A 1065 -47.70 59.40 -7.10
N HIS A 1066 -48.33 60.56 -7.36
CA HIS A 1066 -47.79 61.54 -8.30
C HIS A 1066 -46.71 62.46 -7.68
N LEU A 1067 -46.89 62.89 -6.44
CA LEU A 1067 -45.97 63.83 -5.82
C LEU A 1067 -44.55 63.32 -5.94
N THR A 1068 -43.70 64.06 -6.63
CA THR A 1068 -42.41 63.52 -6.97
C THR A 1068 -41.38 64.61 -6.79
N MET A 1069 -40.13 64.16 -6.75
CA MET A 1069 -38.97 65.03 -6.85
C MET A 1069 -39.03 66.19 -5.84
N HIS A 1070 -39.46 65.90 -4.61
CA HIS A 1070 -39.43 66.88 -3.53
C HIS A 1070 -38.46 66.41 -2.44
N ASP A 1071 -38.20 67.26 -1.43
CA ASP A 1071 -37.28 66.93 -0.33
C ASP A 1071 -38.02 66.36 0.88
N TYR A 1072 -37.35 65.42 1.59
CA TYR A 1072 -37.98 64.85 2.77
C TYR A 1072 -38.39 66.02 3.65
N PRO A 1073 -39.66 66.43 3.57
CA PRO A 1073 -40.08 67.67 4.24
C PRO A 1073 -40.19 67.47 5.74
N PRO A 1074 -39.22 66.81 6.33
CA PRO A 1074 -39.19 66.63 7.78
C PRO A 1074 -40.22 65.64 8.31
N LEU A 1075 -40.99 65.04 7.41
CA LEU A 1075 -42.10 64.14 7.75
C LEU A 1075 -41.91 62.76 7.14
N VAL A 1076 -40.66 62.38 6.86
CA VAL A 1076 -40.41 61.03 6.37
C VAL A 1076 -41.08 60.06 7.32
N SER A 1077 -40.85 60.28 8.59
CA SER A 1077 -41.53 59.49 9.58
C SER A 1077 -43.03 59.83 9.58
N GLY A 1078 -43.40 61.10 9.37
CA GLY A 1078 -44.82 61.38 9.13
C GLY A 1078 -45.37 60.50 8.03
N ALA A 1079 -44.65 60.41 6.92
CA ALA A 1079 -44.99 59.42 5.90
C ALA A 1079 -45.10 58.04 6.52
N LEU A 1080 -44.04 57.63 7.22
CA LEU A 1080 -44.00 56.32 7.85
C LEU A 1080 -45.24 56.06 8.71
N GLN A 1081 -45.79 57.08 9.38
CA GLN A 1081 -46.93 56.81 10.23
C GLN A 1081 -48.01 56.16 9.41
N LEU A 1082 -48.29 56.75 8.25
CA LEU A 1082 -49.30 56.25 7.37
C LEU A 1082 -49.10 54.76 7.06
N LEU A 1083 -47.87 54.32 6.87
CA LEU A 1083 -47.64 52.95 6.41
C LEU A 1083 -48.00 51.90 7.46
N PHE A 1084 -47.94 52.27 8.75
CA PHE A 1084 -48.03 51.28 9.82
C PHE A 1084 -49.43 50.68 9.99
N ARG A 1085 -50.49 51.44 9.69
CA ARG A 1085 -51.83 50.95 9.96
C ARG A 1085 -52.20 49.80 9.05
N HIS A 1086 -51.58 49.72 7.87
CA HIS A 1086 -51.92 48.73 6.86
C HIS A 1086 -51.28 47.38 7.11
N PHE A 1087 -50.61 47.14 8.23
CA PHE A 1087 -49.92 45.88 8.40
C PHE A 1087 -50.85 44.73 8.76
N SER A 1088 -52.12 45.02 9.08
CA SER A 1088 -53.05 43.97 9.50
C SER A 1088 -53.10 42.84 8.48
N GLN A 1089 -53.43 43.17 7.23
CA GLN A 1089 -53.39 42.18 6.14
C GLN A 1089 -53.34 42.92 4.81
N ARG A 1090 -52.55 42.38 3.86
CA ARG A 1090 -52.22 43.07 2.62
C ARG A 1090 -52.99 42.50 1.44
N GLN A 1091 -54.12 41.87 1.70
CA GLN A 1091 -54.72 40.93 0.76
C GLN A 1091 -56.12 41.35 0.33
N GLU A 1092 -56.55 42.56 0.69
CA GLU A 1092 -57.95 42.94 0.65
C GLU A 1092 -58.46 43.26 -0.74
N VAL A 1093 -57.64 43.09 -1.78
CA VAL A 1093 -58.09 43.17 -3.17
C VAL A 1093 -57.97 44.60 -3.72
N LEU A 1094 -58.00 45.62 -2.86
CA LEU A 1094 -57.88 47.00 -3.33
C LEU A 1094 -56.70 47.76 -2.73
N GLN A 1095 -56.13 47.28 -1.62
CA GLN A 1095 -55.10 48.03 -0.91
C GLN A 1095 -54.10 48.67 -1.87
N ALA A 1096 -53.67 47.92 -2.90
CA ALA A 1096 -52.58 48.37 -3.76
C ALA A 1096 -52.89 49.72 -4.40
N PHE A 1097 -54.08 49.91 -4.96
CA PHE A 1097 -54.39 51.20 -5.54
C PHE A 1097 -54.21 52.31 -4.52
N LYS A 1098 -54.80 52.14 -3.34
CA LYS A 1098 -54.50 53.05 -2.24
C LYS A 1098 -53.03 52.97 -1.88
N GLN A 1099 -52.50 51.77 -1.70
CA GLN A 1099 -51.09 51.63 -1.48
C GLN A 1099 -50.30 52.18 -2.67
N VAL A 1100 -50.91 52.23 -3.86
CA VAL A 1100 -50.22 52.76 -5.02
C VAL A 1100 -49.87 54.21 -4.75
N GLN A 1101 -50.73 54.91 -4.01
CA GLN A 1101 -50.47 56.27 -3.57
C GLN A 1101 -49.04 56.41 -3.07
N LEU A 1102 -48.63 55.49 -2.21
CA LEU A 1102 -47.29 55.56 -1.64
C LEU A 1102 -46.24 55.84 -2.72
N LEU A 1103 -46.21 55.03 -3.78
CA LEU A 1103 -45.19 55.11 -4.81
C LEU A 1103 -44.02 56.02 -4.43
N VAL A 1104 -43.88 57.16 -5.11
CA VAL A 1104 -43.05 58.31 -4.69
C VAL A 1104 -41.60 57.98 -4.33
N THR A 1105 -40.99 57.04 -5.04
CA THR A 1105 -39.67 56.57 -4.67
C THR A 1105 -38.65 57.62 -5.11
N SER A 1106 -38.54 58.66 -4.29
CA SER A 1106 -37.52 59.66 -4.53
C SER A 1106 -36.69 60.04 -3.32
N GLN A 1107 -36.96 59.51 -2.12
CA GLN A 1107 -36.23 59.93 -0.90
C GLN A 1107 -35.82 58.71 -0.05
N ASP A 1108 -34.90 57.88 -0.57
CA ASP A 1108 -34.65 56.56 0.04
C ASP A 1108 -34.00 56.66 1.40
N VAL A 1109 -33.11 57.62 1.61
CA VAL A 1109 -32.43 57.73 2.88
C VAL A 1109 -33.51 57.91 3.95
N ASP A 1110 -34.11 59.09 3.95
CA ASP A 1110 -35.00 59.50 5.03
C ASP A 1110 -35.97 58.39 5.39
N ASN A 1111 -36.73 57.90 4.41
CA ASN A 1111 -37.70 56.87 4.69
C ASN A 1111 -37.01 55.62 5.22
N TYR A 1112 -35.84 55.29 4.66
CA TYR A 1112 -35.21 54.03 4.98
C TYR A 1112 -34.96 53.93 6.47
N LYS A 1113 -34.46 55.00 7.08
CA LYS A 1113 -34.19 54.93 8.52
C LYS A 1113 -35.44 54.52 9.27
N GLN A 1114 -36.57 55.12 8.94
CA GLN A 1114 -37.81 54.74 9.58
C GLN A 1114 -38.10 53.27 9.36
N ILE A 1115 -37.89 52.81 8.12
CA ILE A 1115 -38.22 51.45 7.72
C ILE A 1115 -37.26 50.47 8.41
N LYS A 1116 -36.27 51.00 9.13
CA LYS A 1116 -35.23 50.15 9.70
C LYS A 1116 -35.75 49.27 10.83
N GLN A 1117 -36.63 49.80 11.68
CA GLN A 1117 -37.19 48.98 12.75
C GLN A 1117 -37.94 47.79 12.18
N ASP A 1118 -38.62 47.99 11.06
CA ASP A 1118 -39.49 46.98 10.47
C ASP A 1118 -38.83 46.19 9.36
N LEU A 1119 -37.52 46.33 9.11
CA LEU A 1119 -36.91 45.45 8.13
C LEU A 1119 -37.16 43.99 8.49
N ASP A 1120 -36.76 43.57 9.69
CA ASP A 1120 -36.90 42.17 10.08
C ASP A 1120 -38.36 41.75 9.99
N GLN A 1121 -39.26 42.57 10.52
CA GLN A 1121 -40.67 42.28 10.41
C GLN A 1121 -41.12 42.24 8.96
N LEU A 1122 -40.49 43.02 8.09
CA LEU A 1122 -40.85 43.11 6.69
C LEU A 1122 -40.37 41.88 5.95
N ARG A 1123 -39.33 41.26 6.50
CA ARG A 1123 -38.91 39.94 6.05
C ARG A 1123 -39.86 38.84 6.51
N SER A 1124 -40.43 38.92 7.73
CA SER A 1124 -41.38 37.88 8.14
C SER A 1124 -42.70 38.00 7.36
N ILE A 1125 -43.22 39.23 7.22
CA ILE A 1125 -44.40 39.48 6.39
C ILE A 1125 -44.11 39.21 4.92
N VAL A 1126 -42.85 39.35 4.50
CA VAL A 1126 -42.47 38.80 3.20
C VAL A 1126 -42.56 37.28 3.25
N GLU A 1127 -41.91 36.66 4.23
CA GLU A 1127 -41.86 35.20 4.29
C GLU A 1127 -43.24 34.59 4.17
N LYS A 1128 -44.19 35.02 5.01
CA LYS A 1128 -45.56 34.52 4.83
C LYS A 1128 -46.18 35.07 3.54
N SER A 1129 -46.03 36.39 3.31
CA SER A 1129 -46.50 37.04 2.08
C SER A 1129 -45.55 36.80 0.89
N GLU A 1130 -44.33 37.32 0.98
CA GLU A 1130 -43.37 37.16 -0.11
C GLU A 1130 -43.13 35.70 -0.50
N LEU A 1131 -43.34 34.75 0.41
CA LEU A 1131 -43.13 33.34 0.03
C LEU A 1131 -44.07 32.94 -1.10
N TRP A 1132 -45.36 33.20 -0.91
CA TRP A 1132 -46.37 32.97 -1.92
C TRP A 1132 -46.94 34.27 -2.46
N VAL A 1133 -47.61 35.09 -1.61
CA VAL A 1133 -48.41 36.27 -2.00
C VAL A 1133 -48.47 36.49 -3.51
N TYR A 1134 -47.83 37.56 -3.99
CA TYR A 1134 -47.77 37.88 -5.43
C TYR A 1134 -46.57 37.21 -6.11
N VAL A 1176 -54.65 38.77 -3.67
CA VAL A 1176 -54.49 39.24 -2.31
C VAL A 1176 -53.00 39.32 -2.04
N LYS A 1177 -52.27 39.83 -3.05
CA LYS A 1177 -50.86 39.58 -3.19
C LYS A 1177 -50.01 40.84 -3.26
N GLU A 1178 -50.53 42.00 -2.84
CA GLU A 1178 -49.72 43.21 -2.95
C GLU A 1178 -48.37 43.01 -2.30
N ILE A 1179 -48.29 42.26 -1.20
CA ILE A 1179 -47.05 42.25 -0.42
C ILE A 1179 -45.86 41.74 -1.21
N LEU A 1180 -46.10 40.91 -2.25
CA LEU A 1180 -44.98 40.42 -3.05
C LEU A 1180 -44.52 41.45 -4.07
N ILE A 1181 -45.45 41.97 -4.87
CA ILE A 1181 -45.08 43.03 -5.78
C ILE A 1181 -44.45 44.16 -5.00
N ARG A 1182 -45.11 44.60 -3.93
CA ARG A 1182 -44.66 45.73 -3.14
C ARG A 1182 -43.30 45.45 -2.52
N LEU A 1183 -43.12 44.27 -1.95
CA LEU A 1183 -41.81 43.90 -1.45
C LEU A 1183 -40.78 44.02 -2.55
N SER A 1184 -41.16 43.72 -3.81
CA SER A 1184 -40.24 43.87 -4.93
C SER A 1184 -39.88 45.34 -5.17
N LYS A 1185 -40.89 46.21 -5.24
CA LYS A 1185 -40.59 47.62 -5.37
C LYS A 1185 -39.62 48.03 -4.29
N LEU A 1186 -39.86 47.54 -3.07
CA LEU A 1186 -39.08 47.90 -1.89
C LEU A 1186 -37.65 47.38 -1.92
N CYS A 1187 -37.45 46.20 -2.49
CA CYS A 1187 -36.08 45.70 -2.60
C CYS A 1187 -35.33 46.45 -3.70
N VAL A 1188 -36.03 46.86 -4.76
CA VAL A 1188 -35.38 47.57 -5.85
C VAL A 1188 -34.94 48.97 -5.40
N GLN A 1189 -35.83 49.69 -4.73
CA GLN A 1189 -35.47 51.02 -4.19
C GLN A 1189 -34.45 50.91 -3.05
N GLU A 1190 -34.64 49.95 -2.14
CA GLU A 1190 -33.72 49.82 -1.01
C GLU A 1190 -32.35 49.39 -1.49
N SER A 1191 -32.31 48.63 -2.59
CA SER A 1191 -31.05 48.12 -3.11
C SER A 1191 -30.13 49.26 -3.52
N ALA A 1192 -30.66 50.22 -4.28
CA ALA A 1192 -29.94 51.43 -4.66
C ALA A 1192 -30.15 52.54 -3.62
N SER A 1193 -30.06 52.13 -2.36
CA SER A 1193 -30.32 52.97 -1.21
C SER A 1193 -29.20 52.71 -0.21
N VAL A 1194 -28.01 53.21 -0.54
CA VAL A 1194 -26.84 53.14 0.32
C VAL A 1194 -26.14 51.79 0.18
N ARG A 1195 -24.87 51.75 0.61
CA ARG A 1195 -24.13 50.50 0.70
C ARG A 1195 -24.38 49.81 2.05
N LYS A 1196 -24.06 50.51 3.15
CA LYS A 1196 -24.13 49.91 4.46
C LYS A 1196 -25.48 49.24 4.70
N SER A 1197 -26.54 49.73 4.04
CA SER A 1197 -27.88 49.18 4.24
C SER A 1197 -28.06 47.84 3.56
N ARG A 1198 -27.55 47.68 2.34
CA ARG A 1198 -27.62 46.38 1.72
C ARG A 1198 -26.72 45.38 2.42
N LYS A 1199 -25.60 45.80 3.01
CA LYS A 1199 -24.73 44.87 3.74
C LYS A 1199 -25.10 44.62 5.21
N GLN A 1200 -26.00 45.43 5.80
CA GLN A 1200 -26.32 45.41 7.23
C GLN A 1200 -27.42 44.43 7.64
N GLN A 1201 -28.13 43.81 6.69
CA GLN A 1201 -29.13 42.82 7.03
C GLN A 1201 -28.47 41.64 7.73
N GLN A 1202 -27.14 41.58 7.72
CA GLN A 1202 -26.33 40.66 8.50
C GLN A 1202 -26.58 39.18 8.16
N ARG A 1203 -27.06 38.87 6.93
CA ARG A 1203 -27.36 37.49 6.48
C ARG A 1203 -27.92 36.53 7.56
N LEU A 1204 -27.63 36.74 8.85
CA LEU A 1204 -28.29 35.97 9.91
C LEU A 1204 -29.79 36.19 9.91
N LEU A 1205 -30.21 37.40 9.56
CA LEU A 1205 -31.49 37.57 8.90
C LEU A 1205 -31.62 36.47 7.85
N ARG A 1206 -32.72 35.73 7.92
CA ARG A 1206 -32.88 34.57 7.07
C ARG A 1206 -32.65 34.87 5.58
N ASN A 1207 -31.87 34.02 4.91
CA ASN A 1207 -31.64 34.11 3.46
C ASN A 1207 -31.90 32.77 2.76
N MET A 1208 -31.39 31.69 3.37
CA MET A 1208 -31.52 30.35 2.80
C MET A 1208 -32.96 29.87 2.73
N GLY A 1209 -33.87 30.47 3.51
CA GLY A 1209 -35.28 30.10 3.56
C GLY A 1209 -36.20 30.80 2.55
N ALA A 1210 -35.74 31.95 2.04
CA ALA A 1210 -36.33 32.55 0.85
C ALA A 1210 -35.75 31.96 -0.44
N HIS A 1211 -34.49 31.46 -0.41
CA HIS A 1211 -33.94 30.81 -1.60
C HIS A 1211 -34.34 29.33 -1.68
N ALA A 1212 -34.44 28.64 -0.55
CA ALA A 1212 -34.99 27.30 -0.54
C ALA A 1212 -36.51 27.33 -0.51
N VAL A 1213 -37.10 28.05 0.44
CA VAL A 1213 -38.56 28.20 0.47
C VAL A 1213 -39.03 28.80 -0.84
N VAL A 1214 -38.50 29.97 -1.20
CA VAL A 1214 -38.84 30.51 -2.50
C VAL A 1214 -38.44 29.52 -3.57
N LEU A 1215 -37.35 28.78 -3.37
CA LEU A 1215 -36.78 27.98 -4.44
C LEU A 1215 -37.65 26.78 -4.80
N GLU A 1216 -38.42 26.26 -3.85
CA GLU A 1216 -39.24 25.08 -4.08
C GLU A 1216 -40.50 25.39 -4.89
N LEU A 1217 -41.14 26.54 -4.64
CA LEU A 1217 -42.29 26.94 -5.47
C LEU A 1217 -41.86 27.73 -6.71
N LEU A 1218 -40.62 28.25 -6.73
CA LEU A 1218 -40.05 29.14 -7.73
C LEU A 1218 -39.21 28.41 -8.78
N GLN A 1219 -38.52 27.33 -8.42
CA GLN A 1219 -37.91 26.50 -9.45
C GLN A 1219 -39.00 25.95 -10.37
N ILE A 1220 -40.05 25.36 -9.79
CA ILE A 1220 -41.18 24.89 -10.59
C ILE A 1220 -41.76 26.02 -11.41
N PRO A 1221 -42.13 27.16 -10.84
CA PRO A 1221 -42.72 28.24 -11.64
C PRO A 1221 -41.67 29.24 -12.12
N TYR A 1222 -41.77 29.74 -13.36
CA TYR A 1222 -40.80 30.70 -13.92
C TYR A 1222 -41.51 31.90 -14.54
N GLU A 1223 -40.79 33.03 -14.64
CA GLU A 1223 -41.35 34.29 -15.15
C GLU A 1223 -40.54 34.77 -16.35
N LYS A 1224 -41.27 35.12 -17.41
CA LYS A 1224 -40.66 35.54 -18.67
C LYS A 1224 -41.23 36.89 -19.10
N ALA A 1225 -40.53 37.59 -20.00
CA ALA A 1225 -41.01 38.89 -20.46
C ALA A 1225 -42.30 38.68 -21.26
N GLU A 1226 -43.16 39.68 -21.35
CA GLU A 1226 -42.94 41.01 -20.83
C GLU A 1226 -42.98 41.09 -19.31
N ASP A 1227 -42.17 41.99 -18.76
CA ASP A 1227 -42.25 42.36 -17.34
C ASP A 1227 -41.90 41.17 -16.45
N THR A 1228 -40.82 40.47 -16.81
CA THR A 1228 -40.41 39.31 -16.04
C THR A 1228 -40.48 39.65 -14.57
N LYS A 1229 -41.31 38.91 -13.85
CA LYS A 1229 -41.57 39.28 -12.46
C LYS A 1229 -40.38 38.93 -11.58
N MET A 1230 -39.79 37.76 -11.80
CA MET A 1230 -38.72 37.24 -10.95
C MET A 1230 -37.38 37.86 -11.35
N GLN A 1231 -37.34 39.18 -11.46
CA GLN A 1231 -36.11 39.89 -11.81
C GLN A 1231 -35.46 40.57 -10.60
N GLU A 1232 -36.27 41.02 -9.63
CA GLU A 1232 -35.81 41.85 -8.54
C GLU A 1232 -35.97 41.22 -7.16
N ILE A 1233 -36.54 40.02 -7.05
CA ILE A 1233 -36.66 39.38 -5.74
C ILE A 1233 -35.29 39.10 -5.14
N MET A 1234 -34.37 38.57 -5.94
CA MET A 1234 -32.98 38.44 -5.54
C MET A 1234 -32.05 39.38 -6.29
N ARG A 1235 -32.31 39.59 -7.60
CA ARG A 1235 -31.39 40.32 -8.48
C ARG A 1235 -31.36 41.84 -8.22
N LEU A 1236 -32.52 42.50 -8.00
CA LEU A 1236 -32.52 43.95 -7.80
C LEU A 1236 -31.73 44.31 -6.52
N ALA A 1237 -31.99 43.58 -5.43
CA ALA A 1237 -31.06 43.58 -4.32
C ALA A 1237 -29.68 43.14 -4.79
N HIS A 1238 -29.64 42.07 -5.58
CA HIS A 1238 -28.37 41.46 -5.99
C HIS A 1238 -27.58 42.31 -6.97
N GLU A 1239 -28.09 43.48 -7.39
CA GLU A 1239 -27.19 44.43 -8.02
C GLU A 1239 -26.09 44.64 -7.00
N PHE A 1240 -24.89 44.08 -7.27
CA PHE A 1240 -23.74 44.35 -6.42
C PHE A 1240 -23.61 45.86 -6.30
N LEU A 1241 -23.80 46.36 -5.09
CA LEU A 1241 -23.55 47.76 -4.72
C LEU A 1241 -23.16 48.66 -5.90
N GLN A 1242 -24.00 48.74 -6.94
CA GLN A 1242 -23.85 49.70 -8.04
C GLN A 1242 -22.47 49.74 -8.69
N ASN A 1243 -22.20 48.82 -9.61
CA ASN A 1243 -20.95 48.80 -10.38
C ASN A 1243 -19.66 48.31 -9.69
N PHE A 1244 -19.67 47.24 -8.92
CA PHE A 1244 -20.86 46.62 -8.42
C PHE A 1244 -20.48 45.90 -7.15
N CYS A 1245 -19.61 44.88 -7.17
CA CYS A 1245 -19.37 44.10 -5.96
C CYS A 1245 -18.61 44.94 -4.91
N ALA A 1246 -19.15 45.00 -3.66
CA ALA A 1246 -18.51 45.64 -2.49
C ALA A 1246 -18.43 44.66 -1.31
N GLY A 1247 -17.99 43.43 -1.57
CA GLY A 1247 -17.95 42.30 -0.66
C GLY A 1247 -18.96 41.23 -1.08
N ASN A 1248 -18.59 39.95 -0.94
CA ASN A 1248 -19.46 38.84 -1.28
C ASN A 1248 -19.89 38.05 -0.05
N GLN A 1249 -19.92 38.71 1.11
CA GLN A 1249 -20.25 38.13 2.41
C GLN A 1249 -20.56 36.65 2.31
N GLN A 1250 -21.66 36.34 1.64
CA GLN A 1250 -22.25 35.02 1.65
C GLN A 1250 -21.85 34.26 0.38
N ASN A 1251 -20.56 34.25 0.10
CA ASN A 1251 -20.07 33.80 -1.19
C ASN A 1251 -19.51 32.39 -1.19
N GLN A 1252 -19.55 31.70 -0.05
CA GLN A 1252 -19.13 30.30 0.00
C GLN A 1252 -20.08 29.47 0.85
N ALA A 1253 -20.01 29.62 2.19
CA ALA A 1253 -20.91 28.88 3.06
C ALA A 1253 -22.36 29.25 2.78
N LEU A 1254 -22.61 30.47 2.30
CA LEU A 1254 -23.98 30.94 2.13
C LEU A 1254 -24.68 30.19 1.02
N LEU A 1255 -24.06 30.11 -0.14
CA LEU A 1255 -24.64 29.34 -1.22
C LEU A 1255 -24.39 27.85 -0.93
N HIS A 1256 -24.88 27.42 0.24
CA HIS A 1256 -24.70 26.04 0.67
C HIS A 1256 -25.47 25.07 -0.21
N LYS A 1257 -26.65 25.48 -0.69
CA LYS A 1257 -27.50 24.69 -1.59
C LYS A 1257 -28.59 25.62 -2.13
N HIS A 1258 -29.28 25.22 -3.20
CA HIS A 1258 -30.21 26.15 -3.84
C HIS A 1258 -31.16 25.42 -4.82
N ILE A 1259 -32.03 26.22 -5.51
CA ILE A 1259 -33.02 25.72 -6.48
C ILE A 1259 -32.38 25.54 -7.85
N ASN A 1260 -33.06 24.77 -8.70
CA ASN A 1260 -32.47 24.34 -9.96
C ASN A 1260 -33.06 25.12 -11.11
N LEU A 1261 -32.27 25.26 -12.19
CA LEU A 1261 -32.68 25.81 -13.48
C LEU A 1261 -33.11 24.68 -14.42
N PHE A 1262 -34.15 24.93 -15.20
CA PHE A 1262 -34.78 23.86 -15.95
C PHE A 1262 -33.84 23.33 -17.01
N LEU A 1263 -33.82 22.01 -17.16
CA LEU A 1263 -32.89 21.43 -18.14
C LEU A 1263 -33.20 19.94 -18.34
N ASN A 1264 -32.32 19.27 -19.14
CA ASN A 1264 -32.29 17.88 -19.63
C ASN A 1264 -33.32 17.67 -20.72
N PRO A 1265 -34.40 16.94 -20.44
CA PRO A 1265 -35.50 16.83 -21.40
C PRO A 1265 -36.19 18.17 -21.61
N GLY A 1266 -36.50 18.47 -22.87
CA GLY A 1266 -37.05 19.79 -23.21
C GLY A 1266 -35.96 20.87 -23.36
N ILE A 1267 -36.19 22.04 -22.74
CA ILE A 1267 -35.25 23.17 -22.82
C ILE A 1267 -35.46 24.19 -21.67
N LEU A 1268 -34.53 25.15 -21.50
CA LEU A 1268 -34.50 26.07 -20.34
C LEU A 1268 -35.50 27.21 -20.51
N GLU A 1269 -35.57 28.11 -19.53
CA GLU A 1269 -36.70 29.05 -19.43
C GLU A 1269 -36.35 30.45 -19.99
N ALA A 1270 -37.39 31.32 -20.05
CA ALA A 1270 -37.33 32.67 -20.63
C ALA A 1270 -37.58 33.78 -19.58
N VAL A 1271 -37.18 35.01 -19.93
CA VAL A 1271 -36.89 36.09 -18.97
C VAL A 1271 -36.56 35.52 -17.61
N THR A 1272 -35.76 34.45 -17.61
CA THR A 1272 -34.97 34.04 -16.47
C THR A 1272 -33.55 33.68 -16.92
N MET A 1273 -33.26 33.70 -18.23
CA MET A 1273 -31.94 33.36 -18.73
C MET A 1273 -30.96 34.52 -18.58
N GLN A 1274 -31.38 35.74 -18.91
CA GLN A 1274 -30.58 36.95 -18.63
C GLN A 1274 -30.24 37.09 -17.14
N HIS A 1275 -31.25 37.39 -16.33
CA HIS A 1275 -31.04 37.57 -14.90
C HIS A 1275 -30.43 36.31 -14.29
N ILE A 1276 -30.63 35.14 -14.92
CA ILE A 1276 -30.09 33.90 -14.40
C ILE A 1276 -28.58 33.84 -14.61
N PHE A 1277 -28.10 33.97 -15.85
CA PHE A 1277 -26.65 33.93 -16.09
C PHE A 1277 -25.94 34.91 -15.18
N MET A 1278 -26.47 36.13 -15.12
CA MET A 1278 -26.01 37.06 -14.10
C MET A 1278 -26.05 36.38 -12.74
N ASN A 1279 -27.19 35.79 -12.41
CA ASN A 1279 -27.44 35.26 -11.09
C ASN A 1279 -26.47 34.12 -10.75
N ASN A 1280 -26.09 33.34 -11.76
CA ASN A 1280 -25.09 32.31 -11.61
C ASN A 1280 -23.75 32.93 -11.24
N PHE A 1281 -23.30 33.95 -11.99
CA PHE A 1281 -22.04 34.60 -11.62
C PHE A 1281 -22.09 35.27 -10.24
N GLN A 1282 -23.29 35.58 -9.69
CA GLN A 1282 -23.45 36.23 -8.38
C GLN A 1282 -23.70 35.31 -7.17
N LEU A 1283 -24.07 34.03 -7.36
CA LEU A 1283 -24.25 33.16 -6.22
C LEU A 1283 -22.93 32.89 -5.50
N CYS A 1284 -21.82 32.82 -6.24
CA CYS A 1284 -20.51 32.74 -5.60
C CYS A 1284 -19.49 33.37 -6.55
N SER A 1285 -19.06 34.60 -6.24
CA SER A 1285 -17.99 35.28 -6.98
C SER A 1285 -17.17 36.11 -5.99
N GLU A 1286 -15.83 36.07 -6.14
CA GLU A 1286 -14.93 36.74 -5.19
C GLU A 1286 -13.40 36.61 -5.38
N ILE A 1287 -12.65 37.71 -5.15
CA ILE A 1287 -11.18 37.68 -5.18
C ILE A 1287 -10.57 37.05 -3.97
N ASN A 1288 -11.27 37.06 -2.83
CA ASN A 1288 -10.74 36.40 -1.65
C ASN A 1288 -10.88 34.88 -1.73
N GLU A 1289 -11.99 34.39 -2.29
CA GLU A 1289 -12.34 32.98 -2.24
C GLU A 1289 -12.31 32.36 -3.63
N ARG A 1290 -11.45 31.35 -3.81
CA ARG A 1290 -11.43 30.62 -5.06
C ARG A 1290 -12.68 29.81 -5.28
N VAL A 1291 -13.54 29.68 -4.26
CA VAL A 1291 -14.73 28.84 -4.35
C VAL A 1291 -15.77 29.39 -5.31
N VAL A 1292 -15.52 30.58 -5.85
CA VAL A 1292 -16.56 31.32 -6.57
C VAL A 1292 -16.81 30.74 -7.97
N GLN A 1293 -15.75 30.58 -8.79
CA GLN A 1293 -15.91 30.08 -10.16
C GLN A 1293 -16.69 28.77 -10.19
N HIS A 1294 -16.40 27.84 -9.27
CA HIS A 1294 -17.19 26.62 -9.20
C HIS A 1294 -18.61 26.88 -8.67
N PHE A 1295 -18.79 27.70 -7.61
CA PHE A 1295 -20.13 27.80 -7.02
C PHE A 1295 -21.09 28.61 -7.88
N VAL A 1296 -20.56 29.35 -8.86
CA VAL A 1296 -21.34 29.92 -9.96
C VAL A 1296 -21.49 28.93 -11.12
N HIS A 1297 -20.41 28.20 -11.47
CA HIS A 1297 -20.45 27.13 -12.49
C HIS A 1297 -19.49 25.98 -12.12
N CYS A 1298 -19.78 25.29 -11.00
CA CYS A 1298 -19.08 24.06 -10.70
C CYS A 1298 -19.42 22.96 -11.70
N ILE A 1299 -20.63 23.01 -12.27
CA ILE A 1299 -21.13 21.90 -13.09
C ILE A 1299 -20.46 21.90 -14.47
N GLU A 1300 -20.38 23.06 -15.11
CA GLU A 1300 -19.81 23.22 -16.43
C GLU A 1300 -18.41 22.61 -16.55
N THR A 1301 -17.42 23.24 -15.92
CA THR A 1301 -16.04 22.81 -16.06
C THR A 1301 -15.61 23.00 -17.51
N HIS A 1302 -16.14 22.17 -18.42
CA HIS A 1302 -15.83 22.23 -19.84
C HIS A 1302 -17.03 22.20 -20.80
N GLY A 1303 -18.20 21.65 -20.40
CA GLY A 1303 -19.42 21.59 -21.21
C GLY A 1303 -20.43 22.73 -21.05
N ARG A 1304 -20.16 23.72 -20.18
CA ARG A 1304 -21.09 24.85 -19.96
C ARG A 1304 -21.64 25.36 -21.26
N ASN A 1305 -20.74 25.60 -22.21
CA ASN A 1305 -21.08 26.31 -23.44
C ASN A 1305 -22.32 25.71 -24.07
N VAL A 1306 -22.45 24.38 -23.99
CA VAL A 1306 -23.54 23.70 -24.70
C VAL A 1306 -24.88 24.35 -24.38
N GLN A 1307 -25.19 24.49 -23.09
CA GLN A 1307 -26.52 24.94 -22.69
C GLN A 1307 -26.90 26.25 -23.36
N TYR A 1308 -25.92 27.14 -23.57
CA TYR A 1308 -26.16 28.38 -24.30
C TYR A 1308 -26.13 28.17 -25.81
N ILE A 1309 -25.14 27.42 -26.31
CA ILE A 1309 -25.16 27.00 -27.70
C ILE A 1309 -26.31 26.03 -27.95
N LYS A 1310 -26.87 25.43 -26.89
CA LYS A 1310 -28.00 24.50 -26.97
C LYS A 1310 -29.33 25.26 -26.84
N PHE A 1311 -29.49 26.22 -27.75
CA PHE A 1311 -30.72 26.99 -27.89
C PHE A 1311 -30.88 28.07 -26.81
N LEU A 1312 -30.61 29.34 -27.16
CA LEU A 1312 -30.79 30.46 -26.26
C LEU A 1312 -32.02 31.28 -26.60
N GLN A 1313 -32.12 31.74 -27.84
CA GLN A 1313 -33.29 32.52 -28.22
C GLN A 1313 -34.56 31.70 -28.02
N THR A 1314 -34.57 30.46 -28.53
CA THR A 1314 -35.80 29.68 -28.57
C THR A 1314 -36.48 29.71 -27.22
N ILE A 1315 -35.68 29.58 -26.15
CA ILE A 1315 -36.22 29.61 -24.79
C ILE A 1315 -36.99 30.89 -24.56
N VAL A 1316 -36.37 32.02 -24.89
CA VAL A 1316 -37.05 33.28 -24.71
C VAL A 1316 -38.41 33.21 -25.40
N LYS A 1317 -38.49 32.51 -26.54
CA LYS A 1317 -39.71 32.57 -27.35
C LYS A 1317 -40.92 31.98 -26.65
N ALA A 1318 -40.80 30.80 -26.04
CA ALA A 1318 -41.98 30.02 -25.70
C ALA A 1318 -42.85 30.64 -24.60
N GLU A 1319 -42.26 31.34 -23.61
CA GLU A 1319 -43.06 31.82 -22.48
C GLU A 1319 -43.70 33.19 -22.71
N GLY A 1320 -42.98 34.09 -23.34
CA GLY A 1320 -43.49 35.42 -23.62
C GLY A 1320 -43.58 35.82 -25.09
N LYS A 1321 -43.29 34.88 -25.99
CA LYS A 1321 -43.28 35.02 -27.45
C LYS A 1321 -41.95 35.53 -27.96
N PHE A 1322 -40.97 35.81 -27.08
CA PHE A 1322 -39.70 36.49 -27.43
C PHE A 1322 -38.74 35.53 -28.13
N ILE A 1323 -37.45 35.63 -27.78
CA ILE A 1323 -36.50 34.64 -28.27
C ILE A 1323 -35.13 35.28 -28.18
N LYS A 1324 -34.71 35.88 -29.29
CA LYS A 1324 -33.41 36.53 -29.33
C LYS A 1324 -33.28 37.64 -28.30
N LYS A 1325 -34.41 38.14 -27.78
CA LYS A 1325 -34.37 39.16 -26.74
C LYS A 1325 -33.86 38.59 -25.42
N CYS A 1326 -34.37 37.42 -25.00
CA CYS A 1326 -33.89 36.81 -23.77
C CYS A 1326 -32.59 36.03 -23.95
N GLN A 1327 -32.24 35.65 -25.19
CA GLN A 1327 -30.93 35.07 -25.44
C GLN A 1327 -29.87 36.17 -25.41
N ASP A 1328 -30.13 37.27 -26.13
CA ASP A 1328 -29.22 38.41 -26.12
C ASP A 1328 -29.09 39.03 -24.72
N MET A 1329 -30.22 39.24 -24.04
CA MET A 1329 -30.15 39.62 -22.63
C MET A 1329 -29.38 38.56 -21.84
N VAL A 1330 -29.70 37.29 -22.12
CA VAL A 1330 -28.99 36.14 -21.58
C VAL A 1330 -27.48 36.27 -21.75
N MET A 1331 -27.02 37.01 -22.76
CA MET A 1331 -25.58 37.12 -22.98
C MET A 1331 -24.97 38.37 -22.36
N ALA A 1332 -25.76 39.41 -22.11
CA ALA A 1332 -25.26 40.42 -21.21
C ALA A 1332 -24.93 39.79 -19.88
N GLU A 1333 -25.94 39.22 -19.25
CA GLU A 1333 -25.68 38.67 -17.93
C GLU A 1333 -24.73 37.51 -18.02
N LEU A 1334 -24.87 36.71 -19.06
CA LEU A 1334 -23.94 35.62 -19.27
C LEU A 1334 -22.54 36.19 -19.28
N VAL A 1335 -22.40 37.36 -19.88
CA VAL A 1335 -21.14 38.02 -20.17
C VAL A 1335 -20.49 38.60 -18.92
N ASN A 1336 -19.20 38.89 -18.98
CA ASN A 1336 -18.45 39.46 -17.87
C ASN A 1336 -18.14 38.46 -16.77
N SER A 1337 -17.91 37.18 -17.10
CA SER A 1337 -17.47 36.22 -16.09
C SER A 1337 -15.95 36.23 -15.91
N GLY A 1338 -15.20 36.55 -16.98
CA GLY A 1338 -13.73 36.56 -17.00
C GLY A 1338 -12.92 37.82 -16.64
N GLU A 1339 -13.38 38.98 -17.09
CA GLU A 1339 -12.69 40.23 -16.81
C GLU A 1339 -13.30 40.99 -15.63
N ASP A 1340 -14.47 40.55 -15.14
CA ASP A 1340 -15.17 41.15 -13.99
C ASP A 1340 -15.37 40.08 -12.91
N VAL A 1341 -15.01 40.41 -11.66
CA VAL A 1341 -14.84 39.39 -10.62
C VAL A 1341 -13.88 38.34 -11.18
N LEU A 1342 -12.89 38.80 -11.96
CA LEU A 1342 -11.89 37.90 -12.55
C LEU A 1342 -11.29 37.06 -11.46
N VAL A 1343 -11.57 37.45 -10.23
CA VAL A 1343 -11.12 36.75 -9.06
C VAL A 1343 -11.98 35.51 -8.82
N PHE A 1344 -13.29 35.60 -9.07
CA PHE A 1344 -14.18 34.44 -9.10
C PHE A 1344 -13.92 33.56 -10.31
N TYR A 1345 -12.65 33.25 -10.57
CA TYR A 1345 -12.26 32.61 -11.82
C TYR A 1345 -10.86 31.98 -11.77
N ASN A 1346 -9.81 32.81 -11.82
CA ASN A 1346 -8.43 32.34 -11.89
C ASN A 1346 -7.74 32.63 -10.57
N ASP A 1347 -7.35 31.56 -9.89
CA ASP A 1347 -6.70 31.58 -8.58
C ASP A 1347 -6.57 30.13 -8.13
N ARG A 1348 -7.59 29.34 -8.43
CA ARG A 1348 -7.56 27.89 -8.40
C ARG A 1348 -7.59 27.39 -9.85
N ALA A 1349 -6.93 26.28 -10.11
CA ALA A 1349 -6.75 25.78 -11.46
C ALA A 1349 -7.77 24.68 -11.79
N SER A 1350 -8.62 24.93 -12.78
CA SER A 1350 -9.61 23.94 -13.27
C SER A 1350 -9.65 23.98 -14.79
N PHE A 1351 -8.49 23.99 -15.42
CA PHE A 1351 -8.39 24.27 -16.83
C PHE A 1351 -8.02 23.02 -17.61
N GLN A 1352 -8.54 21.87 -17.19
CA GLN A 1352 -8.25 20.65 -17.93
C GLN A 1352 -8.84 20.68 -19.35
N THR A 1353 -10.11 21.10 -19.53
CA THR A 1353 -10.84 20.90 -20.80
C THR A 1353 -11.42 22.16 -21.45
N LEU A 1354 -10.99 23.36 -21.04
CA LEU A 1354 -11.43 24.58 -21.68
C LEU A 1354 -10.31 25.47 -22.25
N ILE A 1355 -9.04 25.08 -22.14
CA ILE A 1355 -7.95 25.96 -22.57
C ILE A 1355 -7.79 25.93 -24.10
N GLN A 1356 -8.01 24.77 -24.72
CA GLN A 1356 -7.89 24.61 -26.15
C GLN A 1356 -9.22 24.32 -26.86
N MET A 1357 -10.03 23.39 -26.32
CA MET A 1357 -11.28 23.00 -26.96
C MET A 1357 -12.39 24.01 -26.74
N MET A 1358 -12.28 24.86 -25.71
CA MET A 1358 -13.34 25.80 -25.42
C MET A 1358 -13.22 27.13 -26.19
N ARG A 1359 -12.00 27.54 -26.62
CA ARG A 1359 -11.79 28.84 -27.29
C ARG A 1359 -12.34 28.85 -28.72
N SER A 1360 -12.14 27.75 -29.45
CA SER A 1360 -12.73 27.62 -30.79
C SER A 1360 -14.22 27.24 -30.73
N GLU A 1361 -14.64 26.50 -29.68
CA GLU A 1361 -16.02 26.08 -29.55
C GLU A 1361 -16.94 27.24 -29.15
N ARG A 1362 -16.54 28.02 -28.15
CA ARG A 1362 -17.38 29.10 -27.65
C ARG A 1362 -17.88 29.93 -28.82
N ASP A 1363 -17.04 30.12 -29.84
CA ASP A 1363 -17.41 30.88 -31.02
C ASP A 1363 -18.75 30.43 -31.58
N ARG A 1364 -19.05 29.15 -31.48
CA ARG A 1364 -20.36 28.68 -31.90
C ARG A 1364 -21.43 29.68 -31.50
N MET A 1365 -22.12 30.23 -32.50
CA MET A 1365 -23.27 31.12 -32.32
C MET A 1365 -23.00 32.64 -32.31
N ASP A 1366 -21.88 33.12 -32.89
CA ASP A 1366 -21.53 34.55 -32.87
C ASP A 1366 -21.92 35.27 -34.17
N GLU A 1367 -23.22 35.27 -34.49
CA GLU A 1367 -23.75 35.84 -35.74
C GLU A 1367 -24.72 36.99 -35.48
N ASN A 1368 -24.65 37.59 -34.30
CA ASN A 1368 -25.57 38.65 -33.94
C ASN A 1368 -25.21 39.93 -34.70
N SER A 1369 -26.15 40.88 -34.68
CA SER A 1369 -25.85 42.19 -35.23
C SER A 1369 -26.80 43.18 -34.59
N PRO A 1370 -26.33 44.38 -34.28
CA PRO A 1370 -27.23 45.43 -33.83
C PRO A 1370 -28.30 45.00 -32.83
N LEU A 1371 -27.98 44.18 -31.83
CA LEU A 1371 -28.98 43.71 -30.88
C LEU A 1371 -28.76 44.41 -29.54
N MET A 1372 -29.70 45.28 -29.18
CA MET A 1372 -29.66 45.94 -27.87
C MET A 1372 -29.68 44.93 -26.74
N TYR A 1373 -30.67 44.02 -26.77
CA TYR A 1373 -30.62 42.89 -25.88
C TYR A 1373 -29.28 42.20 -26.02
N HIS A 1374 -28.83 41.98 -27.26
CA HIS A 1374 -27.44 41.58 -27.43
C HIS A 1374 -26.51 42.77 -27.22
N ILE A 1375 -27.02 43.98 -27.02
CA ILE A 1375 -26.11 45.09 -26.78
C ILE A 1375 -25.54 45.01 -25.38
N HIS A 1376 -26.30 44.47 -24.42
CA HIS A 1376 -25.71 44.23 -23.11
C HIS A 1376 -24.87 42.95 -23.14
N LEU A 1377 -25.10 42.11 -24.14
CA LEU A 1377 -24.20 41.01 -24.48
C LEU A 1377 -23.18 41.41 -25.55
N VAL A 1378 -23.67 41.61 -26.78
CA VAL A 1378 -22.84 41.91 -27.96
C VAL A 1378 -22.30 43.33 -27.95
N GLU A 1379 -23.18 44.34 -27.92
CA GLU A 1379 -22.69 45.73 -27.81
C GLU A 1379 -22.07 46.02 -26.44
N LEU A 1380 -22.46 45.28 -25.40
CA LEU A 1380 -21.78 45.36 -24.12
C LEU A 1380 -20.62 44.37 -24.06
N LEU A 1381 -20.60 43.35 -24.90
CA LEU A 1381 -19.39 42.56 -25.00
C LEU A 1381 -18.18 43.47 -25.09
N ALA A 1382 -18.19 44.40 -26.04
CA ALA A 1382 -17.06 45.29 -26.17
C ALA A 1382 -16.69 45.82 -24.80
N VAL A 1383 -17.69 46.28 -24.06
CA VAL A 1383 -17.49 46.77 -22.71
C VAL A 1383 -17.86 45.69 -21.69
N CYS A 1384 -19.14 45.31 -21.63
CA CYS A 1384 -19.68 44.48 -20.55
C CYS A 1384 -19.20 43.03 -20.56
N THR A 1385 -18.93 42.45 -21.73
CA THR A 1385 -18.51 41.06 -21.81
C THR A 1385 -17.10 41.02 -22.33
N GLU A 1386 -16.18 40.48 -21.54
CA GLU A 1386 -14.78 40.64 -21.93
C GLU A 1386 -13.94 39.54 -21.29
N GLY A 1387 -12.62 39.64 -21.48
CA GLY A 1387 -11.64 38.96 -20.66
C GLY A 1387 -10.77 37.91 -21.33
N LYS A 1388 -10.96 37.62 -22.62
CA LYS A 1388 -10.32 36.44 -23.23
C LYS A 1388 -8.80 36.59 -23.37
N ASN A 1389 -8.34 37.63 -24.07
CA ASN A 1389 -6.93 37.71 -24.46
C ASN A 1389 -6.00 38.00 -23.28
N VAL A 1390 -6.43 38.87 -22.37
CA VAL A 1390 -5.64 39.16 -21.17
C VAL A 1390 -5.66 37.98 -20.19
N TYR A 1391 -6.80 37.28 -20.07
CA TYR A 1391 -6.93 36.26 -19.01
C TYR A 1391 -6.18 34.98 -19.33
N THR A 1392 -6.03 34.64 -20.61
CA THR A 1392 -5.27 33.46 -21.04
C THR A 1392 -4.06 33.91 -21.85
N GLU A 1393 -2.86 33.64 -21.32
CA GLU A 1393 -1.61 33.76 -22.07
C GLU A 1393 -0.65 32.60 -21.77
N ILE A 1394 -1.10 31.59 -21.03
CA ILE A 1394 -0.23 30.48 -20.62
C ILE A 1394 -0.23 29.34 -21.64
N LYS A 1395 -1.32 29.17 -22.41
CA LYS A 1395 -1.39 28.18 -23.49
C LYS A 1395 -1.82 28.82 -24.82
N CYS A 1396 -1.16 28.41 -25.93
CA CYS A 1396 -1.43 28.95 -27.26
C CYS A 1396 -1.56 27.78 -28.27
N ASN A 1397 -2.75 27.13 -28.29
CA ASN A 1397 -3.03 25.93 -29.09
C ASN A 1397 -4.28 26.01 -30.00
N SER A 1398 -4.95 27.17 -30.07
CA SER A 1398 -6.00 27.46 -31.06
C SER A 1398 -5.61 28.72 -31.83
N LEU A 1399 -6.26 29.02 -32.95
CA LEU A 1399 -5.84 30.19 -33.73
C LEU A 1399 -6.96 30.71 -34.62
N LEU A 1400 -6.75 31.93 -35.14
CA LEU A 1400 -7.60 32.57 -36.16
C LEU A 1400 -8.86 33.19 -35.59
N PRO A 1401 -8.97 33.34 -34.27
CA PRO A 1401 -10.21 33.96 -33.72
C PRO A 1401 -10.20 35.49 -33.80
N LEU A 1402 -9.02 36.10 -33.65
CA LEU A 1402 -8.92 37.56 -33.58
C LEU A 1402 -9.50 38.21 -34.83
N ASP A 1403 -9.44 37.52 -35.98
CA ASP A 1403 -9.91 38.08 -37.25
C ASP A 1403 -11.43 38.25 -37.27
N ASP A 1404 -12.18 37.15 -37.08
CA ASP A 1404 -13.64 37.25 -37.07
C ASP A 1404 -14.09 38.32 -36.09
N ILE A 1405 -13.50 38.32 -34.88
CA ILE A 1405 -13.84 39.36 -33.91
C ILE A 1405 -13.64 40.75 -34.53
N VAL A 1406 -12.39 41.03 -34.93
CA VAL A 1406 -12.05 42.37 -35.40
C VAL A 1406 -13.04 42.82 -36.46
N ARG A 1407 -13.49 41.88 -37.30
CA ARG A 1407 -14.50 42.23 -38.30
C ARG A 1407 -15.82 42.59 -37.64
N VAL A 1408 -16.18 41.89 -36.56
CA VAL A 1408 -17.49 42.05 -35.97
C VAL A 1408 -17.63 43.40 -35.26
N VAL A 1409 -16.54 43.94 -34.69
CA VAL A 1409 -16.67 45.20 -33.95
C VAL A 1409 -17.02 46.37 -34.87
N THR A 1410 -16.47 46.41 -36.09
CA THR A 1410 -16.73 47.49 -37.04
C THR A 1410 -18.07 47.37 -37.79
N HIS A 1411 -18.76 46.22 -37.71
CA HIS A 1411 -20.01 45.99 -38.44
C HIS A 1411 -21.24 46.53 -37.70
N GLU A 1412 -21.32 46.29 -36.37
CA GLU A 1412 -22.46 46.60 -35.50
C GLU A 1412 -22.42 48.03 -34.94
N ASP A 1413 -21.24 48.55 -34.62
CA ASP A 1413 -21.07 49.95 -34.22
C ASP A 1413 -21.35 50.19 -32.74
N CYS A 1414 -21.43 51.48 -32.39
CA CYS A 1414 -21.51 51.98 -31.03
C CYS A 1414 -21.81 53.48 -31.04
N ILE A 1415 -21.61 54.20 -29.93
CA ILE A 1415 -21.86 55.64 -29.91
C ILE A 1415 -20.76 56.35 -30.71
N PRO A 1416 -20.92 57.63 -30.99
CA PRO A 1416 -20.12 58.33 -32.01
C PRO A 1416 -18.68 58.57 -31.58
N GLU A 1417 -17.72 57.96 -32.29
CA GLU A 1417 -16.29 58.11 -31.98
C GLU A 1417 -15.91 57.44 -30.68
N VAL A 1418 -16.29 58.08 -29.56
CA VAL A 1418 -15.81 57.69 -28.24
C VAL A 1418 -16.25 56.27 -27.87
N LYS A 1419 -17.50 55.93 -28.13
CA LYS A 1419 -17.90 54.55 -27.90
C LYS A 1419 -17.28 53.64 -28.95
N ILE A 1420 -17.30 54.09 -30.21
CA ILE A 1420 -16.79 53.29 -31.32
C ILE A 1420 -15.36 52.85 -31.03
N ALA A 1421 -14.48 53.82 -30.73
CA ALA A 1421 -13.16 53.48 -30.21
C ALA A 1421 -13.27 52.68 -28.93
N TYR A 1422 -14.18 53.10 -28.04
CA TYR A 1422 -14.30 52.47 -26.74
C TYR A 1422 -14.72 51.01 -26.87
N ILE A 1423 -15.69 50.74 -27.75
CA ILE A 1423 -16.14 49.37 -27.95
C ILE A 1423 -15.05 48.51 -28.57
N ASN A 1424 -14.29 49.06 -29.53
CA ASN A 1424 -13.20 48.35 -30.20
C ASN A 1424 -11.80 48.89 -29.95
N PHE A 1425 -11.59 50.22 -29.94
CA PHE A 1425 -10.25 50.78 -29.72
C PHE A 1425 -9.82 50.69 -28.24
N LEU A 1426 -10.74 50.92 -27.28
CA LEU A 1426 -10.38 50.96 -25.86
C LEU A 1426 -10.03 49.57 -25.29
N ASN A 1427 -10.76 48.54 -25.70
CA ASN A 1427 -10.32 47.20 -25.35
C ASN A 1427 -8.92 46.95 -25.90
N HIS A 1428 -8.57 47.59 -27.03
CA HIS A 1428 -7.22 47.51 -27.58
C HIS A 1428 -6.19 48.22 -26.70
N CYS A 1429 -6.51 49.42 -26.21
CA CYS A 1429 -5.57 50.11 -25.34
C CYS A 1429 -5.36 49.34 -24.05
N TYR A 1430 -6.45 48.97 -23.39
CA TYR A 1430 -6.32 48.15 -22.19
C TYR A 1430 -5.54 46.89 -22.53
N VAL A 1431 -6.01 46.16 -23.54
CA VAL A 1431 -5.50 44.84 -23.85
C VAL A 1431 -4.08 44.90 -24.35
N ASP A 1432 -3.63 46.04 -24.83
CA ASP A 1432 -2.48 46.03 -25.69
C ASP A 1432 -1.17 45.74 -24.97
N THR A 1433 -1.20 45.62 -23.63
CA THR A 1433 0.01 45.65 -22.84
C THR A 1433 1.04 44.65 -23.31
N GLU A 1434 0.60 43.48 -23.76
CA GLU A 1434 1.52 42.36 -23.96
C GLU A 1434 2.52 42.66 -25.09
N VAL A 1435 2.03 42.92 -26.30
CA VAL A 1435 2.88 43.22 -27.45
C VAL A 1435 3.33 41.95 -28.18
N GLU A 1436 4.17 41.13 -27.54
CA GLU A 1436 4.69 39.92 -28.20
C GLU A 1436 3.62 38.84 -28.40
N MET A 1437 2.83 38.57 -27.35
CA MET A 1437 1.79 37.54 -27.41
C MET A 1437 0.76 37.84 -28.51
N LYS A 1438 0.44 39.12 -28.76
CA LYS A 1438 -0.49 39.48 -29.83
C LYS A 1438 0.11 39.22 -31.22
N GLU A 1439 1.39 39.53 -31.41
CA GLU A 1439 1.98 39.34 -32.72
C GLU A 1439 2.17 37.87 -33.05
N ILE A 1440 2.40 37.00 -32.05
CA ILE A 1440 2.64 35.58 -32.32
C ILE A 1440 1.40 34.89 -32.89
N TYR A 1441 0.21 35.33 -32.48
CA TYR A 1441 -1.06 34.78 -32.95
C TYR A 1441 -1.81 35.85 -33.75
N THR A 1442 -2.98 35.47 -34.26
CA THR A 1442 -3.87 36.36 -35.04
C THR A 1442 -3.09 37.13 -36.10
N SER A 1443 -2.52 36.36 -37.04
CA SER A 1443 -1.72 36.94 -38.11
C SER A 1443 -2.45 38.09 -38.74
N ASN A 1444 -1.81 39.25 -38.76
CA ASN A 1444 -2.48 40.45 -39.25
C ASN A 1444 -3.71 40.76 -38.39
N HIS A 1445 -3.62 40.47 -37.09
CA HIS A 1445 -4.76 40.78 -36.21
C HIS A 1445 -4.90 42.27 -35.94
N MET A 1446 -3.92 43.09 -36.33
CA MET A 1446 -3.83 44.50 -35.91
C MET A 1446 -4.72 45.38 -36.80
N TRP A 1447 -6.03 45.10 -36.79
CA TRP A 1447 -7.00 46.00 -37.43
C TRP A 1447 -7.19 47.31 -36.63
N LYS A 1448 -7.18 47.22 -35.29
CA LYS A 1448 -7.56 48.33 -34.41
C LYS A 1448 -6.65 49.56 -34.49
N LEU A 1449 -5.45 49.46 -35.08
CA LEU A 1449 -4.61 50.65 -35.27
C LEU A 1449 -5.31 51.72 -36.12
N PHE A 1450 -6.20 51.31 -37.05
CA PHE A 1450 -6.92 52.32 -37.84
C PHE A 1450 -7.94 53.06 -36.98
N GLU A 1451 -8.46 52.40 -35.95
CA GLU A 1451 -9.43 53.05 -35.08
C GLU A 1451 -8.87 54.38 -34.57
N ASN A 1452 -7.59 54.42 -34.13
CA ASN A 1452 -6.96 55.62 -33.59
C ASN A 1452 -6.94 56.78 -34.61
N PHE A 1453 -6.89 56.47 -35.91
CA PHE A 1453 -7.05 57.51 -36.91
C PHE A 1453 -8.53 57.76 -37.29
N LEU A 1454 -9.44 56.77 -37.10
CA LEU A 1454 -10.85 56.95 -37.40
C LEU A 1454 -11.79 56.70 -36.22
N VAL A 1455 -11.72 55.53 -35.57
CA VAL A 1455 -12.63 55.19 -34.48
C VAL A 1455 -12.37 56.03 -33.20
N ASP A 1456 -11.09 56.16 -32.78
CA ASP A 1456 -10.70 56.82 -31.51
C ASP A 1456 -10.77 58.33 -31.52
N ILE A 1457 -10.77 58.99 -32.69
CA ILE A 1457 -10.95 60.42 -32.78
C ILE A 1457 -12.13 60.70 -33.70
N CYS A 1458 -12.72 61.85 -33.52
CA CYS A 1458 -13.89 62.28 -34.28
C CYS A 1458 -14.13 63.76 -33.94
N ARG A 1459 -15.22 64.36 -34.46
CA ARG A 1459 -15.53 65.72 -34.04
C ARG A 1459 -16.06 65.61 -32.64
N ALA A 1460 -17.05 66.40 -32.31
CA ALA A 1460 -17.46 66.34 -30.94
C ALA A 1460 -17.94 64.94 -30.57
N CYS A 1461 -18.54 64.20 -31.48
CA CYS A 1461 -18.89 62.81 -31.22
C CYS A 1461 -18.60 61.97 -32.47
N ASN A 1462 -19.59 61.78 -33.33
CA ASN A 1462 -19.41 61.24 -34.68
C ASN A 1462 -19.83 62.32 -35.67
N ASN A 1463 -19.00 62.56 -36.67
CA ASN A 1463 -19.15 63.76 -37.49
C ASN A 1463 -19.30 64.91 -36.47
N THR A 1464 -20.31 65.76 -36.58
CA THR A 1464 -20.37 66.92 -35.69
C THR A 1464 -21.66 66.97 -34.85
N SER A 1465 -21.95 65.92 -34.07
CA SER A 1465 -23.20 65.91 -33.29
C SER A 1465 -23.12 66.82 -32.06
N ASP A 1466 -22.03 66.68 -31.26
CA ASP A 1466 -21.63 67.61 -30.18
C ASP A 1466 -22.23 67.35 -28.78
N ARG A 1467 -22.05 66.13 -28.23
CA ARG A 1467 -22.80 65.70 -27.06
C ARG A 1467 -22.10 65.94 -25.71
N LYS A 1468 -20.78 65.74 -25.60
CA LYS A 1468 -20.09 65.81 -24.31
C LYS A 1468 -19.30 67.11 -24.25
N HIS A 1469 -19.81 68.04 -23.43
CA HIS A 1469 -19.28 69.39 -23.40
C HIS A 1469 -17.85 69.40 -22.89
N ALA A 1470 -17.61 68.76 -21.76
CA ALA A 1470 -16.31 68.83 -21.13
C ALA A 1470 -15.60 67.51 -21.38
N ASP A 1471 -14.48 67.60 -22.10
CA ASP A 1471 -13.72 66.47 -22.58
C ASP A 1471 -12.34 66.34 -21.93
N SER A 1472 -11.89 67.30 -21.12
CA SER A 1472 -10.54 67.19 -20.58
C SER A 1472 -10.43 66.03 -19.59
N ILE A 1473 -11.55 65.60 -19.00
CA ILE A 1473 -11.53 64.45 -18.10
C ILE A 1473 -11.39 63.15 -18.88
N LEU A 1474 -12.26 62.93 -19.88
CA LEU A 1474 -12.19 61.71 -20.67
C LEU A 1474 -10.88 61.63 -21.47
N GLU A 1475 -10.47 62.73 -22.10
CA GLU A 1475 -9.25 62.75 -22.88
C GLU A 1475 -8.02 62.78 -21.98
N LYS A 1476 -8.14 63.42 -20.81
CA LYS A 1476 -7.06 63.44 -19.84
C LYS A 1476 -6.85 62.06 -19.21
N TYR A 1477 -7.93 61.36 -18.88
CA TYR A 1477 -7.82 59.99 -18.39
C TYR A 1477 -7.38 59.03 -19.50
N VAL A 1478 -7.75 59.31 -20.76
CA VAL A 1478 -7.35 58.46 -21.90
C VAL A 1478 -5.88 58.74 -22.32
N THR A 1479 -5.34 59.93 -22.01
CA THR A 1479 -3.91 60.22 -22.21
C THR A 1479 -3.01 59.75 -21.04
N GLU A 1480 -3.49 59.75 -19.77
CA GLU A 1480 -2.73 59.08 -18.70
C GLU A 1480 -2.82 57.55 -18.83
N ILE A 1481 -3.84 57.03 -19.55
CA ILE A 1481 -3.87 55.63 -19.98
C ILE A 1481 -3.08 55.38 -21.29
N VAL A 1482 -2.74 56.40 -22.08
CA VAL A 1482 -1.79 56.26 -23.18
C VAL A 1482 -0.33 56.40 -22.69
N MET A 1483 -0.12 56.98 -21.49
CA MET A 1483 1.15 56.92 -20.79
C MET A 1483 1.32 55.63 -19.99
N SER A 1484 0.32 55.26 -19.18
CA SER A 1484 0.39 53.96 -18.51
C SER A 1484 0.36 52.84 -19.54
N ILE A 1485 -0.36 53.05 -20.66
CA ILE A 1485 -0.33 52.12 -21.79
C ILE A 1485 0.99 52.23 -22.56
N VAL A 1486 1.49 53.46 -22.76
CA VAL A 1486 2.74 53.62 -23.51
C VAL A 1486 3.93 53.04 -22.74
N THR A 1487 3.82 52.97 -21.40
CA THR A 1487 4.97 52.68 -20.53
C THR A 1487 5.49 51.25 -20.70
N THR A 1488 4.62 50.28 -20.95
CA THR A 1488 4.99 48.87 -20.89
C THR A 1488 4.97 48.13 -22.22
N PHE A 1489 4.57 48.76 -23.32
CA PHE A 1489 4.38 48.04 -24.57
C PHE A 1489 5.60 47.20 -24.92
N PHE A 1490 6.78 47.83 -24.96
CA PHE A 1490 7.99 47.13 -25.38
C PHE A 1490 8.40 46.03 -24.40
N SER A 1491 8.25 46.25 -23.10
CA SER A 1491 8.64 45.27 -22.08
C SER A 1491 7.50 45.04 -21.10
N SER A 1492 6.28 44.89 -21.62
CA SER A 1492 5.03 44.57 -20.88
C SER A 1492 5.03 44.96 -19.39
N PRO A 1493 4.29 44.23 -18.52
CA PRO A 1493 4.21 44.29 -17.03
C PRO A 1493 3.54 43.07 -16.36
N SER B 7 30.78 -0.34 26.55
CA SER B 7 32.03 -0.01 25.88
C SER B 7 33.23 -0.70 26.51
N PHE B 8 32.99 -1.85 27.12
CA PHE B 8 34.07 -2.68 27.62
C PHE B 8 34.81 -3.29 26.45
N LEU B 9 36.14 -3.25 26.54
CA LEU B 9 37.05 -3.79 25.53
C LEU B 9 37.32 -5.26 25.82
N HIS B 10 37.35 -6.05 24.74
CA HIS B 10 37.59 -7.50 24.76
C HIS B 10 37.99 -7.94 23.34
N ILE B 11 38.68 -9.07 23.26
CA ILE B 11 39.18 -9.60 22.00
C ILE B 11 38.02 -9.92 21.08
N GLY B 12 38.25 -9.84 19.79
CA GLY B 12 37.13 -9.99 18.88
C GLY B 12 36.56 -8.72 18.31
N ASP B 13 36.38 -7.71 19.16
CA ASP B 13 35.65 -6.51 18.79
C ASP B 13 36.36 -5.90 17.60
N ILE B 14 35.73 -4.95 16.93
CA ILE B 14 36.32 -4.22 15.79
C ILE B 14 36.39 -2.73 16.18
N CYS B 15 37.31 -1.93 15.57
CA CYS B 15 37.51 -0.49 15.92
C CYS B 15 38.76 0.15 15.24
N SER B 16 38.89 1.50 15.21
CA SER B 16 39.94 2.22 14.46
C SER B 16 40.85 3.10 15.33
N LEU B 17 42.09 3.29 14.86
CA LEU B 17 43.16 4.00 15.59
C LEU B 17 43.82 5.07 14.70
N TYR B 18 44.36 6.16 15.29
CA TYR B 18 44.74 7.32 14.50
C TYR B 18 45.94 8.13 14.98
N ALA B 19 46.86 8.54 14.11
CA ALA B 19 48.12 8.88 14.64
C ALA B 19 48.15 10.20 15.40
N GLU B 20 49.18 10.33 16.22
CA GLU B 20 49.32 11.54 16.96
C GLU B 20 50.59 11.39 17.78
N GLY B 21 51.14 12.54 18.18
CA GLY B 21 52.31 12.63 19.00
C GLY B 21 53.46 13.13 18.17
N SER B 22 53.55 12.63 16.94
CA SER B 22 54.64 12.90 16.03
C SER B 22 54.08 13.22 14.66
N THR B 23 53.28 12.31 14.13
CA THR B 23 52.62 12.55 12.87
C THR B 23 51.25 11.96 12.98
N ASN B 24 50.25 12.71 12.56
CA ASN B 24 48.90 12.21 12.54
C ASN B 24 48.77 11.15 11.44
N GLY B 25 47.96 10.12 11.69
CA GLY B 25 47.84 9.01 10.75
C GLY B 25 47.58 7.68 11.42
N PHE B 26 47.86 6.60 10.68
CA PHE B 26 47.78 5.22 11.18
C PHE B 26 48.44 4.28 10.14
N ILE B 27 48.58 2.90 10.51
CA ILE B 27 49.31 1.88 9.72
C ILE B 27 48.37 1.17 8.72
N SER B 28 48.86 0.91 7.50
CA SER B 28 48.06 0.40 6.37
C SER B 28 48.90 -0.53 5.50
N THR B 29 48.22 -1.50 4.87
CA THR B 29 48.82 -2.64 4.20
C THR B 29 48.67 -2.54 2.69
N LEU B 30 49.69 -2.97 1.94
CA LEU B 30 49.71 -2.76 0.49
C LEU B 30 48.97 -3.87 -0.24
N GLY B 31 49.18 -5.10 0.16
CA GLY B 31 48.53 -6.23 -0.49
C GLY B 31 49.23 -7.53 -0.13
N LEU B 32 48.75 -8.60 -0.77
CA LEU B 32 49.18 -9.95 -0.44
C LEU B 32 50.31 -10.46 -1.35
N VAL B 33 50.33 -10.00 -2.60
CA VAL B 33 51.43 -10.34 -3.49
C VAL B 33 52.58 -9.34 -3.40
N ASP B 34 52.30 -8.07 -3.11
CA ASP B 34 53.32 -7.09 -2.75
C ASP B 34 53.07 -6.61 -1.32
N ASP B 35 53.90 -7.07 -0.37
CA ASP B 35 53.61 -6.89 1.05
C ASP B 35 54.61 -5.92 1.66
N ARG B 36 54.08 -4.86 2.27
CA ARG B 36 54.85 -3.79 2.92
C ARG B 36 53.89 -2.95 3.76
N CYS B 37 54.45 -2.03 4.56
CA CYS B 37 53.72 -1.30 5.60
C CYS B 37 53.92 0.22 5.48
N VAL B 38 52.83 0.99 5.62
CA VAL B 38 52.84 2.41 5.28
C VAL B 38 51.71 3.18 5.98
N VAL B 39 51.97 4.46 6.34
CA VAL B 39 51.05 5.32 7.12
C VAL B 39 50.98 6.73 6.51
N GLN B 40 49.86 7.44 6.76
CA GLN B 40 49.61 8.75 6.13
C GLN B 40 49.21 9.82 7.16
N PRO B 41 49.86 11.00 7.16
CA PRO B 41 49.40 12.09 8.04
C PRO B 41 48.05 12.69 7.65
N GLU B 42 47.78 12.87 6.36
CA GLU B 42 46.61 13.61 5.91
C GLU B 42 45.52 12.68 5.43
N ALA B 43 45.33 12.63 4.12
CA ALA B 43 44.33 11.78 3.50
C ALA B 43 43.32 11.30 4.52
N GLY B 44 43.64 10.23 5.25
CA GLY B 44 42.69 9.56 6.14
C GLY B 44 43.08 9.62 7.60
N ASP B 45 42.07 9.70 8.48
CA ASP B 45 42.28 9.84 9.92
C ASP B 45 41.23 8.99 10.64
N LEU B 46 41.18 9.07 11.97
CA LEU B 46 40.19 8.27 12.69
C LEU B 46 38.78 8.84 12.58
N ASN B 47 38.67 10.15 12.40
CA ASN B 47 37.38 10.70 12.00
C ASN B 47 37.06 10.38 10.55
N ASN B 48 38.08 10.09 9.75
CA ASN B 48 37.88 9.64 8.37
C ASN B 48 39.20 9.07 7.88
N PRO B 49 39.23 7.78 7.62
CA PRO B 49 40.42 7.19 7.06
C PRO B 49 40.42 7.34 5.56
N PRO B 50 41.59 7.17 4.92
CA PRO B 50 41.73 7.38 3.47
C PRO B 50 40.48 7.21 2.59
N LYS B 51 40.16 5.98 2.14
CA LYS B 51 39.02 5.74 1.24
C LYS B 51 38.28 4.39 1.37
N LYS B 52 39.01 3.24 1.38
CA LYS B 52 38.42 1.92 1.60
C LYS B 52 38.90 1.37 2.94
N PHE B 53 37.96 1.14 3.87
CA PHE B 53 38.33 0.87 5.26
C PHE B 53 38.58 -0.61 5.49
N ARG B 54 37.79 -1.46 4.82
CA ARG B 54 37.76 -2.90 5.07
C ARG B 54 39.13 -3.57 4.96
N ASP B 55 40.09 -2.90 4.34
CA ASP B 55 41.41 -3.51 4.33
C ASP B 55 42.01 -3.47 5.72
N CYS B 56 42.27 -2.25 6.20
CA CYS B 56 43.06 -2.03 7.38
C CYS B 56 42.22 -2.16 8.67
N LEU B 57 41.17 -2.96 8.64
CA LEU B 57 40.39 -3.22 9.84
C LEU B 57 41.12 -4.22 10.72
N PHE B 58 41.17 -3.93 12.02
CA PHE B 58 41.80 -4.79 13.00
C PHE B 58 40.81 -5.06 14.11
N LYS B 59 41.06 -6.14 14.84
CA LYS B 59 40.38 -6.37 16.08
C LYS B 59 41.43 -6.68 17.13
N LEU B 60 41.04 -6.68 18.40
CA LEU B 60 41.90 -7.32 19.38
C LEU B 60 41.74 -8.83 19.31
N CYS B 61 42.81 -9.51 19.72
CA CYS B 61 43.17 -10.86 19.34
C CYS B 61 44.13 -11.43 20.37
N PRO B 62 44.00 -12.71 20.73
CA PRO B 62 44.95 -13.34 21.65
C PRO B 62 46.28 -13.73 20.99
N MET B 63 47.10 -14.47 21.74
CA MET B 63 48.51 -14.71 21.42
C MET B 63 48.77 -16.15 21.01
N ASN B 64 49.71 -16.35 20.09
CA ASN B 64 49.82 -17.64 19.42
C ASN B 64 51.26 -18.11 19.37
N ARG B 65 51.65 -19.00 20.29
CA ARG B 65 53.03 -19.46 20.45
C ARG B 65 53.21 -20.85 19.85
N TYR B 66 54.05 -20.95 18.79
CA TYR B 66 54.25 -22.18 18.01
C TYR B 66 55.73 -22.58 18.00
N SER B 67 56.27 -23.03 19.13
CA SER B 67 57.57 -23.68 19.12
C SER B 67 57.60 -24.78 18.06
N ALA B 68 56.50 -25.54 17.97
CA ALA B 68 56.40 -26.70 17.08
C ALA B 68 56.45 -26.32 15.61
N GLN B 69 56.12 -25.08 15.23
CA GLN B 69 56.31 -24.73 13.83
C GLN B 69 57.74 -24.31 13.51
N LYS B 70 58.46 -23.67 14.44
CA LYS B 70 59.90 -23.56 14.24
C LYS B 70 60.49 -24.95 14.03
N GLN B 71 60.16 -25.88 14.91
CA GLN B 71 60.66 -27.23 14.76
C GLN B 71 60.21 -27.82 13.41
N PHE B 72 58.91 -28.06 13.23
CA PHE B 72 58.43 -28.70 12.03
C PHE B 72 58.98 -27.99 10.80
N TRP B 73 59.10 -26.67 10.90
CA TRP B 73 59.73 -25.82 9.90
C TRP B 73 61.21 -26.13 9.76
N LYS B 74 61.79 -26.84 10.73
CA LYS B 74 63.20 -27.18 10.65
C LYS B 74 63.46 -28.45 9.82
N ALA B 75 62.68 -29.51 10.04
CA ALA B 75 62.94 -30.75 9.30
C ALA B 75 62.57 -30.59 7.83
N ALA B 76 63.47 -31.02 6.93
CA ALA B 76 63.23 -31.00 5.48
C ALA B 76 63.28 -29.61 4.84
N ASP B 85 64.73 -38.01 10.71
CA ASP B 85 65.09 -37.28 9.50
C ASP B 85 63.91 -37.26 8.52
N ALA B 86 63.75 -38.34 7.76
CA ALA B 86 62.62 -38.47 6.85
C ALA B 86 61.30 -38.54 7.62
N VAL B 87 61.22 -39.44 8.59
CA VAL B 87 60.07 -39.50 9.47
C VAL B 87 59.98 -38.24 10.33
N LEU B 88 61.15 -37.67 10.65
CA LEU B 88 61.17 -36.51 11.53
C LEU B 88 60.25 -35.41 11.02
N LEU B 89 60.23 -35.19 9.69
CA LEU B 89 59.41 -34.11 9.14
C LEU B 89 57.92 -34.34 9.39
N ASN B 90 57.50 -35.60 9.48
CA ASN B 90 56.09 -35.88 9.69
C ASN B 90 55.70 -35.83 11.17
N LYS B 91 56.46 -36.50 12.04
CA LYS B 91 56.22 -36.29 13.48
C LYS B 91 56.19 -34.80 13.80
N LEU B 92 57.14 -34.05 13.22
CA LEU B 92 57.25 -32.61 13.47
C LEU B 92 56.03 -31.86 12.94
N HIS B 93 55.48 -32.32 11.81
CA HIS B 93 54.22 -31.74 11.32
C HIS B 93 53.11 -31.89 12.35
N HIS B 94 53.00 -33.06 12.98
CA HIS B 94 51.97 -33.24 13.99
C HIS B 94 52.16 -32.30 15.19
N ALA B 95 53.41 -32.09 15.64
CA ALA B 95 53.61 -31.13 16.74
C ALA B 95 53.25 -29.69 16.32
N ALA B 96 53.72 -29.23 15.16
CA ALA B 96 53.35 -27.89 14.70
C ALA B 96 51.84 -27.79 14.49
N ASP B 97 51.33 -28.37 13.38
CA ASP B 97 49.91 -28.29 13.04
C ASP B 97 49.08 -28.45 14.33
N LEU B 98 49.40 -29.47 15.17
CA LEU B 98 48.72 -29.60 16.46
C LEU B 98 48.86 -28.32 17.28
N GLU B 99 49.98 -27.63 17.16
CA GLU B 99 50.13 -26.39 17.91
C GLU B 99 49.13 -25.36 17.43
N LYS B 100 49.03 -25.16 16.11
CA LYS B 100 47.98 -24.27 15.59
C LYS B 100 46.61 -24.65 16.14
N LYS B 101 46.32 -25.94 16.25
CA LYS B 101 45.03 -26.32 16.82
C LYS B 101 44.92 -25.80 18.24
N GLN B 102 45.96 -26.07 19.07
CA GLN B 102 45.94 -25.56 20.45
C GLN B 102 45.46 -24.15 20.25
N ASN B 103 46.29 -23.28 19.71
CA ASN B 103 45.82 -21.90 19.64
C ASN B 103 44.34 -21.83 19.32
N GLU B 104 43.87 -22.52 18.27
CA GLU B 104 42.44 -22.40 17.97
C GLU B 104 41.58 -22.68 19.20
N THR B 105 41.90 -23.72 19.94
CA THR B 105 40.96 -24.09 21.01
C THR B 105 41.37 -23.49 22.36
N GLU B 106 42.68 -23.26 22.63
CA GLU B 106 43.27 -22.71 23.87
C GLU B 106 43.23 -21.20 23.89
N ASN B 107 43.40 -20.59 22.73
CA ASN B 107 43.12 -19.18 22.62
C ASN B 107 41.65 -18.94 22.29
N ARG B 108 40.96 -19.96 21.72
CA ARG B 108 39.55 -19.83 21.33
C ARG B 108 38.58 -19.79 22.52
N LYS B 109 39.07 -20.01 23.74
CA LYS B 109 38.14 -20.05 24.85
C LYS B 109 37.51 -18.70 25.10
N LEU B 110 38.26 -17.62 24.82
CA LEU B 110 37.83 -16.25 25.10
C LEU B 110 37.65 -15.47 23.80
N LEU B 111 36.38 -15.33 23.39
CA LEU B 111 36.03 -14.42 22.30
C LEU B 111 36.63 -13.05 22.52
N GLY B 112 36.59 -12.55 23.75
CA GLY B 112 37.26 -11.29 24.09
C GLY B 112 37.93 -11.30 25.44
N THR B 113 39.06 -10.59 25.53
CA THR B 113 39.81 -10.39 26.77
C THR B 113 39.72 -8.94 27.19
N VAL B 114 39.24 -8.70 28.41
CA VAL B 114 39.41 -7.39 29.05
C VAL B 114 40.92 -7.10 29.18
N ILE B 115 41.32 -5.84 28.95
CA ILE B 115 42.73 -5.50 28.78
C ILE B 115 43.22 -4.75 30.02
N GLN B 116 44.25 -5.29 30.66
CA GLN B 116 44.84 -4.65 31.83
C GLN B 116 46.07 -3.82 31.53
N TYR B 117 46.87 -4.20 30.52
CA TYR B 117 48.09 -3.54 30.03
C TYR B 117 49.35 -4.19 30.59
N GLY B 118 49.25 -5.11 31.54
CA GLY B 118 50.38 -5.89 32.05
C GLY B 118 50.49 -7.30 31.52
N ASN B 119 49.69 -7.67 30.52
CA ASN B 119 49.74 -8.97 29.88
C ASN B 119 49.69 -8.79 28.35
N VAL B 120 50.35 -9.70 27.62
CA VAL B 120 50.44 -9.61 26.17
C VAL B 120 49.05 -9.59 25.53
N ILE B 121 48.87 -8.77 24.49
CA ILE B 121 47.65 -8.76 23.68
C ILE B 121 48.05 -8.60 22.21
N GLN B 122 47.13 -8.92 21.26
CA GLN B 122 47.44 -8.91 19.81
C GLN B 122 46.32 -8.21 19.00
N LEU B 123 46.63 -7.74 17.78
CA LEU B 123 45.68 -6.99 16.94
C LEU B 123 45.69 -7.56 15.53
N LEU B 124 44.51 -7.88 14.96
CA LEU B 124 44.42 -8.66 13.73
C LEU B 124 43.73 -7.93 12.58
N HIS B 125 44.19 -8.26 11.37
CA HIS B 125 43.85 -7.64 10.09
C HIS B 125 42.98 -8.57 9.24
N LEU B 126 41.98 -8.00 8.54
CA LEU B 126 41.01 -8.84 7.82
C LEU B 126 41.50 -9.25 6.43
N LYS B 127 42.20 -8.34 5.75
CA LYS B 127 42.54 -8.51 4.35
C LYS B 127 43.80 -9.36 4.16
N SER B 128 44.90 -8.95 4.82
CA SER B 128 46.15 -9.68 4.69
C SER B 128 46.01 -11.06 5.31
N ASN B 129 45.13 -11.21 6.30
CA ASN B 129 45.07 -12.35 7.22
C ASN B 129 46.49 -12.74 7.65
N LYS B 130 47.39 -11.73 7.66
CA LYS B 130 48.83 -11.88 7.81
C LYS B 130 49.32 -11.17 9.09
N TYR B 131 50.05 -11.92 9.94
CA TYR B 131 50.51 -11.52 11.28
C TYR B 131 52.01 -11.32 11.34
N LEU B 132 52.43 -10.07 11.22
CA LEU B 132 53.82 -9.75 10.99
C LEU B 132 54.69 -10.28 12.12
N THR B 133 55.87 -10.76 11.74
CA THR B 133 56.72 -11.59 12.57
C THR B 133 58.06 -10.93 12.72
N VAL B 134 58.50 -10.76 13.98
CA VAL B 134 59.81 -10.22 14.24
C VAL B 134 60.88 -11.06 13.56
N ASN B 135 61.88 -10.38 13.05
CA ASN B 135 62.99 -10.97 12.33
C ASN B 135 64.20 -10.50 13.12
N LYS B 136 64.41 -11.11 14.28
CA LYS B 136 65.61 -10.84 15.05
C LYS B 136 65.96 -9.37 15.07
N ARG B 137 64.96 -8.51 15.02
CA ARG B 137 65.20 -7.11 15.30
C ARG B 137 65.94 -6.43 14.16
N LEU B 138 65.58 -6.71 12.93
CA LEU B 138 66.09 -5.88 11.85
C LEU B 138 65.03 -4.84 11.54
N PRO B 139 65.36 -3.56 11.52
CA PRO B 139 64.29 -2.56 11.64
C PRO B 139 63.53 -2.23 10.36
N ALA B 140 64.26 -1.91 9.30
CA ALA B 140 63.59 -1.34 8.15
C ALA B 140 64.60 -0.97 7.09
N LEU B 141 64.25 -1.27 5.85
CA LEU B 141 65.03 -0.85 4.70
C LEU B 141 65.43 0.59 4.92
N LEU B 142 64.51 1.35 5.53
CA LEU B 142 64.69 2.76 5.77
C LEU B 142 64.61 3.10 7.25
N GLU B 143 64.95 2.20 8.15
CA GLU B 143 65.00 2.58 9.55
C GLU B 143 66.35 2.23 10.13
N LYS B 144 66.84 3.11 11.02
CA LYS B 144 68.14 2.86 11.62
C LYS B 144 68.08 1.78 12.69
N ASN B 145 67.07 1.81 13.58
CA ASN B 145 66.98 0.87 14.70
C ASN B 145 65.60 0.25 14.75
N ALA B 146 65.55 -1.05 15.11
CA ALA B 146 64.32 -1.83 15.41
C ALA B 146 64.25 -3.25 14.80
N MET B 147 63.14 -3.97 15.09
CA MET B 147 62.82 -5.31 14.58
C MET B 147 62.09 -5.21 13.25
N ARG B 148 62.25 -6.21 12.41
CA ARG B 148 61.44 -6.25 11.20
C ARG B 148 60.29 -7.20 11.32
N VAL B 149 59.15 -6.78 10.79
CA VAL B 149 57.90 -7.50 10.97
C VAL B 149 57.11 -7.02 9.77
N THR B 150 56.93 -7.88 8.77
CA THR B 150 56.55 -7.39 7.43
C THR B 150 55.44 -8.22 6.83
N LEU B 151 54.25 -8.13 7.40
CA LEU B 151 53.21 -9.06 6.99
C LEU B 151 53.80 -10.46 7.02
N ASP B 152 53.82 -11.03 8.22
CA ASP B 152 54.38 -12.36 8.39
C ASP B 152 53.35 -13.37 8.93
N GLU B 153 52.07 -13.29 8.49
CA GLU B 153 51.01 -14.33 8.52
C GLU B 153 50.32 -14.66 9.87
N ALA B 154 50.66 -15.77 10.57
CA ALA B 154 50.06 -16.05 11.87
C ALA B 154 50.84 -15.41 13.01
N GLY B 155 52.13 -15.23 12.85
CA GLY B 155 52.98 -14.76 13.92
C GLY B 155 53.60 -15.99 14.53
N ASN B 156 54.91 -15.96 14.75
CA ASN B 156 55.60 -17.05 15.43
C ASN B 156 55.41 -16.85 16.93
N GLU B 157 56.28 -17.48 17.73
CA GLU B 157 56.25 -17.32 19.18
C GLU B 157 56.70 -15.93 19.63
N GLY B 158 57.38 -15.18 18.74
CA GLY B 158 57.76 -13.81 18.95
C GLY B 158 56.67 -12.81 18.57
N SER B 159 55.44 -13.29 18.40
CA SER B 159 54.35 -12.36 18.10
C SER B 159 54.03 -11.48 19.29
N TRP B 160 54.22 -11.98 20.53
CA TRP B 160 54.05 -11.21 21.77
C TRP B 160 54.56 -9.82 21.54
N PHE B 161 53.76 -8.84 21.93
CA PHE B 161 54.14 -7.46 21.76
C PHE B 161 53.56 -6.63 22.90
N TYR B 162 54.44 -5.94 23.63
CA TYR B 162 54.05 -5.20 24.83
C TYR B 162 53.15 -4.01 24.52
N ILE B 163 52.19 -3.77 25.43
CA ILE B 163 51.27 -2.62 25.41
C ILE B 163 51.18 -2.04 26.83
N GLN B 164 51.11 -0.71 26.94
CA GLN B 164 51.36 -0.02 28.21
C GLN B 164 50.81 1.43 28.16
N PRO B 165 50.31 1.96 29.29
CA PRO B 165 49.76 3.33 29.28
C PRO B 165 50.84 4.40 29.11
N PHE B 166 50.51 5.39 28.26
CA PHE B 166 51.46 6.44 27.89
C PHE B 166 52.01 7.13 29.14
N TYR B 167 51.16 7.33 30.13
CA TYR B 167 51.43 8.23 31.24
C TYR B 167 50.88 7.58 32.49
N LYS B 168 51.04 8.26 33.61
CA LYS B 168 50.42 7.77 34.82
C LYS B 168 48.99 8.29 34.91
N LEU B 169 48.15 7.72 34.03
CA LEU B 169 46.69 7.78 34.15
C LEU B 169 46.12 6.54 34.86
N ARG B 170 46.64 5.35 34.55
CA ARG B 170 46.16 4.11 35.15
C ARG B 170 47.28 3.09 35.12
N SER B 171 47.42 2.35 36.21
CA SER B 171 48.57 1.51 36.45
C SER B 171 48.07 0.10 36.76
N ILE B 172 47.59 -0.58 35.73
CA ILE B 172 47.30 -2.01 35.85
C ILE B 172 46.22 -2.20 36.92
N GLY B 173 45.83 -3.45 37.19
CA GLY B 173 44.82 -3.72 38.19
C GLY B 173 43.40 -3.48 37.73
N ASP B 174 43.18 -3.00 36.52
CA ASP B 174 41.85 -2.65 36.07
C ASP B 174 41.70 -2.81 34.56
N SER B 175 40.43 -2.82 34.09
CA SER B 175 40.08 -3.00 32.68
C SER B 175 40.16 -1.68 31.92
N VAL B 176 40.79 -1.69 30.74
CA VAL B 176 40.87 -0.47 29.94
C VAL B 176 39.47 0.08 29.66
N VAL B 177 39.37 1.42 29.60
CA VAL B 177 38.18 2.15 29.16
C VAL B 177 38.31 2.42 27.66
N ILE B 178 37.19 2.53 26.95
CA ILE B 178 37.31 2.53 25.51
C ILE B 178 37.81 3.89 25.02
N GLY B 179 38.70 3.83 24.03
CA GLY B 179 39.24 5.02 23.39
C GLY B 179 40.53 5.55 23.99
N ASP B 180 41.68 5.03 23.56
CA ASP B 180 42.93 5.52 24.11
C ASP B 180 44.10 5.13 23.22
N LYS B 181 45.27 5.59 23.67
CA LYS B 181 46.49 5.77 22.88
C LYS B 181 47.70 5.36 23.71
N VAL B 182 48.49 4.42 23.22
CA VAL B 182 49.55 3.84 24.04
C VAL B 182 50.74 3.43 23.17
N VAL B 183 51.95 3.51 23.74
CA VAL B 183 53.19 3.12 23.04
C VAL B 183 53.24 1.61 22.86
N LEU B 184 54.08 1.14 21.93
CA LEU B 184 54.09 -0.26 21.53
C LEU B 184 55.49 -0.85 21.67
N ASN B 185 55.67 -1.79 22.58
CA ASN B 185 57.01 -2.15 23.04
C ASN B 185 57.40 -3.56 22.62
N PRO B 186 58.39 -3.84 21.72
CA PRO B 186 58.81 -5.25 21.55
C PRO B 186 59.07 -5.98 22.85
N VAL B 187 58.64 -7.25 22.90
CA VAL B 187 58.84 -8.02 24.12
C VAL B 187 60.32 -8.32 24.34
N ASN B 188 61.11 -8.40 23.26
CA ASN B 188 62.54 -8.65 23.36
C ASN B 188 63.28 -7.44 23.93
N ALA B 189 63.29 -6.32 23.18
CA ALA B 189 64.02 -5.13 23.62
C ALA B 189 63.15 -4.07 24.30
N GLY B 190 61.82 -4.22 24.33
CA GLY B 190 60.93 -3.25 24.94
C GLY B 190 60.88 -1.87 24.30
N GLN B 191 60.41 -1.76 23.02
CA GLN B 191 60.55 -0.47 22.34
C GLN B 191 59.23 -0.06 21.70
N PRO B 192 58.84 1.21 21.77
CA PRO B 192 57.66 1.65 21.04
C PRO B 192 57.58 1.12 19.60
N LEU B 193 56.36 0.73 19.17
CA LEU B 193 56.04 0.50 17.75
C LEU B 193 55.61 1.81 17.11
N HIS B 194 56.21 2.12 15.99
CA HIS B 194 56.02 3.41 15.36
C HIS B 194 55.56 3.18 13.94
N ALA B 195 54.82 4.14 13.42
CA ALA B 195 54.46 4.05 12.02
C ALA B 195 55.56 4.60 11.11
N SER B 196 56.68 5.12 11.68
CA SER B 196 57.89 5.58 10.97
C SER B 196 57.60 6.58 9.85
N SER B 197 58.63 7.31 9.37
CA SER B 197 58.42 8.33 8.34
C SER B 197 59.71 8.58 7.56
N HIS B 198 60.05 7.64 6.69
CA HIS B 198 61.26 7.80 5.92
C HIS B 198 61.00 8.18 4.47
N GLN B 199 59.80 8.70 4.18
CA GLN B 199 59.41 9.24 2.86
C GLN B 199 59.89 8.30 1.76
N LEU B 200 60.23 7.09 2.19
CA LEU B 200 60.32 5.89 1.40
C LEU B 200 60.81 6.07 -0.04
N VAL B 201 60.49 5.09 -0.91
CA VAL B 201 61.03 4.99 -2.27
C VAL B 201 59.96 4.46 -3.23
N ASP B 202 59.67 3.14 -3.16
CA ASP B 202 58.81 2.50 -4.15
C ASP B 202 57.39 3.06 -4.12
N ASN B 203 56.85 3.34 -2.93
CA ASN B 203 55.49 3.83 -2.85
C ASN B 203 55.50 5.22 -2.23
N PRO B 204 55.36 6.27 -3.02
CA PRO B 204 55.52 7.62 -2.46
C PRO B 204 54.49 7.96 -1.39
N GLY B 205 53.22 7.65 -1.63
CA GLY B 205 52.22 7.96 -0.63
C GLY B 205 52.43 7.14 0.62
N CYS B 206 53.30 6.15 0.55
CA CYS B 206 53.50 5.14 1.58
C CYS B 206 54.77 5.41 2.38
N ASN B 207 54.78 4.91 3.61
CA ASN B 207 55.77 5.35 4.58
C ASN B 207 56.11 4.19 5.49
N GLU B 208 57.38 3.91 5.66
CA GLU B 208 57.75 2.74 6.45
C GLU B 208 57.36 2.94 7.94
N VAL B 209 57.42 1.85 8.74
CA VAL B 209 56.99 1.76 10.15
C VAL B 209 58.07 1.02 10.97
N ASN B 210 58.59 1.68 12.06
CA ASN B 210 59.70 1.17 12.90
C ASN B 210 59.38 1.24 14.39
N SER B 211 59.71 0.15 15.15
CA SER B 211 59.47 0.03 16.60
C SER B 211 60.77 0.08 17.39
N VAL B 212 60.90 1.11 18.25
CA VAL B 212 62.08 1.47 19.03
C VAL B 212 61.67 2.51 20.07
N ASN B 213 62.60 3.35 20.50
CA ASN B 213 62.30 4.28 21.58
C ASN B 213 61.83 5.62 21.00
N CYS B 214 60.54 5.70 20.66
CA CYS B 214 59.94 6.97 20.19
C CYS B 214 58.53 7.16 20.79
N ASN B 215 58.19 8.40 21.15
CA ASN B 215 56.98 8.69 21.94
C ASN B 215 55.81 9.09 21.03
N THR B 216 54.78 8.26 21.00
CA THR B 216 53.60 8.37 20.13
C THR B 216 52.47 7.56 20.73
N SER B 217 51.23 8.06 20.64
CA SER B 217 50.10 7.35 21.22
C SER B 217 49.20 6.80 20.10
N TRP B 218 48.07 6.13 20.47
CA TRP B 218 47.32 5.30 19.49
C TRP B 218 45.94 5.00 20.08
N LYS B 219 44.92 5.70 19.57
CA LYS B 219 43.58 5.72 20.14
C LYS B 219 42.54 5.04 19.27
N ILE B 220 41.47 4.63 19.91
CA ILE B 220 40.44 3.80 19.30
C ILE B 220 39.09 4.51 19.35
N VAL B 221 38.58 4.89 18.19
CA VAL B 221 37.19 5.37 18.10
C VAL B 221 36.27 4.16 18.25
N LEU B 222 35.10 4.34 18.88
CA LEU B 222 34.17 3.22 19.14
C LEU B 222 34.03 2.34 17.92
N PHE B 223 33.56 1.12 18.06
CA PHE B 223 32.94 0.52 16.90
C PHE B 223 31.59 0.05 17.35
N MET B 224 31.12 -1.00 16.75
CA MET B 224 29.84 -1.52 17.17
C MET B 224 30.00 -3.02 17.40
N LYS B 225 30.39 -3.37 18.62
CA LYS B 225 30.13 -4.66 19.25
C LYS B 225 30.56 -5.82 18.36
N TRP B 226 31.33 -6.72 18.93
CA TRP B 226 31.71 -7.98 18.30
C TRP B 226 30.71 -9.10 18.57
N SER B 227 29.95 -8.98 19.66
CA SER B 227 28.94 -10.00 19.97
C SER B 227 27.92 -10.12 18.85
N ASP B 228 27.51 -8.98 18.28
CA ASP B 228 26.50 -9.00 17.23
C ASP B 228 27.02 -9.71 15.96
N ASN B 229 28.34 -9.66 15.70
CA ASN B 229 28.88 -10.41 14.58
C ASN B 229 28.94 -11.91 14.90
N LYS B 230 28.34 -12.71 14.02
CA LYS B 230 28.31 -14.15 14.21
C LYS B 230 28.34 -14.85 12.85
N ASP B 231 28.68 -16.13 12.88
CA ASP B 231 28.47 -16.99 11.71
C ASP B 231 27.07 -16.77 11.15
N ASP B 232 26.04 -16.97 11.99
CA ASP B 232 24.65 -16.94 11.56
C ASP B 232 24.26 -15.63 10.91
N ILE B 233 24.97 -14.55 11.23
CA ILE B 233 24.59 -13.22 10.81
C ILE B 233 25.84 -12.48 10.37
N LEU B 234 25.67 -11.54 9.49
CA LEU B 234 26.86 -10.82 9.08
C LEU B 234 27.10 -9.63 10.01
N LYS B 235 28.22 -8.93 9.75
CA LYS B 235 28.70 -7.90 10.66
C LYS B 235 29.29 -6.71 9.92
N GLY B 236 29.66 -5.68 10.68
CA GLY B 236 30.03 -4.41 10.09
C GLY B 236 31.30 -4.54 9.25
N GLY B 237 31.32 -3.85 8.13
CA GLY B 237 32.40 -4.18 7.21
C GLY B 237 32.26 -5.58 6.61
N ASP B 238 31.06 -5.97 6.19
CA ASP B 238 30.90 -7.27 5.58
C ASP B 238 30.47 -7.18 4.13
N VAL B 239 30.47 -8.33 3.49
CA VAL B 239 30.49 -8.32 2.06
C VAL B 239 29.60 -9.46 1.55
N VAL B 240 28.50 -9.09 0.91
CA VAL B 240 27.44 -10.01 0.53
C VAL B 240 26.82 -9.53 -0.75
N ARG B 241 26.86 -10.38 -1.75
CA ARG B 241 26.22 -10.00 -2.99
C ARG B 241 24.74 -10.37 -2.93
N LEU B 242 24.00 -9.83 -3.87
CA LEU B 242 22.55 -9.90 -3.80
C LEU B 242 22.01 -10.56 -5.07
N PHE B 243 20.71 -10.90 -5.07
CA PHE B 243 20.06 -11.73 -6.10
C PHE B 243 18.70 -11.18 -6.49
N HIS B 244 18.35 -11.01 -7.76
CA HIS B 244 17.01 -10.48 -7.67
C HIS B 244 16.00 -11.59 -7.78
N ALA B 245 14.79 -11.25 -7.35
CA ALA B 245 13.72 -12.18 -7.04
C ALA B 245 12.70 -12.16 -8.15
N GLU B 246 12.46 -10.99 -8.72
CA GLU B 246 11.62 -10.95 -9.89
C GLU B 246 12.20 -11.87 -10.98
N GLN B 247 13.52 -11.81 -11.20
CA GLN B 247 14.24 -12.49 -12.30
C GLN B 247 15.58 -12.96 -11.72
N GLU B 248 16.60 -13.16 -12.56
CA GLU B 248 17.92 -13.57 -12.09
C GLU B 248 19.04 -12.65 -12.54
N LYS B 249 18.64 -11.60 -13.28
CA LYS B 249 19.33 -10.31 -13.51
C LYS B 249 20.37 -9.92 -12.45
N PHE B 250 19.96 -9.56 -11.24
CA PHE B 250 20.93 -9.01 -10.26
C PHE B 250 21.25 -7.53 -10.46
N LEU B 251 21.58 -6.88 -9.36
CA LEU B 251 22.11 -5.56 -9.44
C LEU B 251 23.61 -5.69 -9.61
N THR B 252 24.12 -4.89 -10.53
CA THR B 252 25.50 -4.83 -10.93
C THR B 252 25.84 -3.37 -11.26
N CYS B 253 27.07 -2.97 -10.94
CA CYS B 253 27.56 -1.61 -11.17
C CYS B 253 28.67 -1.67 -12.20
N ASP B 254 28.54 -0.84 -13.26
CA ASP B 254 29.43 -0.91 -14.42
C ASP B 254 29.44 0.43 -15.18
N GLU B 255 30.56 0.70 -15.85
CA GLU B 255 30.68 1.88 -16.69
C GLU B 255 29.86 1.66 -17.98
N HIS B 256 28.93 2.56 -18.25
CA HIS B 256 28.32 2.51 -19.56
C HIS B 256 28.90 3.61 -20.40
N ARG B 257 28.27 3.90 -21.55
CA ARG B 257 28.58 5.06 -22.40
C ARG B 257 29.60 6.05 -21.80
N LYS B 258 30.62 5.52 -21.13
CA LYS B 258 31.69 6.27 -20.44
C LYS B 258 31.34 6.93 -19.10
N LYS B 259 30.28 6.50 -18.36
CA LYS B 259 30.00 6.94 -16.98
C LYS B 259 29.44 5.81 -16.13
N GLN B 260 29.96 5.71 -14.89
CA GLN B 260 29.53 4.65 -13.99
C GLN B 260 28.03 4.66 -13.89
N HIS B 261 27.47 3.49 -13.66
CA HIS B 261 26.03 3.35 -13.54
C HIS B 261 25.68 2.20 -12.61
N VAL B 262 24.45 2.25 -12.11
CA VAL B 262 23.92 1.23 -11.24
C VAL B 262 22.69 0.61 -11.88
N PHE B 263 22.71 -0.71 -12.04
CA PHE B 263 21.68 -1.41 -12.82
C PHE B 263 21.49 -2.92 -12.54
N LEU B 264 20.24 -3.37 -12.39
CA LEU B 264 19.93 -4.81 -12.39
C LEU B 264 20.35 -5.45 -13.71
N ARG B 265 20.83 -6.71 -13.65
CA ARG B 265 21.62 -7.33 -14.75
C ARG B 265 21.11 -8.69 -15.31
N THR B 266 20.05 -8.65 -16.16
CA THR B 266 19.28 -9.86 -16.51
C THR B 266 20.08 -11.13 -16.76
N THR B 267 21.35 -11.04 -17.16
CA THR B 267 22.19 -12.21 -17.43
C THR B 267 21.52 -13.08 -18.49
N GLY B 268 20.87 -14.15 -18.07
CA GLY B 268 20.32 -15.10 -19.02
C GLY B 268 21.45 -15.71 -19.84
N SER B 271 21.35 -21.32 -10.92
CA SER B 271 21.29 -19.87 -10.93
C SER B 271 20.87 -19.27 -9.59
N ALA B 272 19.98 -19.92 -8.85
CA ALA B 272 19.70 -19.48 -7.48
C ALA B 272 20.97 -19.53 -6.63
N THR B 273 21.81 -20.52 -6.89
CA THR B 273 23.09 -20.70 -6.20
C THR B 273 24.17 -20.93 -7.27
N SER B 274 24.72 -19.84 -7.79
CA SER B 274 25.74 -19.89 -8.84
C SER B 274 26.81 -18.85 -8.56
N ALA B 275 27.95 -18.99 -9.24
CA ALA B 275 29.09 -18.12 -9.03
C ALA B 275 29.00 -16.86 -9.90
N THR B 276 29.69 -15.82 -9.44
CA THR B 276 29.67 -14.49 -10.04
C THR B 276 31.09 -14.04 -10.40
N SER B 277 31.16 -13.28 -11.48
CA SER B 277 32.40 -12.59 -11.81
C SER B 277 32.70 -11.62 -10.69
N SER B 278 33.92 -11.69 -10.23
CA SER B 278 34.35 -10.76 -9.22
C SER B 278 34.38 -9.33 -9.76
N LYS B 279 33.23 -8.74 -10.14
CA LYS B 279 33.18 -7.34 -10.57
C LYS B 279 32.83 -6.32 -9.48
N ALA B 280 31.90 -6.62 -8.56
CA ALA B 280 31.53 -5.73 -7.45
C ALA B 280 31.25 -6.51 -6.17
N LEU B 281 32.11 -6.36 -5.16
CA LEU B 281 31.89 -6.96 -3.84
C LEU B 281 31.09 -5.97 -2.99
N TRP B 282 30.36 -6.50 -2.01
CA TRP B 282 29.38 -5.75 -1.22
C TRP B 282 29.86 -5.57 0.22
N GLU B 283 30.50 -4.42 0.50
CA GLU B 283 31.04 -4.11 1.82
C GLU B 283 30.09 -3.17 2.56
N VAL B 284 29.37 -3.73 3.55
CA VAL B 284 28.38 -3.00 4.37
C VAL B 284 29.16 -2.15 5.38
N GLU B 285 29.27 -0.83 5.16
CA GLU B 285 30.03 -0.03 6.13
C GLU B 285 29.08 0.93 6.84
N VAL B 286 29.50 1.54 7.97
CA VAL B 286 28.60 2.53 8.58
C VAL B 286 29.33 3.57 9.37
N VAL B 287 29.18 4.81 8.91
CA VAL B 287 29.10 5.94 9.82
C VAL B 287 28.17 5.54 10.95
N GLN B 288 26.85 5.49 10.71
CA GLN B 288 25.91 5.83 11.80
C GLN B 288 26.55 6.83 12.76
N HIS B 289 26.86 7.99 12.21
CA HIS B 289 27.54 9.10 12.87
C HIS B 289 29.03 8.93 12.91
N ASP B 290 29.53 7.71 12.88
CA ASP B 290 30.95 7.67 12.85
C ASP B 290 31.58 6.76 11.80
N PRO B 291 32.63 7.26 11.13
CA PRO B 291 33.28 6.45 10.08
C PRO B 291 34.00 5.21 10.63
N CYS B 292 34.62 5.32 11.81
CA CYS B 292 35.47 4.27 12.38
C CYS B 292 34.82 3.50 13.55
N ARG B 293 33.56 3.79 13.89
CA ARG B 293 32.78 3.09 14.91
C ARG B 293 31.55 2.53 14.22
N GLY B 294 31.46 1.21 14.17
CA GLY B 294 30.89 0.52 13.03
C GLY B 294 30.81 -0.99 13.25
N GLY B 295 29.62 -1.56 13.11
CA GLY B 295 29.31 -2.93 13.49
C GLY B 295 28.11 -3.34 12.68
N ALA B 296 27.50 -4.50 12.96
CA ALA B 296 26.88 -5.31 11.90
C ALA B 296 25.71 -4.66 11.19
N GLY B 297 24.82 -4.01 11.91
CA GLY B 297 23.59 -3.56 11.27
C GLY B 297 22.47 -4.38 11.84
N TYR B 298 22.41 -4.39 13.16
CA TYR B 298 21.28 -5.02 13.82
C TYR B 298 20.04 -4.19 13.61
N TRP B 299 18.98 -4.88 13.27
CA TRP B 299 17.63 -4.42 13.36
C TRP B 299 17.31 -3.51 12.18
N ASN B 300 18.23 -3.38 11.23
CA ASN B 300 18.25 -2.46 10.09
C ASN B 300 19.32 -1.44 10.41
N SER B 301 19.72 -0.62 9.43
CA SER B 301 20.59 0.46 9.84
C SER B 301 21.06 1.31 8.66
N LEU B 302 21.60 2.49 8.97
CA LEU B 302 21.88 3.57 8.03
C LEU B 302 23.27 3.42 7.41
N PHE B 303 23.42 2.43 6.50
CA PHE B 303 24.69 1.70 6.33
C PHE B 303 25.30 1.98 4.97
N ARG B 304 26.26 2.89 4.92
CA ARG B 304 26.80 3.23 3.60
C ARG B 304 27.07 1.92 2.91
N PHE B 305 26.64 1.87 1.66
CA PHE B 305 26.89 0.73 0.81
C PHE B 305 28.37 0.74 0.49
N LYS B 306 28.93 -0.39 0.17
CA LYS B 306 30.35 -0.34 -0.17
C LYS B 306 30.65 -1.31 -1.29
N HIS B 307 31.49 -0.91 -2.24
CA HIS B 307 31.88 -1.66 -3.43
C HIS B 307 33.37 -1.94 -3.37
N LEU B 308 33.77 -3.18 -3.07
CA LEU B 308 35.20 -3.44 -2.90
C LEU B 308 35.97 -3.23 -4.20
N ALA B 309 35.30 -3.29 -5.34
CA ALA B 309 35.96 -3.16 -6.64
C ALA B 309 35.96 -1.74 -7.18
N THR B 310 34.92 -0.96 -6.90
CA THR B 310 34.85 0.39 -7.44
C THR B 310 34.64 1.46 -6.38
N GLY B 311 34.09 1.14 -5.22
CA GLY B 311 33.94 2.13 -4.19
C GLY B 311 32.86 3.16 -4.48
N HIS B 312 31.67 2.68 -4.85
CA HIS B 312 30.56 3.56 -5.16
C HIS B 312 29.27 3.03 -4.57
N TYR B 313 28.42 3.96 -4.14
CA TYR B 313 27.20 3.68 -3.41
C TYR B 313 26.05 4.12 -4.28
N LEU B 314 25.20 3.17 -4.68
CA LEU B 314 24.07 3.56 -5.50
C LEU B 314 23.19 4.53 -4.73
N ALA B 315 22.66 5.53 -5.42
CA ALA B 315 21.76 6.43 -4.72
C ALA B 315 20.58 6.79 -5.62
N ALA B 316 19.52 7.32 -5.00
CA ALA B 316 18.30 7.73 -5.70
C ALA B 316 18.16 9.26 -5.72
N GLU B 317 17.97 9.82 -6.91
CA GLU B 317 18.05 11.26 -7.14
C GLU B 317 16.89 11.68 -8.03
N VAL B 318 16.74 13.00 -8.22
CA VAL B 318 15.60 13.53 -8.95
C VAL B 318 15.61 13.06 -10.40
N ASP B 319 16.76 13.17 -11.06
CA ASP B 319 16.80 13.03 -12.51
C ASP B 319 15.75 13.94 -13.16
N VAL B 352 8.94 10.61 -10.33
CA VAL B 352 9.98 10.76 -11.32
C VAL B 352 11.32 10.72 -10.61
N TYR B 353 11.71 9.56 -10.10
CA TYR B 353 12.98 9.40 -9.39
C TYR B 353 13.85 8.38 -10.10
N SER B 354 15.13 8.70 -10.24
CA SER B 354 16.06 7.88 -11.00
C SER B 354 17.35 7.75 -10.22
N LEU B 355 18.05 6.63 -10.41
CA LEU B 355 19.11 6.20 -9.49
C LEU B 355 20.41 5.86 -10.22
N VAL B 356 21.51 6.52 -9.81
CA VAL B 356 22.83 6.30 -10.36
C VAL B 356 23.83 6.23 -9.22
N SER B 357 25.01 5.72 -9.53
CA SER B 357 25.96 5.47 -8.46
C SER B 357 26.50 6.79 -7.93
N VAL B 358 27.13 6.73 -6.78
CA VAL B 358 27.74 7.93 -6.18
C VAL B 358 29.12 7.61 -5.59
N PRO B 359 30.13 8.47 -5.80
CA PRO B 359 31.51 8.10 -5.41
C PRO B 359 31.76 8.13 -3.93
N GLU B 360 31.04 8.99 -3.20
CA GLU B 360 31.19 9.15 -1.76
C GLU B 360 30.00 8.49 -1.06
N GLY B 361 30.28 7.72 -0.02
CA GLY B 361 29.23 6.93 0.55
C GLY B 361 28.75 7.59 1.79
N ASN B 362 29.62 8.35 2.40
CA ASN B 362 29.15 9.44 3.23
C ASN B 362 28.39 10.40 2.31
N ASP B 363 27.23 10.00 1.78
CA ASP B 363 26.47 10.90 0.92
C ASP B 363 25.01 11.03 1.34
N ILE B 364 24.47 12.23 1.09
CA ILE B 364 23.07 12.55 1.28
C ILE B 364 22.22 11.42 0.71
N SER B 365 21.65 10.60 1.62
CA SER B 365 20.80 9.48 1.24
C SER B 365 21.74 8.30 1.00
N SER B 366 22.90 8.39 1.63
CA SER B 366 23.90 7.38 1.39
C SER B 366 23.50 6.03 1.95
N ILE B 367 22.38 5.95 2.66
CA ILE B 367 21.87 4.65 3.08
C ILE B 367 20.36 4.70 3.11
N PHE B 368 19.76 3.60 2.74
CA PHE B 368 18.31 3.46 2.73
C PHE B 368 17.96 2.38 3.74
N GLU B 369 16.93 2.65 4.54
CA GLU B 369 16.51 1.71 5.56
C GLU B 369 15.94 0.44 4.93
N LEU B 370 16.29 -0.72 5.48
CA LEU B 370 15.75 -1.97 4.96
C LEU B 370 14.31 -2.15 5.40
N ASP B 371 13.52 -2.80 4.53
CA ASP B 371 12.05 -2.90 4.66
C ASP B 371 11.58 -4.36 4.55
N PRO B 372 12.10 -5.27 5.39
CA PRO B 372 11.59 -6.65 5.34
C PRO B 372 10.07 -6.69 5.37
N THR B 373 9.47 -7.35 4.38
CA THR B 373 8.09 -7.75 4.58
C THR B 373 7.98 -8.80 5.69
N THR B 374 9.00 -9.64 5.82
CA THR B 374 9.05 -10.72 6.82
C THR B 374 9.32 -10.19 8.23
N LEU B 375 8.78 -10.89 9.23
CA LEU B 375 8.79 -10.41 10.61
C LEU B 375 9.33 -11.49 11.55
N ARG B 376 10.36 -11.13 12.31
CA ARG B 376 10.86 -11.90 13.44
C ARG B 376 10.99 -10.93 14.61
N GLY B 377 10.75 -11.40 15.89
CA GLY B 377 10.14 -10.97 17.21
C GLY B 377 10.13 -9.80 18.26
N GLY B 378 11.13 -9.74 19.18
CA GLY B 378 12.12 -8.65 19.32
C GLY B 378 13.62 -8.99 19.29
N ASP B 379 14.23 -9.18 18.09
CA ASP B 379 15.58 -9.71 17.82
C ASP B 379 16.43 -8.76 16.99
N SER B 380 17.36 -8.01 17.55
CA SER B 380 18.18 -7.22 16.64
C SER B 380 18.80 -7.99 15.44
N LEU B 381 19.25 -7.25 14.41
CA LEU B 381 20.12 -7.69 13.31
C LEU B 381 19.39 -8.21 12.05
N VAL B 382 20.10 -8.96 11.18
CA VAL B 382 19.58 -9.46 9.89
C VAL B 382 20.41 -10.60 9.28
N PRO B 383 19.77 -11.64 8.59
CA PRO B 383 20.57 -12.66 7.88
C PRO B 383 20.59 -12.47 6.35
N ARG B 384 21.46 -13.20 5.68
CA ARG B 384 21.64 -13.03 4.24
C ARG B 384 20.65 -13.93 3.47
N ASN B 385 20.41 -13.57 2.21
CA ASN B 385 19.26 -14.10 1.45
C ASN B 385 17.97 -13.93 2.19
N SER B 386 17.92 -12.89 3.00
CA SER B 386 16.70 -12.64 3.75
C SER B 386 15.62 -12.09 2.85
N TYR B 387 15.99 -11.21 1.92
CA TYR B 387 14.99 -10.58 1.06
C TYR B 387 14.25 -9.52 1.89
N VAL B 388 14.01 -8.35 1.30
CA VAL B 388 13.32 -7.24 1.96
C VAL B 388 12.96 -6.17 0.90
N ARG B 389 11.89 -5.38 1.14
CA ARG B 389 11.61 -4.17 0.35
C ARG B 389 12.58 -3.07 0.74
N LEU B 390 12.55 -1.97 0.03
CA LEU B 390 13.53 -0.95 0.31
C LEU B 390 12.85 0.39 0.20
N ARG B 391 13.51 1.44 0.71
CA ARG B 391 12.99 2.81 0.65
C ARG B 391 14.14 3.81 0.85
N HIS B 392 13.96 4.99 0.26
CA HIS B 392 14.90 6.11 0.29
C HIS B 392 14.47 7.08 1.40
N LEU B 393 15.41 7.42 2.30
CA LEU B 393 15.08 8.24 3.47
C LEU B 393 14.85 9.70 3.09
N CYS B 394 15.76 10.28 2.32
CA CYS B 394 15.54 11.62 1.80
C CYS B 394 14.38 11.63 0.85
N THR B 395 14.46 10.82 -0.18
CA THR B 395 13.52 10.94 -1.26
C THR B 395 12.12 10.44 -0.86
N ASN B 396 12.04 9.35 -0.06
CA ASN B 396 10.82 8.71 0.49
C ASN B 396 10.31 7.57 -0.41
N THR B 397 10.96 7.34 -1.55
CA THR B 397 10.47 6.48 -2.63
C THR B 397 11.15 5.14 -2.56
N TRP B 398 10.43 4.09 -2.95
CA TRP B 398 10.96 2.74 -2.77
C TRP B 398 11.32 2.12 -4.12
N VAL B 399 12.23 1.13 -4.11
CA VAL B 399 12.75 0.58 -5.38
C VAL B 399 11.86 -0.60 -5.84
N HIS B 400 11.59 -0.66 -7.16
CA HIS B 400 10.49 -1.42 -7.81
C HIS B 400 11.08 -2.50 -8.68
N SER B 401 10.72 -3.76 -8.43
CA SER B 401 11.10 -4.68 -9.47
C SER B 401 10.44 -4.23 -10.77
N THR B 402 10.93 -3.14 -11.40
CA THR B 402 10.55 -2.73 -12.76
C THR B 402 11.69 -3.07 -13.72
N ASN B 403 11.40 -3.94 -14.71
CA ASN B 403 12.33 -4.43 -15.72
C ASN B 403 12.52 -3.34 -16.81
N ILE B 404 13.71 -2.74 -16.88
CA ILE B 404 13.97 -1.67 -17.86
C ILE B 404 15.46 -1.70 -18.23
N PRO B 405 15.84 -1.49 -19.53
CA PRO B 405 17.28 -1.39 -19.89
C PRO B 405 17.84 -0.02 -20.32
N ILE B 406 19.04 0.30 -19.79
CA ILE B 406 19.91 1.46 -20.13
C ILE B 406 21.00 1.14 -21.18
N ASP B 407 21.18 -0.12 -21.58
CA ASP B 407 22.09 -0.37 -22.69
C ASP B 407 21.46 0.26 -23.93
N LYS B 408 22.29 0.82 -24.80
CA LYS B 408 21.76 1.71 -25.82
C LYS B 408 21.58 1.01 -27.17
N GLU B 409 22.64 0.45 -27.72
CA GLU B 409 22.46 -0.18 -29.01
C GLU B 409 22.94 -1.62 -28.97
N GLU B 410 24.22 -1.84 -29.25
CA GLU B 410 24.86 -3.14 -29.43
C GLU B 410 23.98 -4.37 -29.23
N GLU B 411 24.45 -5.30 -28.40
CA GLU B 411 23.70 -6.50 -28.10
C GLU B 411 23.52 -6.60 -26.59
N LYS B 412 22.27 -6.85 -26.16
CA LYS B 412 21.87 -7.15 -24.79
C LYS B 412 21.93 -5.94 -23.87
N PRO B 413 20.77 -5.37 -23.46
CA PRO B 413 20.80 -4.31 -22.41
C PRO B 413 20.65 -4.81 -20.99
N VAL B 414 21.79 -4.81 -20.26
CA VAL B 414 21.80 -5.38 -18.93
C VAL B 414 21.02 -4.55 -17.92
N MET B 415 20.61 -3.33 -18.28
CA MET B 415 20.66 -2.25 -17.28
C MET B 415 19.55 -2.20 -16.23
N LEU B 416 18.44 -2.86 -16.41
CA LEU B 416 17.42 -2.98 -15.36
C LEU B 416 17.48 -2.05 -14.12
N LYS B 417 16.83 -0.87 -14.19
CA LYS B 417 16.91 0.16 -13.14
C LYS B 417 16.06 -0.14 -11.90
N ILE B 418 14.83 -0.68 -12.06
CA ILE B 418 13.97 -1.08 -10.94
C ILE B 418 13.41 0.16 -10.22
N GLY B 419 13.48 0.24 -8.87
CA GLY B 419 12.90 1.34 -8.06
C GLY B 419 11.36 1.36 -7.96
N THR B 420 10.72 1.39 -6.76
CA THR B 420 9.29 0.96 -6.66
C THR B 420 8.34 2.06 -7.15
N SER B 421 8.33 3.18 -6.48
CA SER B 421 7.87 4.38 -7.16
C SER B 421 8.61 5.51 -6.47
N PRO B 422 9.02 6.52 -7.23
CA PRO B 422 9.24 7.85 -6.66
C PRO B 422 8.18 8.29 -5.67
N LEU B 423 6.89 8.12 -5.99
CA LEU B 423 5.81 8.52 -5.09
C LEU B 423 5.66 7.54 -3.91
N LYS B 424 4.43 7.27 -3.50
CA LYS B 424 4.20 6.51 -2.27
C LYS B 424 4.82 5.14 -2.37
N GLU B 425 4.43 4.38 -3.38
CA GLU B 425 4.77 2.98 -3.42
C GLU B 425 5.65 2.71 -4.61
N GLU B 428 12.84 -3.30 -4.67
CA GLU B 428 11.97 -4.11 -3.83
C GLU B 428 12.79 -5.08 -2.99
N ALA B 429 12.84 -6.34 -3.43
CA ALA B 429 13.49 -7.41 -2.69
C ALA B 429 14.58 -8.02 -3.56
N PHE B 430 15.70 -8.43 -2.93
CA PHE B 430 16.95 -8.86 -3.57
C PHE B 430 17.74 -9.72 -2.57
N ALA B 431 18.47 -10.76 -3.04
CA ALA B 431 19.03 -11.79 -2.17
C ALA B 431 20.32 -11.32 -1.54
N ILE B 432 20.52 -11.76 -0.32
CA ILE B 432 21.34 -11.05 0.61
C ILE B 432 22.60 -11.81 0.90
N VAL B 433 22.80 -12.94 0.20
CA VAL B 433 23.80 -13.95 0.57
C VAL B 433 25.16 -13.27 0.67
N PRO B 434 26.03 -13.80 1.54
CA PRO B 434 27.38 -13.29 1.70
C PRO B 434 28.34 -14.21 0.98
N VAL B 435 29.51 -13.75 0.72
CA VAL B 435 30.51 -14.62 0.14
C VAL B 435 31.41 -15.18 1.26
N SER B 436 32.24 -16.23 0.99
CA SER B 436 33.02 -16.91 2.04
C SER B 436 34.46 -16.43 2.11
N PRO B 437 35.23 -16.81 3.14
CA PRO B 437 36.59 -16.17 3.30
C PRO B 437 37.71 -16.83 2.47
N ALA B 438 37.38 -17.86 1.71
CA ALA B 438 38.47 -18.31 0.85
C ALA B 438 38.66 -17.45 -0.41
N GLU B 439 37.52 -17.11 -1.05
CA GLU B 439 37.48 -16.48 -2.40
C GLU B 439 38.10 -15.10 -2.44
N VAL B 440 37.65 -14.18 -1.58
CA VAL B 440 38.40 -12.93 -1.42
C VAL B 440 39.89 -13.23 -1.27
N ARG B 441 40.32 -14.18 -0.42
CA ARG B 441 41.78 -14.31 -0.37
C ARG B 441 42.36 -14.48 -1.78
N ASP B 442 41.87 -15.48 -2.50
CA ASP B 442 42.36 -15.71 -3.86
C ASP B 442 42.25 -14.46 -4.71
N LEU B 443 41.09 -13.81 -4.68
CA LEU B 443 40.89 -12.60 -5.48
C LEU B 443 42.03 -11.63 -5.24
N ASP B 444 42.29 -11.33 -3.97
CA ASP B 444 43.29 -10.34 -3.60
C ASP B 444 44.67 -10.74 -4.08
N PHE B 445 44.97 -12.04 -4.08
CA PHE B 445 46.32 -12.44 -4.46
C PHE B 445 46.50 -12.41 -5.96
N ALA B 446 45.45 -12.69 -6.71
CA ALA B 446 45.50 -12.42 -8.14
C ALA B 446 45.75 -10.95 -8.39
N ASN B 447 44.96 -10.08 -7.77
CA ASN B 447 45.11 -8.68 -8.12
C ASN B 447 46.39 -8.10 -7.62
N ASP B 448 46.92 -8.63 -6.51
CA ASP B 448 48.22 -8.19 -6.03
C ASP B 448 49.33 -8.92 -6.76
N ALA B 449 48.95 -10.01 -7.38
CA ALA B 449 49.85 -10.66 -8.28
C ALA B 449 49.94 -9.75 -9.51
N SER B 450 48.91 -9.79 -10.34
CA SER B 450 48.59 -8.83 -11.40
C SER B 450 49.34 -7.50 -11.39
N LYS B 451 48.91 -6.50 -10.57
CA LYS B 451 49.72 -5.27 -10.43
C LYS B 451 51.24 -5.53 -10.19
N VAL B 452 51.68 -6.44 -9.28
CA VAL B 452 53.16 -6.54 -9.13
C VAL B 452 53.81 -6.88 -10.48
N LEU B 453 53.32 -7.92 -11.16
CA LEU B 453 53.82 -8.15 -12.51
C LEU B 453 53.81 -6.85 -13.28
N GLY B 454 52.66 -6.20 -13.32
CA GLY B 454 52.47 -5.05 -14.20
C GLY B 454 53.48 -3.94 -13.98
N SER B 455 53.70 -3.54 -12.74
CA SER B 455 54.67 -2.49 -12.52
C SER B 455 56.07 -2.98 -12.82
N ILE B 456 56.34 -4.24 -12.50
CA ILE B 456 57.59 -4.81 -12.98
C ILE B 456 57.69 -4.49 -14.46
N ALA B 457 56.59 -4.69 -15.19
CA ALA B 457 56.56 -4.57 -16.65
C ALA B 457 56.80 -3.13 -17.09
N GLY B 458 56.06 -2.20 -16.48
CA GLY B 458 56.49 -0.83 -16.35
C GLY B 458 58.00 -0.76 -16.47
N LYS B 459 58.71 -1.69 -15.76
CA LYS B 459 60.15 -1.60 -15.44
C LYS B 459 61.08 -2.45 -16.31
N LEU B 460 60.57 -3.50 -17.00
CA LEU B 460 61.36 -4.21 -18.02
C LEU B 460 61.35 -3.53 -19.40
N GLU B 461 60.22 -2.99 -19.90
CA GLU B 461 60.28 -2.20 -21.15
C GLU B 461 61.17 -0.92 -21.04
N LYS B 462 60.97 -0.06 -20.02
CA LYS B 462 61.91 1.06 -19.81
C LYS B 462 63.25 0.71 -19.12
N GLY B 463 63.28 -0.15 -18.08
CA GLY B 463 64.46 -0.28 -17.22
C GLY B 463 65.10 -1.66 -17.20
N THR B 464 65.42 -2.20 -16.02
CA THR B 464 65.85 -3.60 -15.89
C THR B 464 65.14 -4.26 -14.71
N ILE B 465 65.36 -5.57 -14.55
CA ILE B 465 64.60 -6.31 -13.55
C ILE B 465 65.09 -5.98 -12.15
N THR B 466 66.41 -5.92 -11.95
CA THR B 466 67.05 -5.59 -10.67
C THR B 466 67.28 -6.85 -9.85
N GLN B 467 68.36 -6.92 -9.05
CA GLN B 467 68.58 -8.08 -8.19
C GLN B 467 67.48 -8.23 -7.15
N ASN B 468 67.14 -7.14 -6.46
CA ASN B 468 65.99 -7.15 -5.57
C ASN B 468 64.72 -7.44 -6.37
N GLU B 469 64.37 -6.54 -7.30
CA GLU B 469 63.15 -6.73 -8.08
C GLU B 469 63.14 -8.11 -8.76
N ARG B 470 64.31 -8.65 -9.10
CA ARG B 470 64.36 -10.00 -9.68
C ARG B 470 63.98 -11.04 -8.65
N ARG B 471 64.69 -11.05 -7.51
CA ARG B 471 64.33 -11.93 -6.41
C ARG B 471 62.84 -11.86 -6.12
N SER B 472 62.22 -10.70 -6.33
CA SER B 472 60.82 -10.54 -5.96
C SER B 472 59.87 -11.09 -7.01
N VAL B 473 59.97 -10.66 -8.26
CA VAL B 473 59.28 -11.41 -9.31
C VAL B 473 59.45 -12.90 -9.05
N THR B 474 60.67 -13.41 -9.15
CA THR B 474 60.93 -14.84 -9.00
C THR B 474 60.17 -15.45 -7.80
N LYS B 475 60.29 -14.81 -6.63
CA LYS B 475 59.67 -15.36 -5.40
C LYS B 475 58.16 -15.41 -5.52
N LEU B 476 57.57 -14.38 -6.11
CA LEU B 476 56.15 -14.45 -6.41
C LEU B 476 55.87 -15.66 -7.27
N LEU B 477 56.58 -15.74 -8.40
CA LEU B 477 56.24 -16.72 -9.41
C LEU B 477 56.29 -18.11 -8.84
N GLU B 478 57.47 -18.57 -8.42
CA GLU B 478 57.40 -19.86 -7.76
C GLU B 478 56.31 -19.91 -6.69
N ASP B 479 55.87 -18.76 -6.11
CA ASP B 479 54.66 -18.90 -5.30
C ASP B 479 53.59 -19.50 -6.16
N LEU B 480 53.47 -19.01 -7.40
CA LEU B 480 52.19 -19.12 -8.13
C LEU B 480 51.91 -20.52 -8.63
N VAL B 481 52.67 -21.43 -8.11
CA VAL B 481 52.48 -22.82 -8.47
C VAL B 481 51.79 -23.49 -7.31
N TYR B 482 52.15 -23.07 -6.10
CA TYR B 482 51.73 -23.85 -4.94
C TYR B 482 50.28 -23.61 -4.60
N PHE B 483 49.89 -22.35 -4.45
CA PHE B 483 48.46 -22.14 -4.22
C PHE B 483 47.63 -22.79 -5.31
N VAL B 484 48.06 -22.65 -6.58
CA VAL B 484 47.33 -23.24 -7.70
C VAL B 484 47.77 -24.69 -7.79
N THR B 485 46.89 -25.62 -7.38
CA THR B 485 47.07 -27.07 -7.52
C THR B 485 45.79 -27.71 -7.94
N LYS B 501 44.96 -31.89 -10.12
CA LYS B 501 43.86 -31.13 -9.53
C LYS B 501 43.70 -29.64 -10.02
N PRO B 502 43.49 -29.41 -11.34
CA PRO B 502 43.48 -28.02 -11.83
C PRO B 502 42.34 -27.24 -11.21
N ASN B 503 42.63 -26.05 -10.77
CA ASN B 503 41.60 -25.17 -10.25
C ASN B 503 41.11 -24.33 -11.43
N ARG B 504 39.91 -24.61 -11.93
CA ARG B 504 39.29 -23.76 -12.98
C ARG B 504 38.98 -22.36 -12.40
N GLU B 505 38.47 -22.34 -11.16
CA GLU B 505 37.98 -21.13 -10.50
C GLU B 505 39.10 -20.14 -10.13
N ARG B 506 40.31 -20.62 -9.78
CA ARG B 506 41.45 -19.72 -9.74
C ARG B 506 41.59 -19.02 -11.10
N GLN B 507 41.37 -19.78 -12.18
CA GLN B 507 41.77 -19.42 -13.52
C GLN B 507 40.96 -18.23 -14.02
N LYS B 508 39.65 -18.25 -13.83
CA LYS B 508 38.85 -17.06 -14.13
C LYS B 508 39.35 -15.84 -13.35
N LEU B 509 39.67 -16.03 -12.07
CA LEU B 509 40.00 -14.89 -11.23
C LEU B 509 41.29 -14.22 -11.67
N MET B 510 42.33 -15.00 -11.93
CA MET B 510 43.53 -14.28 -12.36
C MET B 510 43.33 -13.74 -13.77
N ARG B 511 42.43 -14.34 -14.57
CA ARG B 511 42.26 -13.91 -15.97
C ARG B 511 41.59 -12.54 -16.07
N GLU B 512 40.58 -12.30 -15.25
CA GLU B 512 39.82 -11.08 -15.46
C GLU B 512 40.62 -9.84 -15.07
N GLN B 513 41.20 -9.84 -13.86
CA GLN B 513 42.10 -8.74 -13.45
C GLN B 513 43.46 -8.90 -14.10
N ASN B 514 43.62 -9.87 -15.00
CA ASN B 514 44.60 -9.83 -16.08
C ASN B 514 45.93 -10.48 -15.71
N ILE B 515 46.15 -10.86 -14.46
CA ILE B 515 47.48 -11.27 -13.98
C ILE B 515 48.17 -12.22 -14.96
N LEU B 516 47.52 -13.35 -15.30
CA LEU B 516 48.08 -14.21 -16.32
C LEU B 516 48.26 -13.46 -17.63
N LYS B 517 47.19 -12.84 -18.10
CA LYS B 517 47.34 -11.91 -19.21
C LYS B 517 48.44 -10.90 -18.90
N GLN B 518 48.60 -10.56 -17.61
CA GLN B 518 49.74 -9.72 -17.25
C GLN B 518 51.06 -10.41 -17.63
N ILE B 519 51.14 -11.74 -17.43
CA ILE B 519 52.41 -12.42 -17.66
C ILE B 519 52.65 -12.65 -19.13
N PHE B 520 51.61 -12.58 -19.96
CA PHE B 520 51.88 -12.63 -21.40
C PHE B 520 52.15 -11.25 -21.98
N LYS B 521 51.67 -10.19 -21.33
CA LYS B 521 51.98 -8.87 -21.84
C LYS B 521 53.39 -8.42 -21.44
N LEU B 522 53.82 -8.70 -20.21
CA LEU B 522 55.12 -8.17 -19.75
C LEU B 522 56.35 -8.76 -20.45
N LEU B 523 56.18 -9.40 -21.61
CA LEU B 523 57.31 -9.90 -22.41
C LEU B 523 57.23 -9.35 -23.83
N GLN B 524 58.21 -8.54 -24.21
CA GLN B 524 58.25 -7.94 -25.53
C GLN B 524 59.69 -7.76 -26.01
N HIS B 551 64.21 -20.39 -16.38
CA HIS B 551 64.29 -19.07 -15.75
C HIS B 551 62.89 -18.60 -15.37
N ILE B 552 62.64 -17.29 -15.51
CA ILE B 552 61.30 -16.73 -15.29
C ILE B 552 60.28 -17.40 -16.20
N CYS B 553 60.75 -17.89 -17.34
CA CYS B 553 59.91 -18.67 -18.24
C CYS B 553 59.29 -19.89 -17.53
N ARG B 554 60.09 -20.65 -16.76
CA ARG B 554 59.53 -21.76 -15.97
C ARG B 554 58.27 -21.33 -15.23
N LEU B 555 58.32 -20.15 -14.62
CA LEU B 555 57.15 -19.65 -13.92
C LEU B 555 55.97 -19.41 -14.89
N CYS B 556 56.22 -18.88 -16.09
CA CYS B 556 55.14 -18.90 -17.09
C CYS B 556 54.51 -20.30 -17.27
N TYR B 557 55.32 -21.34 -17.50
CA TYR B 557 54.76 -22.69 -17.69
C TYR B 557 53.78 -23.01 -16.58
N ARG B 558 54.16 -22.67 -15.35
CA ARG B 558 53.34 -23.07 -14.20
C ARG B 558 52.09 -22.20 -14.06
N VAL B 559 52.28 -20.88 -13.98
CA VAL B 559 51.12 -19.99 -13.85
C VAL B 559 50.12 -20.30 -14.95
N LEU B 560 50.57 -20.18 -16.21
CA LEU B 560 49.65 -20.33 -17.34
C LEU B 560 49.03 -21.71 -17.32
N ARG B 561 49.85 -22.73 -17.03
CA ARG B 561 49.32 -24.09 -17.09
C ARG B 561 48.21 -24.29 -16.07
N HIS B 562 48.39 -23.78 -14.86
CA HIS B 562 47.39 -24.09 -13.85
C HIS B 562 46.10 -23.34 -14.10
N SER B 563 46.17 -22.18 -14.76
CA SER B 563 44.98 -21.38 -15.00
C SER B 563 44.27 -21.68 -16.31
N GLN B 564 44.93 -22.29 -17.29
CA GLN B 564 44.20 -22.53 -18.55
C GLN B 564 43.47 -23.88 -18.58
N GLN B 565 43.77 -24.80 -17.65
CA GLN B 565 43.16 -26.12 -17.68
C GLN B 565 41.65 -26.00 -17.50
N ASP B 566 40.91 -26.40 -18.55
CA ASP B 566 39.43 -26.35 -18.65
C ASP B 566 38.93 -25.10 -19.32
N TYR B 567 39.80 -24.28 -19.80
CA TYR B 567 39.46 -22.95 -20.29
C TYR B 567 39.56 -23.00 -21.79
N ARG B 568 38.40 -22.99 -22.42
CA ARG B 568 38.34 -22.97 -23.86
C ARG B 568 38.96 -21.71 -24.41
N LYS B 569 38.79 -20.59 -23.71
CA LYS B 569 39.27 -19.31 -24.24
C LYS B 569 40.77 -19.34 -24.41
N ASN B 570 41.48 -20.15 -23.61
CA ASN B 570 42.93 -20.05 -23.47
C ASN B 570 43.69 -20.30 -24.78
N GLN B 571 43.06 -20.90 -25.78
CA GLN B 571 43.73 -21.09 -27.07
C GLN B 571 44.08 -19.74 -27.71
N GLU B 572 43.10 -18.83 -27.82
CA GLU B 572 43.28 -17.60 -28.58
C GLU B 572 44.29 -16.64 -27.95
N TYR B 573 44.44 -16.65 -26.63
CA TYR B 573 45.33 -15.69 -25.99
C TYR B 573 46.80 -15.97 -26.30
N ILE B 574 47.15 -17.25 -26.41
CA ILE B 574 48.51 -17.63 -26.77
C ILE B 574 48.47 -17.84 -28.28
N ALA B 575 48.54 -16.72 -29.05
CA ALA B 575 48.60 -16.69 -30.52
C ALA B 575 49.75 -15.90 -31.13
N LYS B 576 50.07 -14.72 -30.61
CA LYS B 576 51.21 -14.01 -31.17
C LYS B 576 52.55 -14.61 -30.74
N GLN B 577 52.60 -15.41 -29.66
CA GLN B 577 53.86 -15.83 -29.06
C GLN B 577 54.15 -17.33 -29.18
N PHE B 578 53.45 -18.06 -30.06
CA PHE B 578 53.67 -19.50 -30.18
C PHE B 578 55.10 -19.82 -30.61
N GLY B 579 55.68 -18.99 -31.47
CA GLY B 579 57.06 -19.20 -31.84
C GLY B 579 57.90 -19.38 -30.61
N PHE B 580 57.54 -18.65 -29.56
CA PHE B 580 58.39 -18.51 -28.40
C PHE B 580 58.92 -19.85 -27.89
N MET B 581 58.15 -20.93 -28.05
CA MET B 581 58.58 -22.19 -27.45
C MET B 581 60.06 -22.45 -27.72
N GLN B 582 60.51 -22.17 -28.97
CA GLN B 582 61.87 -22.57 -29.37
C GLN B 582 62.93 -21.91 -28.50
N LYS B 583 62.75 -20.65 -28.08
CA LYS B 583 63.76 -20.01 -27.24
C LYS B 583 63.65 -20.43 -25.78
N GLN B 584 62.45 -20.80 -25.32
CA GLN B 584 62.28 -21.26 -23.95
C GLN B 584 62.71 -22.72 -23.80
N ILE B 585 62.40 -23.54 -24.80
CA ILE B 585 62.58 -24.98 -24.68
C ILE B 585 64.05 -25.35 -24.52
N GLY B 586 64.97 -24.52 -25.01
CA GLY B 586 66.38 -24.83 -24.90
C GLY B 586 66.87 -24.93 -23.46
N TYR B 587 66.27 -24.15 -22.55
CA TYR B 587 66.74 -24.09 -21.17
C TYR B 587 66.43 -25.38 -20.41
N ASP B 588 65.20 -25.91 -20.58
CA ASP B 588 64.76 -27.18 -20.01
C ASP B 588 63.51 -27.65 -20.79
N VAL B 589 62.87 -28.74 -20.33
CA VAL B 589 61.84 -29.44 -21.11
C VAL B 589 60.41 -29.17 -20.60
N LEU B 590 60.21 -28.11 -19.80
CA LEU B 590 58.90 -27.89 -19.18
C LEU B 590 57.86 -27.24 -20.11
N ALA B 591 58.29 -26.38 -21.05
CA ALA B 591 57.35 -25.73 -21.96
C ALA B 591 56.53 -26.73 -22.75
N GLU B 592 57.06 -27.94 -22.95
CA GLU B 592 56.35 -28.93 -23.73
C GLU B 592 55.17 -29.53 -22.97
N ASP B 593 55.22 -29.57 -21.61
CA ASP B 593 54.22 -30.34 -20.87
C ASP B 593 52.81 -29.90 -21.25
N THR B 594 52.60 -28.58 -21.32
CA THR B 594 51.30 -28.04 -21.71
C THR B 594 50.75 -28.68 -23.00
N ILE B 595 51.54 -28.64 -24.09
CA ILE B 595 51.05 -29.13 -25.38
C ILE B 595 50.44 -30.52 -25.22
N THR B 596 51.13 -31.43 -24.49
CA THR B 596 50.66 -32.81 -24.34
C THR B 596 49.32 -32.84 -23.62
N ALA B 597 49.23 -32.15 -22.47
CA ALA B 597 47.94 -31.95 -21.85
C ALA B 597 47.02 -31.31 -22.88
N LEU B 598 47.51 -30.27 -23.54
CA LEU B 598 46.80 -29.70 -24.67
C LEU B 598 46.36 -30.81 -25.61
N LEU B 599 47.31 -31.59 -26.13
CA LEU B 599 46.94 -32.67 -27.03
C LEU B 599 45.73 -33.39 -26.49
N HIS B 600 45.80 -33.81 -25.23
CA HIS B 600 44.71 -34.52 -24.59
C HIS B 600 43.42 -33.72 -24.70
N ASN B 601 43.42 -32.51 -24.14
CA ASN B 601 42.23 -31.68 -24.19
C ASN B 601 42.33 -30.50 -25.15
N ASN B 602 43.52 -30.00 -25.46
CA ASN B 602 43.67 -29.00 -26.51
C ASN B 602 43.85 -29.63 -27.89
N ARG B 603 43.50 -30.91 -28.03
CA ARG B 603 43.51 -31.52 -29.36
C ARG B 603 42.78 -30.62 -30.34
N LYS B 604 43.20 -30.68 -31.59
CA LYS B 604 42.48 -30.17 -32.77
C LYS B 604 42.83 -28.73 -33.16
N LEU B 605 43.74 -28.05 -32.44
CA LEU B 605 44.07 -26.67 -32.75
C LEU B 605 45.52 -26.50 -33.10
N LEU B 606 46.42 -27.07 -32.31
CA LEU B 606 47.84 -26.87 -32.56
C LEU B 606 48.19 -27.29 -34.00
N GLU B 607 47.71 -28.46 -34.45
CA GLU B 607 48.24 -29.09 -35.65
C GLU B 607 48.18 -28.19 -36.88
N LYS B 608 47.17 -27.33 -36.96
CA LYS B 608 47.11 -26.43 -38.09
C LYS B 608 48.24 -25.43 -38.03
N HIS B 609 48.39 -24.79 -36.89
CA HIS B 609 49.47 -23.81 -36.74
C HIS B 609 50.83 -24.49 -36.82
N ILE B 610 50.90 -25.79 -36.53
CA ILE B 610 52.14 -26.46 -36.14
C ILE B 610 52.68 -27.33 -37.27
N THR B 611 51.83 -27.69 -38.21
CA THR B 611 52.30 -28.59 -39.25
C THR B 611 53.64 -28.16 -39.85
N ALA B 612 53.58 -27.35 -40.90
CA ALA B 612 54.77 -26.93 -41.63
C ALA B 612 55.83 -26.36 -40.68
N ALA B 613 55.48 -25.28 -39.97
CA ALA B 613 56.32 -24.63 -38.97
C ALA B 613 57.05 -25.77 -38.32
N GLU B 614 56.25 -26.77 -38.03
CA GLU B 614 56.68 -27.87 -37.21
C GLU B 614 57.75 -28.67 -37.90
N ILE B 615 57.71 -28.80 -39.21
CA ILE B 615 58.81 -29.48 -39.86
C ILE B 615 60.12 -28.78 -39.51
N ASP B 616 60.16 -27.47 -39.70
CA ASP B 616 61.40 -26.74 -39.49
C ASP B 616 61.81 -26.72 -38.03
N THR B 617 60.85 -26.88 -37.11
CA THR B 617 61.13 -26.87 -35.67
C THR B 617 61.14 -28.25 -34.99
N PHE B 618 61.01 -29.36 -35.72
CA PHE B 618 61.36 -30.65 -35.15
C PHE B 618 62.72 -31.10 -35.68
N VAL B 619 63.05 -30.69 -36.91
CA VAL B 619 64.45 -30.71 -37.34
C VAL B 619 65.21 -29.70 -36.51
N SER B 620 64.85 -28.44 -36.67
CA SER B 620 65.48 -27.40 -35.89
C SER B 620 65.25 -27.61 -34.40
N LEU B 621 64.04 -28.01 -33.96
CA LEU B 621 63.73 -28.05 -32.51
C LEU B 621 64.17 -29.35 -31.81
N VAL B 622 63.99 -30.51 -32.44
CA VAL B 622 64.67 -31.68 -31.91
C VAL B 622 66.14 -31.34 -31.69
N ARG B 623 66.80 -30.77 -32.72
CA ARG B 623 68.21 -30.40 -32.61
C ARG B 623 68.44 -29.35 -31.53
N LYS B 624 67.80 -28.21 -31.68
CA LYS B 624 67.94 -27.09 -30.76
C LYS B 624 67.60 -27.52 -29.34
N ASN B 625 66.58 -28.38 -29.19
CA ASN B 625 66.43 -29.14 -27.97
C ASN B 625 67.49 -30.23 -27.96
N ARG B 626 68.76 -29.81 -28.09
CA ARG B 626 69.85 -30.76 -28.26
C ARG B 626 69.94 -31.71 -27.08
N GLU B 627 69.64 -31.20 -25.88
CA GLU B 627 69.48 -32.04 -24.73
C GLU B 627 68.16 -32.80 -24.81
N PRO B 628 68.08 -33.98 -24.20
CA PRO B 628 66.89 -34.84 -24.39
C PRO B 628 65.68 -34.31 -23.63
N ARG B 629 65.16 -33.19 -24.12
CA ARG B 629 64.09 -32.52 -23.40
C ARG B 629 62.99 -32.08 -24.35
N PHE B 630 63.27 -31.09 -25.21
CA PHE B 630 62.22 -30.62 -26.09
C PHE B 630 62.00 -31.55 -27.28
N LEU B 631 63.06 -32.20 -27.78
CA LEU B 631 62.84 -33.22 -28.80
C LEU B 631 61.97 -34.35 -28.26
N ASP B 632 62.34 -34.90 -27.11
CA ASP B 632 61.59 -35.99 -26.49
C ASP B 632 60.12 -35.60 -26.24
N TYR B 633 59.90 -34.53 -25.47
CA TYR B 633 58.52 -34.15 -25.12
C TYR B 633 57.70 -33.93 -26.38
N LEU B 634 58.29 -33.29 -27.41
CA LEU B 634 57.59 -33.11 -28.66
C LEU B 634 57.08 -34.44 -29.16
N SER B 635 57.96 -35.44 -29.15
CA SER B 635 57.52 -36.78 -29.52
C SER B 635 56.28 -37.18 -28.71
N ASP B 636 56.33 -37.04 -27.39
CA ASP B 636 55.26 -37.61 -26.58
C ASP B 636 53.92 -36.92 -26.77
N LEU B 637 53.92 -35.66 -27.22
CA LEU B 637 52.69 -34.89 -27.21
C LEU B 637 51.54 -35.64 -27.88
N CYS B 638 51.76 -36.14 -29.10
CA CYS B 638 50.67 -36.61 -29.95
C CYS B 638 49.73 -37.52 -29.16
N VAL B 639 48.46 -37.55 -29.60
CA VAL B 639 47.40 -38.27 -28.88
C VAL B 639 46.10 -38.35 -29.69
N SER B 640 46.20 -38.14 -30.99
CA SER B 640 45.03 -38.15 -31.85
C SER B 640 45.33 -38.99 -33.10
N MET B 641 44.30 -39.72 -33.55
CA MET B 641 44.40 -40.39 -34.83
C MET B 641 44.65 -39.39 -35.96
N ASN B 642 43.94 -38.26 -35.95
CA ASN B 642 44.13 -37.25 -36.99
C ASN B 642 45.56 -36.73 -37.01
N LYS B 643 46.23 -36.68 -35.86
CA LYS B 643 47.61 -36.24 -35.84
C LYS B 643 48.50 -37.05 -36.76
N SER B 644 48.09 -38.26 -37.14
CA SER B 644 48.96 -39.16 -37.89
C SER B 644 49.20 -38.67 -39.31
N ILE B 645 48.16 -38.24 -40.03
CA ILE B 645 48.33 -37.80 -41.41
C ILE B 645 49.44 -36.76 -41.49
N PRO B 646 49.57 -35.83 -40.55
CA PRO B 646 50.74 -34.93 -40.60
C PRO B 646 52.07 -35.65 -40.38
N VAL B 647 52.11 -36.59 -39.41
CA VAL B 647 53.38 -37.17 -38.95
C VAL B 647 54.26 -37.63 -40.11
N THR B 648 53.66 -38.27 -41.13
CA THR B 648 54.45 -38.85 -42.22
C THR B 648 55.40 -37.83 -42.84
N GLN B 649 54.93 -36.58 -43.04
CA GLN B 649 55.75 -35.58 -43.70
C GLN B 649 57.11 -35.43 -43.00
N GLU B 650 57.11 -35.40 -41.66
CA GLU B 650 58.34 -35.14 -40.92
C GLU B 650 59.48 -36.09 -41.31
N LEU B 651 59.14 -37.32 -41.72
CA LEU B 651 60.19 -38.30 -41.99
C LEU B 651 61.19 -37.78 -43.02
N ILE B 652 60.71 -37.02 -44.01
CA ILE B 652 61.64 -36.51 -45.02
C ILE B 652 62.71 -35.67 -44.34
N CYS B 653 62.29 -34.73 -43.50
CA CYS B 653 63.25 -33.94 -42.74
C CYS B 653 64.10 -34.86 -41.88
N LYS B 654 63.49 -35.91 -41.32
CA LYS B 654 64.26 -36.96 -40.67
C LYS B 654 65.32 -37.48 -41.62
N ALA B 655 64.92 -38.05 -42.76
CA ALA B 655 65.97 -38.55 -43.66
C ALA B 655 66.97 -37.44 -43.98
N VAL B 656 66.50 -36.19 -43.97
CA VAL B 656 67.39 -35.03 -44.10
C VAL B 656 68.26 -34.91 -42.84
N LEU B 657 67.64 -34.93 -41.67
CA LEU B 657 68.32 -34.86 -40.38
C LEU B 657 68.04 -36.06 -39.47
N ASN B 658 67.91 -37.30 -40.00
CA ASN B 658 67.53 -38.45 -39.15
C ASN B 658 68.71 -39.33 -38.78
N PRO B 659 69.94 -38.85 -38.83
CA PRO B 659 71.09 -39.73 -38.55
C PRO B 659 71.09 -40.22 -37.10
N THR B 660 71.10 -41.54 -36.95
CA THR B 660 71.06 -42.17 -35.62
C THR B 660 72.40 -42.03 -34.90
N ASN B 661 73.45 -42.64 -35.44
CA ASN B 661 74.83 -42.44 -34.97
C ASN B 661 75.24 -43.35 -33.80
N ALA B 662 74.97 -44.67 -33.88
CA ALA B 662 75.21 -45.62 -32.79
C ALA B 662 76.19 -46.72 -33.22
N ASP B 663 77.23 -46.94 -32.40
CA ASP B 663 78.29 -47.91 -32.68
C ASP B 663 78.26 -49.12 -31.73
N ILE B 664 77.23 -49.26 -30.91
CA ILE B 664 77.07 -50.40 -30.04
C ILE B 664 75.95 -51.22 -30.64
N LEU B 665 76.32 -52.28 -31.34
CA LEU B 665 75.38 -53.21 -31.90
C LEU B 665 76.13 -54.41 -32.42
N ILE B 666 75.78 -55.60 -31.95
CA ILE B 666 76.50 -56.78 -32.40
C ILE B 666 76.26 -57.21 -33.84
N GLU B 667 75.06 -57.06 -34.42
CA GLU B 667 73.96 -56.22 -33.95
C GLU B 667 73.29 -56.60 -32.61
N THR B 668 72.77 -57.82 -32.48
CA THR B 668 71.92 -58.18 -31.34
C THR B 668 72.70 -58.24 -30.03
N LYS B 669 73.87 -58.90 -30.03
CA LYS B 669 74.63 -59.08 -28.79
C LYS B 669 75.11 -57.76 -28.19
N LEU B 670 75.44 -56.74 -29.02
CA LEU B 670 75.99 -55.48 -28.51
C LEU B 670 74.89 -54.51 -28.10
N VAL B 671 73.69 -54.66 -28.68
CA VAL B 671 72.51 -54.04 -28.08
C VAL B 671 72.28 -54.59 -26.69
N LEU B 672 72.24 -55.92 -26.56
CA LEU B 672 72.08 -56.53 -25.24
C LEU B 672 73.18 -56.05 -24.29
N SER B 673 74.42 -56.00 -24.79
CA SER B 673 75.55 -55.57 -23.96
C SER B 673 75.39 -54.11 -23.54
N ARG B 674 74.91 -53.26 -24.46
CA ARG B 674 74.58 -51.91 -24.09
C ARG B 674 73.58 -51.90 -22.94
N PHE B 675 72.58 -52.78 -23.00
CA PHE B 675 71.68 -52.94 -21.87
C PHE B 675 72.48 -53.17 -20.60
N GLU B 676 73.41 -54.13 -20.63
CA GLU B 676 74.23 -54.37 -19.45
C GLU B 676 74.97 -53.11 -19.03
N PHE B 677 75.49 -52.35 -20.00
CA PHE B 677 76.26 -51.16 -19.68
C PHE B 677 75.39 -50.14 -18.97
N GLU B 678 74.19 -49.90 -19.49
CA GLU B 678 73.18 -49.21 -18.70
C GLU B 678 73.14 -49.79 -17.30
N GLY B 679 73.24 -51.12 -17.19
CA GLY B 679 73.05 -51.81 -15.93
C GLY B 679 74.25 -51.85 -14.99
N VAL B 680 75.46 -51.62 -15.53
CA VAL B 680 76.69 -51.72 -14.74
C VAL B 680 77.01 -50.47 -13.94
N SER B 681 76.15 -49.44 -13.99
CA SER B 681 76.20 -48.24 -13.14
C SER B 681 77.28 -47.23 -13.53
N THR B 682 77.87 -47.34 -14.71
CA THR B 682 78.85 -46.37 -15.18
C THR B 682 78.24 -44.98 -15.32
N GLY B 683 79.09 -43.97 -15.22
CA GLY B 683 78.63 -42.64 -15.55
C GLY B 683 78.23 -42.53 -17.01
N GLU B 684 79.10 -42.96 -17.91
CA GLU B 684 78.79 -42.87 -19.34
C GLU B 684 77.98 -44.09 -19.81
N ASN B 685 78.48 -45.30 -19.58
CA ASN B 685 77.78 -46.50 -20.05
C ASN B 685 76.44 -46.69 -19.35
N ALA B 686 76.38 -46.52 -18.03
CA ALA B 686 75.10 -46.67 -17.34
C ALA B 686 74.25 -45.41 -17.46
N LEU B 687 74.78 -44.27 -17.03
CA LEU B 687 73.97 -43.06 -17.01
C LEU B 687 73.59 -42.63 -18.43
N GLU B 688 74.53 -42.69 -19.38
CA GLU B 688 74.29 -42.20 -20.75
C GLU B 688 73.61 -43.28 -21.58
N ALA B 689 72.37 -43.55 -21.19
CA ALA B 689 71.57 -44.55 -21.87
C ALA B 689 70.07 -44.43 -21.55
N GLY B 690 69.71 -44.14 -20.29
CA GLY B 690 68.32 -44.23 -19.86
C GLY B 690 67.36 -43.28 -20.57
N GLU B 691 67.75 -42.01 -20.68
CA GLU B 691 66.90 -41.03 -21.36
C GLU B 691 66.62 -41.46 -22.80
N ASP B 692 67.67 -41.67 -23.59
CA ASP B 692 67.49 -42.01 -24.99
C ASP B 692 66.69 -43.29 -25.14
N GLU B 693 66.85 -44.24 -24.20
CA GLU B 693 66.12 -45.51 -24.27
C GLU B 693 64.63 -45.34 -24.00
N GLU B 694 64.28 -44.71 -22.87
CA GLU B 694 62.86 -44.50 -22.58
C GLU B 694 62.19 -43.77 -23.73
N GLU B 695 62.78 -42.64 -24.17
CA GLU B 695 62.14 -41.83 -25.19
C GLU B 695 62.11 -42.52 -26.56
N VAL B 696 63.14 -43.30 -26.92
CA VAL B 696 63.16 -43.90 -28.25
C VAL B 696 62.23 -45.11 -28.34
N TRP B 697 62.04 -45.87 -27.24
CA TRP B 697 61.13 -47.01 -27.31
C TRP B 697 59.67 -46.58 -27.28
N LEU B 698 59.33 -45.63 -26.39
CA LEU B 698 57.95 -45.15 -26.32
C LEU B 698 57.60 -44.27 -27.54
N PHE B 699 58.47 -43.30 -27.87
CA PHE B 699 58.28 -42.47 -29.06
C PHE B 699 58.33 -43.30 -30.32
N TRP B 700 59.16 -44.34 -30.34
CA TRP B 700 59.33 -45.16 -31.52
C TRP B 700 58.16 -46.13 -31.73
N ARG B 701 57.43 -46.52 -30.66
CA ARG B 701 56.30 -47.46 -30.80
C ARG B 701 55.00 -46.71 -31.12
N ASP B 702 54.87 -46.29 -32.40
CA ASP B 702 53.75 -45.47 -32.87
C ASP B 702 53.20 -45.89 -34.23
N SER B 703 53.45 -47.11 -34.67
CA SER B 703 52.95 -47.59 -35.96
C SER B 703 51.97 -48.71 -35.69
N ASN B 704 50.85 -48.67 -36.43
CA ASN B 704 49.78 -49.63 -36.26
C ASN B 704 48.85 -49.68 -37.48
N LYS B 705 47.75 -48.90 -37.47
CA LYS B 705 46.86 -48.87 -38.62
C LYS B 705 47.61 -48.41 -39.88
N GLU B 706 48.37 -47.31 -39.78
CA GLU B 706 49.18 -46.83 -40.89
C GLU B 706 50.57 -47.46 -40.85
N ILE B 707 50.60 -48.79 -41.00
CA ILE B 707 51.82 -49.60 -40.89
C ILE B 707 52.14 -50.24 -42.24
N ARG B 708 53.30 -49.86 -42.81
CA ARG B 708 53.84 -50.39 -44.06
C ARG B 708 55.37 -50.52 -43.96
N SER B 709 56.03 -49.42 -43.62
CA SER B 709 57.46 -49.45 -43.31
C SER B 709 57.70 -50.11 -41.95
N LYS B 710 56.90 -49.70 -40.95
CA LYS B 710 57.01 -50.16 -39.57
C LYS B 710 56.57 -51.61 -39.43
N SER B 711 57.06 -52.47 -40.33
CA SER B 711 56.76 -53.89 -40.37
C SER B 711 57.92 -54.64 -41.03
N VAL B 712 58.04 -54.53 -42.37
CA VAL B 712 59.14 -55.17 -43.07
C VAL B 712 60.46 -54.72 -42.49
N ARG B 713 60.56 -53.45 -42.06
CA ARG B 713 61.85 -52.96 -41.58
C ARG B 713 62.29 -53.72 -40.33
N GLU B 714 61.36 -54.03 -39.44
CA GLU B 714 61.68 -54.89 -38.32
C GLU B 714 62.19 -56.23 -38.83
N LEU B 715 63.05 -56.86 -38.04
CA LEU B 715 63.74 -58.06 -38.50
C LEU B 715 62.95 -59.33 -38.22
N ALA B 716 63.56 -60.23 -37.45
CA ALA B 716 62.87 -61.33 -36.80
C ALA B 716 62.65 -60.93 -35.35
N GLN B 717 61.42 -61.07 -34.86
CA GLN B 717 61.10 -60.60 -33.52
C GLN B 717 62.18 -61.05 -32.55
N ASP B 718 63.00 -60.12 -32.09
CA ASP B 718 64.11 -60.44 -31.21
C ASP B 718 63.83 -59.90 -29.83
N ALA B 719 62.58 -60.00 -29.42
CA ALA B 719 62.08 -59.29 -28.25
C ALA B 719 62.22 -60.07 -26.95
N LYS B 720 63.05 -61.11 -26.91
CA LYS B 720 63.22 -61.87 -25.68
C LYS B 720 64.15 -61.16 -24.68
N GLU B 721 65.20 -60.51 -25.15
CA GLU B 721 66.15 -59.81 -24.27
C GLU B 721 65.69 -58.38 -23.98
N GLY B 722 64.40 -58.24 -23.72
CA GLY B 722 63.80 -56.93 -23.68
C GLY B 722 63.57 -56.38 -22.29
N GLN B 723 64.23 -56.93 -21.26
CA GLN B 723 64.09 -56.39 -19.91
C GLN B 723 62.61 -56.45 -19.50
N LYS B 724 61.90 -55.33 -19.35
CA LYS B 724 60.60 -55.38 -18.67
C LYS B 724 59.70 -54.27 -19.18
N GLU B 725 58.56 -54.64 -19.76
CA GLU B 725 57.52 -53.71 -20.17
C GLU B 725 57.74 -53.16 -21.55
N ASP B 726 58.63 -53.71 -22.33
CA ASP B 726 58.91 -53.06 -23.61
C ASP B 726 58.57 -53.97 -24.78
N ARG B 727 59.22 -55.13 -24.86
CA ARG B 727 59.10 -55.99 -26.01
C ARG B 727 57.64 -56.12 -26.39
N ASP B 728 56.80 -56.26 -25.38
CA ASP B 728 55.40 -56.47 -25.58
C ASP B 728 54.78 -55.32 -26.36
N ILE B 729 55.00 -54.11 -25.87
CA ILE B 729 54.48 -52.96 -26.59
C ILE B 729 54.95 -53.01 -28.04
N LEU B 730 56.26 -53.14 -28.24
CA LEU B 730 56.83 -53.00 -29.59
C LEU B 730 56.20 -53.97 -30.58
N SER B 731 56.17 -55.26 -30.25
CA SER B 731 55.60 -56.22 -31.18
C SER B 731 54.11 -55.91 -31.42
N TYR B 732 53.35 -55.63 -30.33
CA TYR B 732 51.91 -55.44 -30.48
C TYR B 732 51.59 -54.27 -31.40
N TYR B 733 52.45 -53.24 -31.43
CA TYR B 733 52.26 -52.10 -32.35
C TYR B 733 52.70 -52.41 -33.78
N ARG B 734 53.77 -53.18 -33.95
CA ARG B 734 54.22 -53.46 -35.31
C ARG B 734 53.19 -54.28 -36.09
N TYR B 735 52.73 -55.38 -35.52
CA TYR B 735 52.03 -56.37 -36.34
C TYR B 735 50.57 -55.96 -36.51
N GLN B 736 50.31 -55.20 -37.57
CA GLN B 736 48.94 -54.84 -37.93
C GLN B 736 48.59 -55.26 -39.36
N LEU B 737 49.24 -54.69 -40.37
CA LEU B 737 49.08 -54.99 -41.78
C LEU B 737 47.93 -55.93 -42.17
N ASN B 738 48.25 -57.16 -42.58
CA ASN B 738 47.27 -58.08 -43.14
C ASN B 738 46.47 -58.76 -42.07
N LEU B 739 46.59 -58.31 -40.82
CA LEU B 739 45.90 -58.92 -39.67
C LEU B 739 44.54 -58.23 -39.51
N PHE B 740 43.46 -59.01 -39.68
CA PHE B 740 42.11 -58.47 -39.63
C PHE B 740 41.12 -59.31 -38.82
N ALA B 741 41.45 -60.53 -38.44
CA ALA B 741 40.45 -61.39 -37.83
C ALA B 741 40.15 -60.83 -36.46
N ARG B 742 38.88 -60.61 -36.15
CA ARG B 742 38.51 -59.99 -34.88
C ARG B 742 37.31 -60.67 -34.19
N MET B 743 36.91 -61.85 -34.64
CA MET B 743 35.92 -62.67 -33.94
C MET B 743 34.49 -62.25 -34.28
N CYS B 744 33.83 -63.06 -35.11
CA CYS B 744 32.52 -62.82 -35.70
C CYS B 744 31.46 -62.68 -34.61
N LEU B 745 31.89 -62.39 -33.40
CA LEU B 745 31.20 -63.06 -32.34
C LEU B 745 31.46 -64.55 -32.62
N ASP B 746 31.77 -65.33 -31.60
CA ASP B 746 32.00 -66.73 -31.87
C ASP B 746 30.73 -67.48 -32.30
N ARG B 747 29.54 -67.09 -31.81
CA ARG B 747 28.30 -67.81 -32.15
C ARG B 747 27.05 -66.94 -31.89
N GLN B 748 25.87 -67.55 -32.11
CA GLN B 748 24.56 -67.08 -31.60
C GLN B 748 23.63 -68.31 -31.53
N TYR B 749 22.31 -68.08 -31.34
CA TYR B 749 21.23 -69.10 -31.43
C TYR B 749 20.58 -69.58 -30.11
N LEU B 750 19.88 -70.73 -30.14
CA LEU B 750 19.27 -71.27 -28.92
C LEU B 750 20.32 -71.82 -27.96
N ALA B 751 21.34 -72.52 -28.48
CA ALA B 751 22.32 -73.22 -27.63
C ALA B 751 22.96 -72.29 -26.60
N ILE B 752 23.47 -71.14 -27.03
CA ILE B 752 24.16 -70.25 -26.11
C ILE B 752 23.23 -69.88 -24.99
N ASN B 753 21.93 -69.87 -25.25
CA ASN B 753 20.97 -69.60 -24.19
C ASN B 753 20.92 -70.73 -23.17
N GLU B 754 20.99 -71.97 -23.62
CA GLU B 754 20.97 -73.06 -22.66
C GLU B 754 22.31 -73.18 -21.95
N ILE B 755 23.37 -72.65 -22.54
CA ILE B 755 24.66 -72.62 -21.88
C ILE B 755 24.70 -71.52 -20.81
N SER B 756 24.29 -70.29 -21.15
CA SER B 756 24.26 -69.17 -20.19
C SER B 756 23.25 -69.41 -19.04
N GLY B 757 22.21 -70.23 -19.30
CA GLY B 757 21.30 -70.65 -18.25
C GLY B 757 21.91 -71.74 -17.40
N GLN B 758 22.69 -72.62 -18.05
CA GLN B 758 23.40 -73.69 -17.36
C GLN B 758 24.78 -73.24 -16.89
N LEU B 759 24.87 -72.04 -16.29
CA LEU B 759 26.11 -71.65 -15.62
C LEU B 759 25.81 -70.70 -14.46
N ASP B 760 24.55 -70.68 -13.98
CA ASP B 760 24.16 -70.11 -12.69
C ASP B 760 24.70 -68.71 -12.53
N VAL B 761 26.00 -68.61 -12.27
CA VAL B 761 26.68 -67.33 -12.28
C VAL B 761 27.12 -67.13 -13.73
N ASP B 762 27.95 -68.05 -14.19
CA ASP B 762 28.39 -68.05 -15.59
C ASP B 762 29.08 -66.71 -15.80
N LEU B 763 28.76 -65.98 -16.87
CA LEU B 763 29.40 -64.70 -17.10
C LEU B 763 29.27 -63.76 -15.90
N ILE B 764 28.13 -63.82 -15.18
CA ILE B 764 27.76 -62.75 -14.24
C ILE B 764 28.84 -62.55 -13.19
N LEU B 765 29.45 -63.62 -12.69
CA LEU B 765 30.56 -63.47 -11.77
C LEU B 765 31.67 -62.63 -12.40
N ARG B 766 32.22 -63.12 -13.51
CA ARG B 766 33.32 -62.45 -14.19
C ARG B 766 33.00 -60.99 -14.50
N CYS B 767 31.92 -60.75 -15.23
CA CYS B 767 31.62 -59.40 -15.66
C CYS B 767 31.33 -58.46 -14.48
N MET B 768 30.82 -58.98 -13.35
CA MET B 768 30.55 -58.13 -12.19
C MET B 768 31.82 -57.66 -11.52
N SER B 769 32.72 -58.58 -11.17
CA SER B 769 34.02 -58.15 -10.70
C SER B 769 34.60 -57.08 -11.61
N ASP B 770 34.52 -57.31 -12.92
CA ASP B 770 35.38 -56.58 -13.86
C ASP B 770 34.76 -55.34 -14.52
N GLU B 771 33.44 -55.14 -14.46
CA GLU B 771 32.82 -54.10 -15.28
C GLU B 771 33.40 -52.73 -14.96
N ASN B 772 33.56 -52.45 -13.68
CA ASN B 772 34.33 -51.31 -13.22
C ASN B 772 35.60 -51.86 -12.59
N LEU B 773 35.48 -52.38 -11.35
CA LEU B 773 36.59 -53.02 -10.65
C LEU B 773 37.60 -51.99 -10.18
N PRO B 774 37.48 -50.74 -10.61
CA PRO B 774 38.32 -49.70 -9.99
C PRO B 774 38.23 -49.78 -8.49
N TYR B 775 37.02 -50.03 -7.97
CA TYR B 775 36.83 -50.19 -6.54
C TYR B 775 37.47 -51.50 -6.09
N ASP B 776 38.46 -51.37 -5.20
CA ASP B 776 39.30 -52.49 -4.82
C ASP B 776 38.59 -53.47 -3.89
N LEU B 777 37.78 -52.99 -2.95
CA LEU B 777 37.03 -53.90 -2.10
C LEU B 777 35.94 -54.59 -2.90
N ARG B 778 35.16 -53.81 -3.64
CA ARG B 778 34.18 -54.36 -4.56
C ARG B 778 34.85 -55.38 -5.45
N ALA B 779 35.94 -54.98 -6.07
CA ALA B 779 36.69 -55.93 -6.84
C ALA B 779 37.12 -57.10 -5.96
N SER B 780 37.34 -56.85 -4.66
CA SER B 780 37.97 -57.83 -3.79
C SER B 780 37.05 -59.01 -3.48
N PHE B 781 35.75 -58.74 -3.27
CA PHE B 781 34.79 -59.85 -3.16
C PHE B 781 34.81 -60.72 -4.42
N CYS B 782 34.93 -60.07 -5.59
CA CYS B 782 35.02 -60.79 -6.85
C CYS B 782 36.33 -61.57 -6.99
N ARG B 783 37.42 -61.08 -6.38
CA ARG B 783 38.67 -61.85 -6.32
C ARG B 783 38.47 -63.12 -5.48
N LEU B 784 37.67 -63.05 -4.41
CA LEU B 784 37.36 -64.26 -3.64
C LEU B 784 36.62 -65.30 -4.48
N MET B 785 35.71 -64.84 -5.36
CA MET B 785 35.08 -65.77 -6.30
C MET B 785 36.10 -66.39 -7.26
N LEU B 786 36.96 -65.57 -7.84
CA LEU B 786 37.97 -66.10 -8.75
C LEU B 786 38.90 -67.11 -8.06
N HIS B 787 39.08 -66.99 -6.74
CA HIS B 787 40.08 -67.80 -6.06
C HIS B 787 39.68 -69.28 -5.97
N MET B 788 38.38 -69.59 -5.98
CA MET B 788 37.95 -70.96 -5.68
C MET B 788 38.50 -71.97 -6.68
N HIS B 789 38.75 -71.56 -7.93
CA HIS B 789 39.41 -72.38 -8.97
C HIS B 789 38.77 -73.75 -9.24
N VAL B 790 38.86 -74.65 -8.26
CA VAL B 790 38.17 -75.92 -8.33
C VAL B 790 38.58 -76.71 -9.58
N ASP B 791 37.90 -77.82 -9.84
CA ASP B 791 38.26 -78.73 -10.93
C ASP B 791 37.97 -78.09 -12.29
N SER B 825 45.76 -69.18 -34.27
CA SER B 825 46.29 -69.06 -35.62
C SER B 825 47.39 -68.04 -35.66
N LYS B 826 48.35 -68.18 -34.75
CA LYS B 826 49.38 -67.16 -34.61
C LYS B 826 50.37 -67.17 -35.80
N ASP B 827 50.51 -68.28 -36.52
CA ASP B 827 51.24 -68.30 -37.79
C ASP B 827 52.74 -68.01 -37.65
N GLU B 828 53.31 -67.26 -38.60
CA GLU B 828 54.68 -66.83 -38.42
C GLU B 828 54.82 -66.00 -37.15
N ILE B 829 53.91 -65.06 -36.94
CA ILE B 829 53.86 -64.32 -35.69
C ILE B 829 53.83 -65.29 -34.51
N LYS B 830 53.23 -66.47 -34.72
CA LYS B 830 53.09 -67.45 -33.66
C LYS B 830 54.41 -67.74 -33.01
N GLU B 831 55.44 -67.97 -33.82
CA GLU B 831 56.75 -68.31 -33.30
C GLU B 831 57.14 -67.37 -32.18
N ARG B 832 56.98 -66.08 -32.40
CA ARG B 832 57.10 -65.16 -31.28
C ARG B 832 56.07 -65.51 -30.19
N PHE B 833 54.82 -65.83 -30.58
CA PHE B 833 53.77 -66.09 -29.59
C PHE B 833 54.16 -67.18 -28.58
N ALA B 834 54.80 -68.26 -29.04
CA ALA B 834 55.19 -69.32 -28.12
C ALA B 834 56.16 -68.82 -27.04
N GLN B 835 57.12 -67.96 -27.41
CA GLN B 835 58.05 -67.40 -26.42
C GLN B 835 57.34 -66.44 -25.49
N THR B 836 56.23 -65.84 -25.95
CA THR B 836 55.44 -65.02 -25.04
C THR B 836 54.57 -65.88 -24.11
N MET B 837 54.18 -67.09 -24.52
CA MET B 837 53.35 -67.93 -23.65
C MET B 837 54.19 -68.73 -22.67
N GLU B 838 55.42 -69.07 -23.05
CA GLU B 838 56.36 -69.64 -22.10
C GLU B 838 56.90 -68.56 -21.16
N PHE B 839 57.19 -67.35 -21.69
CA PHE B 839 57.46 -66.22 -20.81
C PHE B 839 56.25 -65.94 -19.92
N VAL B 840 55.02 -66.18 -20.42
CA VAL B 840 53.79 -65.96 -19.64
C VAL B 840 53.66 -66.99 -18.52
N GLU B 841 53.95 -68.25 -18.82
CA GLU B 841 54.05 -69.28 -17.79
C GLU B 841 55.15 -68.96 -16.80
N GLU B 842 56.20 -68.25 -17.24
CA GLU B 842 57.24 -67.76 -16.32
C GLU B 842 56.76 -66.55 -15.50
N TYR B 843 55.81 -65.77 -16.05
CA TYR B 843 55.12 -64.71 -15.29
C TYR B 843 54.22 -65.30 -14.23
N LEU B 844 53.58 -66.43 -14.57
CA LEU B 844 52.81 -67.20 -13.62
C LEU B 844 53.68 -67.90 -12.57
N ARG B 845 54.85 -68.41 -12.98
CA ARG B 845 55.75 -69.08 -12.03
C ARG B 845 56.49 -68.10 -11.11
N ASP B 846 56.72 -66.85 -11.54
CA ASP B 846 57.27 -65.81 -10.65
C ASP B 846 56.37 -65.63 -9.42
N VAL B 847 55.09 -66.02 -9.53
CA VAL B 847 54.10 -65.91 -8.47
C VAL B 847 54.51 -66.64 -7.23
N VAL B 848 55.33 -67.67 -7.38
CA VAL B 848 55.63 -68.53 -6.25
C VAL B 848 56.05 -67.66 -5.10
N CYS B 849 56.55 -66.48 -5.42
CA CYS B 849 56.76 -65.43 -4.44
C CYS B 849 55.75 -64.32 -4.65
N GLN B 850 55.63 -63.46 -3.64
CA GLN B 850 54.88 -62.23 -3.81
C GLN B 850 55.47 -61.37 -4.93
N ARG B 851 56.78 -61.48 -5.19
CA ARG B 851 57.49 -60.80 -6.28
C ARG B 851 56.80 -59.54 -6.76
N PHE B 852 55.53 -59.62 -7.07
CA PHE B 852 54.76 -58.54 -7.63
C PHE B 852 54.85 -57.25 -6.83
N PRO B 853 55.28 -57.29 -5.55
CA PRO B 853 55.28 -56.06 -4.74
C PRO B 853 56.30 -55.02 -5.17
N PHE B 854 57.53 -55.45 -5.46
CA PHE B 854 58.50 -54.63 -6.16
C PHE B 854 58.62 -55.00 -7.63
N SER B 855 58.35 -56.27 -7.97
CA SER B 855 58.53 -56.74 -9.34
C SER B 855 57.75 -55.91 -10.33
N ASP B 856 56.63 -55.32 -9.92
CA ASP B 856 55.71 -54.70 -10.86
C ASP B 856 56.36 -53.64 -11.74
N LYS B 857 57.51 -53.09 -11.37
CA LYS B 857 58.22 -52.25 -12.32
C LYS B 857 58.54 -53.05 -13.56
N GLU B 858 59.24 -54.16 -13.39
CA GLU B 858 59.67 -54.99 -14.49
C GLU B 858 58.59 -56.00 -14.91
N LYS B 859 58.03 -56.69 -13.93
CA LYS B 859 56.89 -57.59 -14.10
C LYS B 859 55.61 -56.84 -14.48
N ASN B 860 55.22 -55.84 -13.70
CA ASN B 860 54.03 -55.08 -14.08
C ASN B 860 54.25 -54.28 -15.36
N LYS B 861 55.41 -53.70 -15.52
CA LYS B 861 55.75 -53.11 -16.79
C LYS B 861 55.47 -54.14 -17.90
N LEU B 862 56.28 -55.22 -17.93
CA LEU B 862 56.17 -56.28 -18.93
C LEU B 862 54.75 -56.81 -19.10
N THR B 863 53.92 -56.73 -18.06
CA THR B 863 52.57 -57.26 -18.11
C THR B 863 51.56 -56.24 -18.58
N PHE B 864 51.86 -54.96 -18.39
CA PHE B 864 51.02 -53.94 -18.97
C PHE B 864 51.17 -53.99 -20.48
N GLU B 865 52.42 -54.14 -20.96
CA GLU B 865 52.62 -54.24 -22.41
C GLU B 865 52.20 -55.61 -22.92
N VAL B 866 52.75 -56.67 -22.34
CA VAL B 866 52.47 -58.00 -22.83
C VAL B 866 51.02 -58.33 -22.60
N VAL B 867 50.59 -58.19 -21.37
CA VAL B 867 49.20 -58.46 -21.05
C VAL B 867 48.31 -57.61 -21.91
N ASN B 868 48.54 -56.30 -21.89
CA ASN B 868 47.76 -55.41 -22.71
C ASN B 868 47.66 -55.97 -24.10
N LEU B 869 48.82 -56.30 -24.68
CA LEU B 869 48.89 -56.77 -26.05
C LEU B 869 48.20 -58.12 -26.23
N ALA B 870 48.03 -58.85 -25.13
CA ALA B 870 47.54 -60.21 -25.22
C ALA B 870 46.05 -60.24 -25.51
N ARG B 871 45.29 -59.30 -24.94
CA ARG B 871 43.83 -59.28 -25.12
C ARG B 871 43.44 -59.18 -26.59
N ASN B 872 44.04 -58.24 -27.33
CA ASN B 872 43.84 -58.17 -28.76
C ASN B 872 44.37 -59.44 -29.44
N LEU B 873 45.61 -59.83 -29.14
CA LEU B 873 46.22 -60.96 -29.86
C LEU B 873 45.34 -62.20 -29.81
N ILE B 874 44.65 -62.43 -28.68
CA ILE B 874 43.83 -63.62 -28.52
C ILE B 874 42.68 -63.63 -29.51
N TYR B 875 42.07 -62.47 -29.73
CA TYR B 875 40.97 -62.38 -30.68
C TYR B 875 41.44 -62.54 -32.13
N PHE B 876 42.57 -61.90 -32.52
CA PHE B 876 42.98 -61.99 -33.92
C PHE B 876 43.49 -63.38 -34.29
N GLY B 877 44.25 -64.02 -33.39
CA GLY B 877 44.75 -65.38 -33.61
C GLY B 877 44.46 -66.42 -32.52
N PHE B 878 43.71 -67.46 -32.88
CA PHE B 878 43.33 -68.53 -31.96
C PHE B 878 42.97 -69.74 -32.79
N TYR B 879 42.84 -70.89 -32.12
CA TYR B 879 42.57 -72.12 -32.85
C TYR B 879 41.68 -73.05 -32.04
N ASN B 880 40.62 -73.54 -32.68
CA ASN B 880 39.64 -74.37 -31.99
C ASN B 880 40.20 -75.77 -31.72
N PHE B 881 40.90 -76.34 -32.68
CA PHE B 881 41.35 -77.72 -32.56
C PHE B 881 42.13 -77.92 -31.28
N SER B 882 43.07 -77.03 -30.97
CA SER B 882 43.92 -77.22 -29.80
C SER B 882 44.91 -76.08 -29.54
N ASP B 883 45.32 -75.30 -30.54
CA ASP B 883 46.22 -74.18 -30.24
C ASP B 883 45.55 -73.19 -29.30
N LEU B 884 44.39 -72.68 -29.68
CA LEU B 884 43.70 -71.80 -28.76
C LEU B 884 43.33 -72.54 -27.50
N LEU B 885 42.90 -73.81 -27.62
CA LEU B 885 42.49 -74.57 -26.45
C LEU B 885 43.66 -74.79 -25.51
N ARG B 886 44.77 -75.30 -26.03
CA ARG B 886 45.98 -75.54 -25.25
C ARG B 886 46.46 -74.25 -24.60
N LEU B 887 46.47 -73.19 -25.40
CA LEU B 887 46.59 -71.86 -24.84
C LEU B 887 45.59 -71.69 -23.72
N THR B 888 44.46 -72.41 -23.76
CA THR B 888 43.36 -72.25 -22.78
C THR B 888 43.59 -73.01 -21.47
N LYS B 889 44.28 -74.16 -21.50
CA LYS B 889 44.81 -74.70 -20.25
C LYS B 889 45.82 -73.73 -19.65
N ILE B 890 46.74 -73.24 -20.50
CA ILE B 890 47.70 -72.22 -20.04
C ILE B 890 46.98 -70.99 -19.49
N LEU B 891 45.85 -70.62 -20.08
CA LEU B 891 45.13 -69.40 -19.70
C LEU B 891 44.45 -69.60 -18.35
N LEU B 892 43.79 -70.75 -18.17
CA LEU B 892 43.28 -71.12 -16.85
C LEU B 892 44.34 -70.97 -15.77
N ALA B 893 45.57 -71.43 -16.05
CA ALA B 893 46.63 -71.22 -15.08
C ALA B 893 47.34 -69.88 -15.25
N ILE B 894 46.76 -68.97 -16.05
CA ILE B 894 47.36 -67.66 -16.29
C ILE B 894 47.18 -66.72 -15.11
N LEU B 895 45.97 -66.63 -14.56
CA LEU B 895 45.70 -65.75 -13.44
C LEU B 895 45.60 -66.47 -12.10
N ASP B 896 45.98 -67.76 -12.04
CA ASP B 896 46.00 -68.52 -10.79
C ASP B 896 47.04 -67.96 -9.81
N CYS B 897 48.28 -67.86 -10.26
CA CYS B 897 49.36 -67.29 -9.46
C CYS B 897 49.81 -66.00 -10.15
N VAL B 898 50.49 -65.13 -9.40
CA VAL B 898 51.24 -63.98 -9.92
C VAL B 898 50.52 -62.67 -9.60
N HIS B 899 49.64 -62.71 -8.61
CA HIS B 899 48.75 -61.60 -8.26
C HIS B 899 47.65 -61.47 -9.31
N PRO B 960 45.18 -50.98 -0.25
CA PRO B 960 45.48 -49.66 0.31
C PRO B 960 46.99 -49.40 0.35
N GLU B 961 47.44 -48.55 1.28
CA GLU B 961 48.85 -48.17 1.45
C GLU B 961 49.25 -47.04 0.49
N LYS B 962 50.55 -46.73 0.40
CA LYS B 962 51.05 -45.64 -0.44
C LYS B 962 51.20 -46.10 -1.88
N GLU B 963 50.07 -46.49 -2.45
CA GLU B 963 49.99 -46.95 -3.83
C GLU B 963 48.73 -46.39 -4.47
N ASP B 964 48.43 -45.12 -4.18
CA ASP B 964 47.52 -44.37 -5.04
C ASP B 964 48.20 -44.11 -6.39
N ILE B 965 49.32 -43.38 -6.34
CA ILE B 965 50.16 -43.15 -7.52
C ILE B 965 50.60 -44.49 -8.12
N MET B 966 50.92 -45.46 -7.26
CA MET B 966 51.07 -46.84 -7.72
C MET B 966 49.73 -47.48 -8.11
N VAL B 967 48.59 -46.84 -7.80
CA VAL B 967 47.29 -47.48 -7.93
C VAL B 967 46.61 -47.19 -9.28
N MET B 968 46.98 -46.10 -9.97
CA MET B 968 46.59 -45.96 -11.39
C MET B 968 47.25 -47.05 -12.22
N ASP B 969 48.48 -47.41 -11.85
CA ASP B 969 49.13 -48.60 -12.39
C ASP B 969 48.40 -49.87 -11.96
N THR B 970 48.09 -50.03 -10.67
CA THR B 970 47.40 -51.24 -10.23
C THR B 970 46.10 -51.43 -11.02
N LYS B 971 45.25 -50.39 -11.06
CA LYS B 971 44.00 -50.47 -11.81
C LYS B 971 44.27 -50.76 -13.27
N LEU B 972 45.37 -50.20 -13.81
CA LEU B 972 45.75 -50.53 -15.17
C LEU B 972 46.13 -52.01 -15.31
N LYS B 973 46.86 -52.55 -14.33
CA LYS B 973 47.25 -53.95 -14.34
C LYS B 973 46.04 -54.85 -14.33
N ILE B 974 45.08 -54.51 -13.46
CA ILE B 974 43.79 -55.19 -13.42
C ILE B 974 43.11 -55.12 -14.79
N ILE B 975 43.24 -53.98 -15.48
CA ILE B 975 42.63 -53.82 -16.80
C ILE B 975 43.31 -54.69 -17.87
N GLU B 976 44.61 -54.93 -17.75
CA GLU B 976 45.28 -55.81 -18.70
C GLU B 976 44.81 -57.24 -18.53
N ILE B 977 44.91 -57.76 -17.31
CA ILE B 977 44.42 -59.12 -17.07
C ILE B 977 43.00 -59.23 -17.62
N LEU B 978 42.10 -58.35 -17.18
CA LEU B 978 40.69 -58.48 -17.58
C LEU B 978 40.54 -58.38 -19.09
N GLN B 979 41.33 -57.52 -19.73
CA GLN B 979 41.29 -57.47 -21.18
C GLN B 979 41.55 -58.86 -21.74
N PHE B 980 42.66 -59.44 -21.33
CA PHE B 980 43.02 -60.78 -21.79
C PHE B 980 41.89 -61.78 -21.51
N ILE B 981 41.45 -61.86 -20.26
CA ILE B 981 40.52 -62.90 -19.83
C ILE B 981 39.19 -62.76 -20.54
N LEU B 982 38.75 -61.53 -20.72
CA LEU B 982 37.48 -61.29 -21.36
C LEU B 982 37.53 -61.71 -22.83
N ASN B 983 38.43 -61.12 -23.60
CA ASN B 983 38.44 -61.40 -25.03
C ASN B 983 38.68 -62.87 -25.28
N VAL B 984 39.56 -63.48 -24.49
CA VAL B 984 39.86 -64.89 -24.68
C VAL B 984 38.68 -65.76 -24.24
N ARG B 985 38.04 -65.42 -23.12
CA ARG B 985 37.15 -66.32 -22.39
C ARG B 985 35.69 -65.89 -22.50
N LEU B 986 35.33 -65.13 -23.53
CA LEU B 986 33.99 -64.60 -23.68
C LEU B 986 33.23 -65.19 -24.87
N ASP B 987 33.06 -64.40 -25.94
CA ASP B 987 32.27 -64.88 -27.08
C ASP B 987 33.06 -65.88 -27.90
N TYR B 988 34.29 -65.53 -28.28
CA TYR B 988 35.13 -66.42 -29.06
C TYR B 988 35.59 -67.63 -28.25
N ARG B 989 35.30 -67.70 -26.94
CA ARG B 989 35.92 -68.68 -26.03
C ARG B 989 35.29 -70.07 -26.04
N ILE B 990 33.96 -70.18 -25.99
CA ILE B 990 33.33 -71.50 -25.86
C ILE B 990 32.31 -71.74 -26.95
N SER B 991 32.78 -72.12 -28.17
CA SER B 991 31.90 -72.36 -29.38
C SER B 991 32.35 -73.57 -30.21
N CYS B 992 32.27 -74.75 -29.61
CA CYS B 992 32.64 -75.98 -30.30
C CYS B 992 32.22 -77.22 -29.52
N LEU B 993 32.13 -77.11 -28.19
CA LEU B 993 31.85 -78.27 -27.34
C LEU B 993 30.40 -78.71 -27.43
N LEU B 994 29.48 -77.81 -27.78
CA LEU B 994 28.07 -78.17 -27.86
C LEU B 994 27.82 -79.29 -28.86
N CYS B 995 28.26 -79.11 -30.10
CA CYS B 995 27.96 -80.11 -31.12
C CYS B 995 28.45 -81.49 -30.71
N ILE B 996 29.50 -81.58 -29.88
CA ILE B 996 30.09 -82.88 -29.53
C ILE B 996 29.39 -83.51 -28.34
N PHE B 997 28.91 -82.70 -27.40
CA PHE B 997 28.16 -83.23 -26.26
C PHE B 997 26.74 -83.58 -26.65
N LYS B 998 26.17 -82.80 -27.57
CA LYS B 998 24.76 -82.88 -27.91
C LYS B 998 24.59 -83.55 -29.26
N ARG B 999 23.89 -84.68 -29.28
CA ARG B 999 23.46 -85.27 -30.53
C ARG B 999 22.45 -84.32 -31.22
N GLU B 1000 21.99 -84.65 -32.43
CA GLU B 1000 20.81 -83.93 -32.97
C GLU B 1000 19.50 -84.55 -32.51
N PHE B 1001 19.55 -85.73 -31.87
CA PHE B 1001 18.40 -86.39 -31.25
C PHE B 1001 17.34 -86.60 -32.32
N ASP B 1002 16.13 -86.05 -32.17
CA ASP B 1002 15.08 -86.00 -33.18
C ASP B 1002 15.41 -86.87 -34.39
N GLU B 1003 15.87 -86.22 -35.47
CA GLU B 1003 15.92 -86.79 -36.81
C GLU B 1003 17.36 -86.94 -37.28
N SER B 1004 17.70 -88.15 -37.73
CA SER B 1004 19.05 -88.41 -38.18
C SER B 1004 19.95 -87.82 -37.15
N ASN B 1005 20.03 -88.46 -35.99
CA ASN B 1005 20.76 -87.90 -34.88
C ASN B 1005 22.06 -87.28 -35.38
N SER B 1006 22.31 -86.03 -34.98
CA SER B 1006 23.53 -85.39 -35.42
C SER B 1006 24.74 -86.08 -34.79
N GLN B 1007 25.90 -85.67 -35.28
CA GLN B 1007 27.17 -86.13 -34.76
C GLN B 1007 28.10 -84.92 -34.63
N SER B 1008 29.33 -85.18 -34.23
CA SER B 1008 30.31 -84.14 -33.96
C SER B 1008 31.49 -84.32 -34.88
N SER B 1009 32.50 -83.49 -34.67
CA SER B 1009 33.73 -83.63 -35.39
C SER B 1009 34.84 -82.99 -34.59
N GLY B 1026 15.06 -73.37 -45.19
CA GLY B 1026 14.79 -72.15 -45.93
C GLY B 1026 14.69 -72.44 -47.39
N ALA B 1027 14.18 -71.48 -48.16
CA ALA B 1027 14.17 -71.64 -49.60
C ALA B 1027 15.59 -71.62 -50.12
N LEU B 1028 15.85 -72.51 -51.09
CA LEU B 1028 17.18 -72.76 -51.65
C LEU B 1028 18.21 -72.98 -50.54
N ASP B 1029 17.88 -73.87 -49.60
CA ASP B 1029 18.86 -74.25 -48.60
C ASP B 1029 20.16 -74.63 -49.29
N PHE B 1030 20.07 -75.42 -50.34
CA PHE B 1030 21.28 -75.78 -51.07
C PHE B 1030 21.72 -74.60 -51.95
N GLU B 1031 22.98 -74.66 -52.37
CA GLU B 1031 23.61 -73.57 -53.10
C GLU B 1031 23.79 -72.40 -52.14
N HIS B 1032 22.70 -71.88 -51.59
CA HIS B 1032 22.81 -70.87 -50.55
C HIS B 1032 23.47 -71.42 -49.28
N ILE B 1033 22.96 -72.54 -48.73
CA ILE B 1033 23.51 -73.10 -47.49
C ILE B 1033 24.90 -73.71 -47.74
N GLU B 1034 25.10 -74.32 -48.94
CA GLU B 1034 26.44 -74.73 -49.35
C GLU B 1034 27.30 -73.52 -49.73
N GLU B 1035 26.73 -72.53 -50.44
CA GLU B 1035 27.47 -71.28 -50.60
C GLU B 1035 27.64 -70.60 -49.24
N GLN B 1036 26.80 -70.96 -48.24
CA GLN B 1036 26.94 -70.46 -46.86
C GLN B 1036 28.13 -71.10 -46.12
N ALA B 1037 28.29 -72.41 -46.23
CA ALA B 1037 29.54 -72.99 -45.82
C ALA B 1037 30.72 -72.28 -46.54
N GLU B 1038 30.57 -71.97 -47.84
CA GLU B 1038 31.56 -71.21 -48.63
C GLU B 1038 31.75 -69.78 -48.11
N GLY B 1039 30.78 -69.29 -47.34
CA GLY B 1039 30.98 -68.08 -46.56
C GLY B 1039 31.80 -68.31 -45.30
N ILE B 1040 31.69 -69.49 -44.68
CA ILE B 1040 32.60 -69.81 -43.57
C ILE B 1040 34.04 -69.79 -44.07
N PHE B 1041 34.25 -70.43 -45.24
CA PHE B 1041 35.56 -70.49 -45.87
C PHE B 1041 36.02 -69.11 -46.33
N GLY B 1042 35.18 -68.38 -47.08
CA GLY B 1042 35.56 -67.04 -47.50
C GLY B 1042 35.80 -66.14 -46.30
N GLY B 1043 35.15 -66.43 -45.17
CA GLY B 1043 35.21 -65.57 -44.00
C GLY B 1043 36.45 -65.77 -43.16
N SER B 1044 37.10 -66.92 -43.27
CA SER B 1044 38.36 -67.10 -42.56
C SER B 1044 39.48 -66.13 -42.99
N GLU B 1045 39.44 -65.64 -44.24
CA GLU B 1045 40.63 -65.01 -44.83
C GLU B 1045 41.05 -63.71 -44.13
N GLU B 1046 42.33 -63.37 -44.27
CA GLU B 1046 42.89 -62.15 -43.70
C GLU B 1046 42.50 -60.92 -44.51
N ASN B 1047 42.54 -59.74 -43.85
CA ASN B 1047 42.24 -58.49 -44.52
C ASN B 1047 43.07 -58.35 -45.79
N THR B 1048 44.41 -58.40 -45.66
CA THR B 1048 45.30 -58.11 -46.79
C THR B 1048 45.99 -59.36 -47.30
N PRO B 1049 45.92 -59.63 -48.65
CA PRO B 1049 46.59 -60.79 -49.24
C PRO B 1049 46.84 -60.68 -50.76
N LEU B 1050 47.65 -61.59 -51.31
CA LEU B 1050 47.95 -61.50 -52.73
C LEU B 1050 46.81 -62.04 -53.58
N ASP B 1051 46.19 -63.15 -53.15
CA ASP B 1051 45.26 -63.93 -53.99
C ASP B 1051 43.80 -63.87 -53.53
N LEU B 1052 43.46 -64.34 -52.31
CA LEU B 1052 42.09 -64.34 -51.80
C LEU B 1052 41.73 -63.03 -51.10
N ASP B 1053 42.53 -62.00 -51.33
CA ASP B 1053 42.30 -60.70 -50.72
C ASP B 1053 41.02 -60.06 -51.22
N ASP B 1054 40.81 -60.02 -52.55
CA ASP B 1054 39.72 -59.23 -53.12
C ASP B 1054 39.22 -59.59 -54.55
N HIS B 1055 40.08 -59.57 -55.57
CA HIS B 1055 39.60 -59.79 -56.93
C HIS B 1055 38.89 -61.14 -57.08
N GLY B 1056 39.43 -62.18 -56.44
CA GLY B 1056 38.91 -63.53 -56.60
C GLY B 1056 37.47 -63.67 -56.15
N GLY B 1057 37.11 -63.03 -55.04
CA GLY B 1057 35.76 -63.00 -54.59
C GLY B 1057 34.95 -62.14 -55.51
N ARG B 1058 33.91 -62.72 -56.09
CA ARG B 1058 32.92 -62.00 -56.87
C ARG B 1058 31.71 -61.59 -56.04
N THR B 1059 31.66 -61.93 -54.74
CA THR B 1059 30.64 -61.49 -53.76
C THR B 1059 29.48 -62.47 -53.55
N PHE B 1060 28.73 -62.32 -52.45
CA PHE B 1060 27.56 -63.15 -52.19
C PHE B 1060 26.33 -62.33 -51.79
N LEU B 1061 26.20 -61.11 -52.33
CA LEU B 1061 25.07 -60.25 -52.00
C LEU B 1061 23.77 -60.66 -52.71
N ARG B 1062 23.86 -61.08 -53.97
CA ARG B 1062 22.65 -61.31 -54.79
C ARG B 1062 21.69 -62.29 -54.12
N VAL B 1063 22.23 -63.36 -53.52
CA VAL B 1063 21.38 -64.32 -52.85
C VAL B 1063 20.53 -63.62 -51.80
N LEU B 1064 21.13 -62.69 -51.06
CA LEU B 1064 20.43 -62.00 -49.96
C LEU B 1064 19.26 -61.16 -50.47
N LEU B 1065 19.50 -60.32 -51.46
CA LEU B 1065 18.46 -59.38 -51.88
C LEU B 1065 17.15 -60.11 -52.18
N HIS B 1066 17.20 -61.19 -52.96
CA HIS B 1066 15.96 -61.88 -53.36
C HIS B 1066 15.15 -62.33 -52.14
N LEU B 1067 15.82 -62.82 -51.11
CA LEU B 1067 15.11 -63.49 -50.02
C LEU B 1067 14.64 -62.56 -48.90
N THR B 1068 15.04 -61.29 -48.90
CA THR B 1068 14.71 -60.41 -47.79
C THR B 1068 13.21 -60.11 -47.74
N MET B 1069 12.48 -60.37 -48.81
CA MET B 1069 11.10 -59.93 -48.92
C MET B 1069 10.08 -60.94 -48.38
N HIS B 1070 10.31 -62.25 -48.56
CA HIS B 1070 9.28 -63.25 -48.24
C HIS B 1070 9.03 -63.40 -46.73
N ASP B 1071 9.95 -64.03 -46.02
CA ASP B 1071 9.87 -64.16 -44.56
C ASP B 1071 11.24 -64.59 -44.05
N TYR B 1072 11.51 -64.28 -42.79
CA TYR B 1072 12.80 -64.68 -42.20
C TYR B 1072 13.06 -66.17 -42.47
N PRO B 1073 14.30 -66.55 -42.79
CA PRO B 1073 14.58 -67.93 -43.27
C PRO B 1073 14.94 -68.88 -42.14
N PRO B 1074 15.56 -70.02 -42.45
CA PRO B 1074 15.84 -70.99 -41.38
C PRO B 1074 16.80 -70.48 -40.32
N LEU B 1075 17.80 -69.67 -40.69
CA LEU B 1075 18.88 -69.31 -39.75
C LEU B 1075 19.31 -67.85 -39.86
N VAL B 1076 18.40 -66.92 -39.60
CA VAL B 1076 18.78 -65.52 -39.56
C VAL B 1076 19.83 -65.30 -38.50
N SER B 1077 19.67 -65.96 -37.35
CA SER B 1077 20.67 -65.88 -36.31
C SER B 1077 22.07 -66.13 -36.89
N GLY B 1078 22.20 -67.13 -37.77
CA GLY B 1078 23.50 -67.43 -38.37
C GLY B 1078 24.11 -66.22 -39.06
N ALA B 1079 23.30 -65.49 -39.82
CA ALA B 1079 23.79 -64.32 -40.54
C ALA B 1079 24.54 -63.35 -39.62
N LEU B 1080 24.13 -63.26 -38.34
CA LEU B 1080 24.77 -62.31 -37.43
C LEU B 1080 26.24 -62.65 -37.22
N GLN B 1081 26.55 -63.92 -36.98
CA GLN B 1081 27.91 -64.28 -36.63
C GLN B 1081 28.88 -63.69 -37.65
N LEU B 1082 28.73 -64.04 -38.93
CA LEU B 1082 29.60 -63.49 -39.97
C LEU B 1082 29.79 -61.98 -39.79
N LEU B 1083 28.67 -61.24 -39.76
CA LEU B 1083 28.75 -59.79 -39.66
C LEU B 1083 29.61 -59.35 -38.46
N PHE B 1084 29.37 -59.96 -37.29
CA PHE B 1084 30.03 -59.50 -36.06
C PHE B 1084 31.58 -59.67 -36.14
N ARG B 1085 32.09 -60.42 -37.12
CA ARG B 1085 33.51 -60.54 -37.30
C ARG B 1085 34.10 -59.35 -38.01
N HIS B 1086 33.40 -58.88 -38.99
CA HIS B 1086 33.92 -57.85 -39.83
C HIS B 1086 33.70 -56.54 -39.08
N PHE B 1087 34.44 -56.42 -37.96
CA PHE B 1087 34.45 -55.20 -37.13
C PHE B 1087 35.85 -54.57 -37.08
N SER B 1088 36.45 -54.33 -38.24
CA SER B 1088 37.79 -53.78 -38.33
C SER B 1088 37.80 -52.29 -38.64
N GLN B 1089 36.64 -51.67 -38.73
CA GLN B 1089 36.63 -50.27 -39.07
C GLN B 1089 37.26 -50.03 -40.43
N ARG B 1090 37.10 -48.81 -40.88
CA ARG B 1090 37.99 -48.19 -41.83
C ARG B 1090 39.38 -47.90 -41.26
N GLN B 1091 40.39 -48.58 -41.72
CA GLN B 1091 41.64 -47.90 -41.85
C GLN B 1091 41.97 -47.64 -43.29
N GLU B 1092 41.70 -48.63 -44.14
CA GLU B 1092 41.61 -48.42 -45.58
C GLU B 1092 40.22 -47.91 -46.04
N VAL B 1093 39.19 -47.95 -45.17
CA VAL B 1093 37.88 -47.26 -45.33
C VAL B 1093 36.91 -47.90 -46.32
N LEU B 1094 37.01 -49.21 -46.50
CA LEU B 1094 36.27 -49.88 -47.55
C LEU B 1094 35.16 -50.82 -47.09
N GLN B 1095 34.76 -50.83 -45.80
CA GLN B 1095 33.75 -51.82 -45.42
C GLN B 1095 32.35 -51.41 -45.92
N ALA B 1096 32.05 -50.11 -46.05
CA ALA B 1096 30.72 -49.68 -46.48
C ALA B 1096 30.30 -50.35 -47.78
N PHE B 1097 31.09 -50.17 -48.85
CA PHE B 1097 30.75 -50.82 -50.11
C PHE B 1097 30.36 -52.28 -49.86
N LYS B 1098 31.24 -53.08 -49.23
CA LYS B 1098 30.88 -54.48 -48.95
C LYS B 1098 29.73 -54.56 -47.92
N GLN B 1099 29.83 -53.80 -46.83
CA GLN B 1099 28.72 -53.75 -45.88
C GLN B 1099 27.43 -53.32 -46.58
N VAL B 1100 27.56 -52.53 -47.67
CA VAL B 1100 26.39 -51.99 -48.35
C VAL B 1100 25.52 -53.11 -48.93
N GLN B 1101 26.14 -54.24 -49.35
CA GLN B 1101 25.33 -55.29 -49.94
C GLN B 1101 24.33 -55.83 -48.94
N LEU B 1102 24.65 -55.72 -47.66
CA LEU B 1102 23.78 -56.22 -46.63
C LEU B 1102 22.62 -55.28 -46.33
N LEU B 1103 22.44 -54.22 -47.10
CA LEU B 1103 21.57 -53.10 -46.71
C LEU B 1103 20.07 -53.41 -46.74
N VAL B 1104 19.65 -54.51 -47.36
CA VAL B 1104 18.22 -54.75 -47.49
C VAL B 1104 17.68 -55.52 -46.29
N THR B 1105 17.51 -54.84 -45.15
CA THR B 1105 16.98 -55.46 -43.92
C THR B 1105 15.47 -55.62 -43.97
N SER B 1106 14.99 -56.74 -43.43
CA SER B 1106 13.57 -57.10 -43.48
C SER B 1106 12.90 -57.28 -42.11
N GLN B 1107 13.57 -56.88 -41.02
CA GLN B 1107 13.12 -57.19 -39.65
C GLN B 1107 13.12 -55.92 -38.79
N ASP B 1108 11.93 -55.53 -38.31
CA ASP B 1108 11.78 -54.27 -37.60
C ASP B 1108 12.14 -54.42 -36.12
N VAL B 1109 11.40 -55.27 -35.41
CA VAL B 1109 11.44 -55.31 -33.96
C VAL B 1109 12.41 -56.39 -33.48
N ASP B 1110 12.02 -57.65 -33.66
CA ASP B 1110 12.88 -58.74 -33.22
C ASP B 1110 14.31 -58.47 -33.65
N ASN B 1111 14.47 -57.94 -34.86
CA ASN B 1111 15.80 -57.68 -35.39
C ASN B 1111 16.48 -56.51 -34.67
N TYR B 1112 15.73 -55.48 -34.28
CA TYR B 1112 16.39 -54.30 -33.76
C TYR B 1112 17.28 -54.65 -32.56
N LYS B 1113 16.84 -55.64 -31.75
CA LYS B 1113 17.56 -56.07 -30.54
C LYS B 1113 18.90 -56.77 -30.86
N GLN B 1114 18.93 -57.62 -31.89
CA GLN B 1114 20.17 -58.31 -32.27
C GLN B 1114 21.15 -57.41 -33.03
N ILE B 1115 20.66 -56.40 -33.79
CA ILE B 1115 21.54 -55.42 -34.44
C ILE B 1115 22.14 -54.40 -33.45
N LYS B 1116 21.43 -54.08 -32.34
CA LYS B 1116 21.97 -53.15 -31.34
C LYS B 1116 22.13 -53.78 -29.94
N GLN B 1117 22.51 -55.07 -29.86
CA GLN B 1117 22.60 -55.80 -28.59
C GLN B 1117 23.78 -55.36 -27.72
N ASP B 1118 24.92 -55.03 -28.34
CA ASP B 1118 26.04 -54.47 -27.59
C ASP B 1118 25.61 -53.21 -26.87
N LEU B 1119 25.00 -52.28 -27.60
CA LEU B 1119 24.48 -51.06 -27.00
C LEU B 1119 25.63 -50.16 -26.63
N ASP B 1120 26.48 -50.63 -25.73
CA ASP B 1120 27.73 -49.92 -25.47
C ASP B 1120 28.57 -49.91 -26.74
N GLN B 1121 28.93 -51.09 -27.26
CA GLN B 1121 29.78 -51.14 -28.44
C GLN B 1121 29.14 -50.41 -29.61
N LEU B 1122 27.81 -50.51 -29.74
CA LEU B 1122 27.11 -49.76 -30.78
C LEU B 1122 27.32 -48.26 -30.59
N ARG B 1123 27.21 -47.76 -29.33
CA ARG B 1123 27.41 -46.34 -29.04
C ARG B 1123 28.84 -45.88 -29.37
N SER B 1124 29.82 -46.77 -29.19
CA SER B 1124 31.18 -46.46 -29.64
C SER B 1124 31.24 -46.33 -31.16
N ILE B 1125 30.60 -47.24 -31.90
CA ILE B 1125 30.61 -47.16 -33.37
C ILE B 1125 30.00 -45.85 -33.83
N VAL B 1126 29.02 -45.35 -33.09
CA VAL B 1126 28.47 -44.04 -33.38
C VAL B 1126 29.35 -42.90 -32.87
N GLU B 1127 30.33 -43.15 -31.97
CA GLU B 1127 31.26 -42.09 -31.58
C GLU B 1127 32.51 -42.00 -32.48
N LYS B 1128 33.04 -43.13 -32.96
CA LYS B 1128 34.12 -43.10 -33.96
C LYS B 1128 33.56 -42.76 -35.34
N SER B 1129 32.38 -43.27 -35.67
CA SER B 1129 31.63 -42.75 -36.81
C SER B 1129 31.44 -41.26 -36.54
N GLU B 1130 30.46 -40.85 -35.72
CA GLU B 1130 30.17 -39.43 -35.57
C GLU B 1130 31.44 -38.57 -35.70
N LEU B 1131 32.42 -38.76 -34.80
CA LEU B 1131 33.69 -38.07 -35.01
C LEU B 1131 34.08 -38.12 -36.48
N TRP B 1132 34.03 -39.32 -37.06
CA TRP B 1132 34.42 -39.58 -38.44
C TRP B 1132 33.25 -39.62 -39.41
N VAL B 1133 32.15 -40.26 -39.01
CA VAL B 1133 30.92 -40.39 -39.76
C VAL B 1133 29.65 -39.76 -39.16
N TYR B 1134 28.53 -40.48 -39.33
CA TYR B 1134 27.24 -40.16 -38.75
C TYR B 1134 26.28 -41.38 -38.89
N VAL B 1176 37.77 -46.77 -39.42
CA VAL B 1176 36.46 -46.52 -38.80
C VAL B 1176 35.34 -45.93 -39.83
N LYS B 1177 35.27 -46.43 -41.05
CA LYS B 1177 34.47 -45.77 -42.08
C LYS B 1177 33.22 -46.58 -42.42
N GLU B 1178 33.29 -47.93 -42.42
CA GLU B 1178 32.05 -48.72 -42.31
C GLU B 1178 31.41 -48.59 -40.93
N ILE B 1179 32.15 -48.19 -39.91
CA ILE B 1179 31.48 -47.90 -38.67
C ILE B 1179 30.55 -46.74 -38.90
N LEU B 1180 30.92 -45.88 -39.86
CA LEU B 1180 30.13 -44.81 -40.44
C LEU B 1180 28.86 -45.25 -41.12
N ILE B 1181 28.98 -45.76 -42.34
CA ILE B 1181 27.81 -46.10 -43.14
C ILE B 1181 27.10 -47.29 -42.53
N ARG B 1182 27.86 -48.29 -42.09
CA ARG B 1182 27.32 -49.41 -41.35
C ARG B 1182 26.54 -48.94 -40.12
N LEU B 1183 27.23 -48.26 -39.19
CA LEU B 1183 26.55 -47.80 -37.97
C LEU B 1183 25.28 -47.01 -38.31
N SER B 1184 25.37 -46.16 -39.34
CA SER B 1184 24.19 -45.50 -39.87
C SER B 1184 23.13 -46.54 -40.24
N LYS B 1185 23.53 -47.57 -40.97
CA LYS B 1185 22.61 -48.62 -41.36
C LYS B 1185 21.88 -49.17 -40.15
N LEU B 1186 22.62 -49.48 -39.08
CA LEU B 1186 22.04 -50.04 -37.87
C LEU B 1186 20.96 -49.13 -37.29
N CYS B 1187 21.33 -47.88 -36.96
CA CYS B 1187 20.34 -46.97 -36.41
C CYS B 1187 19.09 -46.93 -37.30
N VAL B 1188 19.28 -46.79 -38.61
CA VAL B 1188 18.16 -46.68 -39.55
C VAL B 1188 17.23 -47.88 -39.43
N GLN B 1189 17.80 -49.08 -39.32
CA GLN B 1189 16.96 -50.27 -39.15
C GLN B 1189 16.07 -50.12 -37.93
N GLU B 1190 16.62 -49.65 -36.80
CA GLU B 1190 15.85 -49.65 -35.57
C GLU B 1190 15.03 -48.37 -35.32
N SER B 1191 14.93 -47.47 -36.32
CA SER B 1191 14.18 -46.22 -36.14
C SER B 1191 12.68 -46.41 -35.91
N ALA B 1192 11.98 -46.93 -36.91
CA ALA B 1192 10.53 -46.97 -36.89
C ALA B 1192 10.12 -48.42 -37.02
N SER B 1193 10.45 -49.22 -36.00
CA SER B 1193 10.28 -50.66 -36.04
C SER B 1193 9.65 -51.09 -34.72
N VAL B 1194 8.42 -51.61 -34.80
CA VAL B 1194 7.65 -51.98 -33.62
C VAL B 1194 7.98 -51.03 -32.47
N ARG B 1195 7.71 -49.74 -32.66
CA ARG B 1195 7.79 -48.68 -31.65
C ARG B 1195 8.80 -48.94 -30.53
N LYS B 1196 8.69 -50.09 -29.90
CA LYS B 1196 9.60 -50.48 -28.83
C LYS B 1196 11.06 -50.28 -29.24
N SER B 1197 11.44 -50.77 -30.42
CA SER B 1197 12.83 -50.70 -30.82
C SER B 1197 13.33 -49.27 -30.73
N ARG B 1198 12.54 -48.35 -31.26
CA ARG B 1198 12.84 -46.97 -31.08
C ARG B 1198 12.98 -46.64 -29.60
N LYS B 1199 11.97 -47.02 -28.79
CA LYS B 1199 11.85 -46.53 -27.41
C LYS B 1199 12.95 -47.04 -26.48
N GLN B 1200 13.52 -48.21 -26.75
CA GLN B 1200 14.46 -48.87 -25.82
C GLN B 1200 15.91 -48.63 -26.25
N GLN B 1201 16.38 -47.38 -26.06
CA GLN B 1201 17.70 -47.00 -26.53
C GLN B 1201 18.81 -47.39 -25.55
N GLN B 1202 18.53 -48.20 -24.54
CA GLN B 1202 19.57 -48.58 -23.57
C GLN B 1202 20.32 -47.34 -23.13
N ARG B 1203 19.56 -46.47 -22.43
CA ARG B 1203 20.06 -45.15 -22.09
C ARG B 1203 21.47 -45.19 -21.52
N LEU B 1204 21.88 -46.31 -20.93
CA LEU B 1204 23.20 -46.40 -20.35
C LEU B 1204 24.28 -46.69 -21.39
N LEU B 1205 23.90 -47.25 -22.55
CA LEU B 1205 24.84 -47.42 -23.65
C LEU B 1205 24.22 -46.90 -24.92
N ARG B 1206 24.02 -45.59 -25.05
CA ARG B 1206 24.29 -44.58 -24.02
C ARG B 1206 23.26 -43.46 -24.17
N ASN B 1207 23.18 -42.52 -23.22
CA ASN B 1207 22.27 -41.40 -23.39
C ASN B 1207 22.92 -40.06 -23.11
N MET B 1208 23.74 -39.95 -22.07
CA MET B 1208 24.63 -38.82 -21.96
C MET B 1208 25.77 -38.94 -22.98
N GLY B 1209 26.46 -40.07 -22.97
CA GLY B 1209 27.54 -40.28 -23.91
C GLY B 1209 27.07 -40.47 -25.34
N ALA B 1210 25.84 -40.95 -25.52
CA ALA B 1210 25.27 -41.10 -26.85
C ALA B 1210 24.45 -39.89 -27.28
N HIS B 1211 23.86 -39.13 -26.36
CA HIS B 1211 23.22 -37.89 -26.75
C HIS B 1211 24.29 -36.86 -27.13
N ALA B 1212 25.28 -36.67 -26.25
CA ALA B 1212 26.40 -35.79 -26.57
C ALA B 1212 27.25 -36.37 -27.71
N VAL B 1213 27.63 -37.65 -27.61
CA VAL B 1213 28.49 -38.23 -28.66
C VAL B 1213 27.75 -38.30 -30.00
N VAL B 1214 26.51 -38.82 -29.99
CA VAL B 1214 25.73 -38.96 -31.21
C VAL B 1214 25.50 -37.61 -31.83
N LEU B 1215 25.12 -36.64 -31.00
CA LEU B 1215 24.90 -35.30 -31.50
C LEU B 1215 26.16 -34.73 -32.15
N GLU B 1216 27.36 -35.11 -31.65
CA GLU B 1216 28.60 -34.40 -32.01
C GLU B 1216 28.87 -34.42 -33.52
N LEU B 1217 28.59 -35.55 -34.19
CA LEU B 1217 28.57 -35.57 -35.66
C LEU B 1217 27.17 -35.75 -36.21
N LEU B 1218 26.19 -35.80 -35.31
CA LEU B 1218 24.81 -35.68 -35.70
C LEU B 1218 24.56 -34.47 -36.57
N GLN B 1219 25.25 -33.40 -36.30
CA GLN B 1219 25.02 -32.23 -37.11
C GLN B 1219 26.26 -31.41 -37.43
N ILE B 1220 27.45 -31.82 -36.99
CA ILE B 1220 28.68 -31.08 -37.27
C ILE B 1220 28.98 -31.11 -38.77
N PRO B 1221 28.51 -32.16 -39.52
CA PRO B 1221 28.75 -32.20 -40.98
C PRO B 1221 27.45 -32.07 -41.76
N TYR B 1222 27.45 -31.05 -42.61
CA TYR B 1222 26.26 -30.68 -43.35
C TYR B 1222 25.97 -31.66 -44.45
N GLU B 1223 24.71 -31.74 -44.82
CA GLU B 1223 24.27 -32.58 -45.91
C GLU B 1223 24.78 -32.04 -47.24
N LYS B 1224 25.39 -32.90 -48.05
CA LYS B 1224 25.92 -32.46 -49.33
C LYS B 1224 24.77 -32.15 -50.30
N ALA B 1225 25.10 -31.54 -51.43
CA ALA B 1225 24.07 -31.22 -52.40
C ALA B 1225 23.20 -32.47 -52.51
N GLU B 1226 21.89 -32.21 -52.47
CA GLU B 1226 20.94 -32.81 -51.51
C GLU B 1226 20.88 -34.30 -51.02
N ASP B 1227 21.25 -34.48 -49.74
CA ASP B 1227 21.12 -35.68 -48.91
C ASP B 1227 21.66 -35.39 -47.51
N THR B 1228 20.97 -35.91 -46.49
CA THR B 1228 21.15 -35.47 -45.12
C THR B 1228 21.74 -36.60 -44.27
N LYS B 1229 23.06 -36.52 -44.01
CA LYS B 1229 23.79 -37.56 -43.26
C LYS B 1229 23.98 -37.24 -41.77
N MET B 1230 24.09 -35.97 -41.38
CA MET B 1230 24.30 -35.63 -39.96
C MET B 1230 23.10 -36.04 -39.08
N GLN B 1231 21.88 -35.65 -39.47
CA GLN B 1231 20.69 -35.87 -38.63
C GLN B 1231 20.53 -37.33 -38.22
N GLU B 1232 20.76 -38.27 -39.15
CA GLU B 1232 20.55 -39.68 -38.87
C GLU B 1232 21.36 -40.13 -37.64
N ILE B 1233 22.67 -39.82 -37.65
CA ILE B 1233 23.54 -40.14 -36.52
C ILE B 1233 23.07 -39.41 -35.27
N MET B 1234 22.58 -38.19 -35.44
CA MET B 1234 21.96 -37.53 -34.31
C MET B 1234 20.91 -38.40 -33.66
N ARG B 1235 19.81 -38.58 -34.39
CA ARG B 1235 18.54 -38.95 -33.81
C ARG B 1235 17.64 -39.60 -34.84
N LEU B 1236 18.05 -40.70 -35.39
CA LEU B 1236 17.26 -41.35 -36.41
C LEU B 1236 16.78 -42.73 -36.01
N ALA B 1237 17.08 -43.22 -34.79
CA ALA B 1237 16.79 -44.61 -34.42
C ALA B 1237 16.06 -44.87 -33.09
N HIS B 1238 15.50 -43.86 -32.42
CA HIS B 1238 14.76 -44.09 -31.17
C HIS B 1238 13.49 -43.21 -31.14
N GLU B 1239 12.50 -43.57 -31.99
CA GLU B 1239 11.26 -42.81 -32.14
C GLU B 1239 10.06 -43.78 -32.24
N PHE B 1240 9.54 -44.20 -31.08
CA PHE B 1240 8.31 -44.95 -31.02
C PHE B 1240 7.11 -44.00 -31.03
N LEU B 1241 6.02 -44.44 -31.63
CA LEU B 1241 4.76 -43.69 -31.57
C LEU B 1241 4.78 -42.44 -32.47
N GLN B 1242 5.31 -42.58 -33.70
CA GLN B 1242 5.32 -41.49 -34.68
C GLN B 1242 5.92 -40.19 -34.10
N ASN B 1243 6.94 -40.34 -33.24
CA ASN B 1243 7.89 -39.29 -32.83
C ASN B 1243 7.64 -38.75 -31.43
N PHE B 1244 8.55 -37.90 -30.95
CA PHE B 1244 8.57 -37.46 -29.56
C PHE B 1244 7.65 -36.26 -29.35
N CYS B 1245 6.37 -36.53 -29.57
CA CYS B 1245 5.33 -35.67 -29.03
C CYS B 1245 5.41 -35.67 -27.50
N ALA B 1246 5.32 -36.86 -26.87
CA ALA B 1246 5.33 -36.99 -25.41
C ALA B 1246 6.42 -37.89 -24.84
N GLY B 1247 6.93 -38.84 -25.61
CA GLY B 1247 7.89 -39.82 -25.11
C GLY B 1247 9.34 -39.39 -25.07
N ASN B 1248 9.68 -38.19 -25.54
CA ASN B 1248 11.06 -37.72 -25.57
C ASN B 1248 11.62 -37.38 -24.18
N GLN B 1249 10.75 -37.18 -23.19
CA GLN B 1249 11.03 -37.03 -21.76
C GLN B 1249 12.50 -36.90 -21.40
N GLN B 1250 13.30 -37.85 -21.87
CA GLN B 1250 14.72 -37.78 -21.56
C GLN B 1250 15.32 -36.47 -22.06
N ASN B 1251 14.94 -36.01 -23.26
CA ASN B 1251 15.77 -35.02 -23.94
C ASN B 1251 16.12 -33.87 -23.03
N GLN B 1252 15.17 -33.42 -22.22
CA GLN B 1252 15.45 -32.32 -21.31
C GLN B 1252 16.64 -32.63 -20.39
N ALA B 1253 16.58 -33.72 -19.59
CA ALA B 1253 17.68 -34.07 -18.68
C ALA B 1253 18.89 -34.64 -19.43
N LEU B 1254 18.63 -35.44 -20.48
CA LEU B 1254 19.69 -36.02 -21.28
C LEU B 1254 20.40 -34.95 -22.08
N LEU B 1255 19.65 -34.15 -22.85
CA LEU B 1255 20.19 -33.15 -23.75
C LEU B 1255 19.66 -31.78 -23.35
N HIS B 1256 20.51 -30.99 -22.75
CA HIS B 1256 20.14 -29.67 -22.24
C HIS B 1256 20.63 -28.62 -23.23
N LYS B 1257 21.33 -27.58 -22.80
CA LYS B 1257 21.68 -26.47 -23.66
C LYS B 1257 22.75 -26.89 -24.67
N HIS B 1258 22.72 -26.27 -25.86
CA HIS B 1258 23.57 -26.57 -27.01
C HIS B 1258 23.12 -25.71 -28.20
N ILE B 1259 23.85 -25.85 -29.34
CA ILE B 1259 23.54 -25.10 -30.55
C ILE B 1259 22.36 -25.76 -31.29
N ASN B 1260 21.59 -24.95 -32.03
CA ASN B 1260 20.47 -25.43 -32.85
C ASN B 1260 20.59 -24.95 -34.30
N LEU B 1261 21.82 -24.69 -34.75
CA LEU B 1261 22.15 -24.43 -36.16
C LEU B 1261 22.21 -22.94 -36.48
N PHE B 1262 23.39 -22.34 -36.33
CA PHE B 1262 23.66 -21.02 -36.88
C PHE B 1262 22.96 -19.94 -36.07
N LEU B 1263 22.98 -18.71 -36.56
CA LEU B 1263 22.50 -17.56 -35.79
C LEU B 1263 21.72 -16.59 -36.67
N ASN B 1264 21.16 -15.55 -36.02
CA ASN B 1264 20.42 -14.53 -36.75
C ASN B 1264 21.29 -13.87 -37.80
N PRO B 1265 22.56 -13.53 -37.55
CA PRO B 1265 23.39 -12.95 -38.60
C PRO B 1265 23.88 -14.01 -39.56
N GLY B 1266 23.38 -13.97 -40.81
CA GLY B 1266 23.68 -14.96 -41.85
C GLY B 1266 22.83 -16.24 -41.80
N ILE B 1267 23.31 -17.26 -42.51
CA ILE B 1267 22.70 -18.61 -42.43
C ILE B 1267 23.75 -19.68 -42.70
N LEU B 1268 23.91 -20.59 -41.73
CA LEU B 1268 24.84 -21.71 -41.85
C LEU B 1268 24.33 -22.66 -42.91
N GLU B 1269 23.03 -22.88 -42.94
CA GLU B 1269 22.45 -23.75 -43.92
C GLU B 1269 20.95 -23.51 -43.88
N ALA B 1270 20.27 -23.80 -44.96
CA ALA B 1270 18.84 -23.49 -45.03
C ALA B 1270 18.01 -24.64 -44.47
N VAL B 1271 18.24 -25.85 -44.96
CA VAL B 1271 17.42 -26.99 -44.56
C VAL B 1271 17.57 -27.18 -43.05
N THR B 1272 18.74 -26.81 -42.49
CA THR B 1272 19.08 -27.06 -41.07
C THR B 1272 18.20 -26.25 -40.13
N MET B 1273 17.69 -25.11 -40.59
CA MET B 1273 16.74 -24.36 -39.81
C MET B 1273 15.47 -25.19 -39.59
N GLN B 1274 14.77 -25.48 -40.68
CA GLN B 1274 13.55 -26.28 -40.62
C GLN B 1274 13.73 -27.47 -39.70
N HIS B 1275 14.68 -28.31 -40.09
CA HIS B 1275 14.87 -29.53 -39.39
C HIS B 1275 15.23 -29.28 -37.94
N ILE B 1276 16.11 -28.31 -37.65
CA ILE B 1276 16.65 -28.18 -36.29
C ILE B 1276 15.56 -27.78 -35.30
N PHE B 1277 14.64 -26.90 -35.71
CA PHE B 1277 13.50 -26.59 -34.84
C PHE B 1277 12.65 -27.83 -34.61
N MET B 1278 12.19 -28.47 -35.70
CA MET B 1278 11.37 -29.66 -35.50
C MET B 1278 12.06 -30.64 -34.55
N ASN B 1279 13.35 -30.90 -34.79
CA ASN B 1279 14.11 -31.94 -34.09
C ASN B 1279 14.22 -31.65 -32.61
N ASN B 1280 14.52 -30.41 -32.26
CA ASN B 1280 14.49 -30.08 -30.85
C ASN B 1280 13.12 -30.42 -30.27
N PHE B 1281 12.04 -30.02 -30.96
CA PHE B 1281 10.70 -30.14 -30.36
C PHE B 1281 10.33 -31.59 -30.09
N GLN B 1282 10.63 -32.49 -31.02
CA GLN B 1282 10.34 -33.89 -30.77
C GLN B 1282 11.05 -34.32 -29.50
N LEU B 1283 12.38 -34.41 -29.55
CA LEU B 1283 13.13 -34.88 -28.39
C LEU B 1283 12.79 -34.07 -27.15
N CYS B 1284 12.48 -32.79 -27.32
CA CYS B 1284 12.10 -31.98 -26.18
C CYS B 1284 10.60 -32.11 -25.85
N SER B 1285 9.74 -32.26 -26.86
CA SER B 1285 8.31 -32.31 -26.56
C SER B 1285 7.99 -33.49 -25.65
N GLU B 1286 7.17 -33.24 -24.64
CA GLU B 1286 6.78 -34.26 -23.67
C GLU B 1286 5.30 -34.04 -23.30
N ILE B 1287 4.65 -35.07 -22.77
CA ILE B 1287 3.27 -34.90 -22.28
C ILE B 1287 3.30 -34.52 -20.80
N ASN B 1288 2.31 -33.71 -20.40
CA ASN B 1288 2.11 -33.33 -19.00
C ASN B 1288 3.19 -32.41 -18.48
N GLU B 1289 4.45 -32.86 -18.52
CA GLU B 1289 5.56 -32.07 -18.03
C GLU B 1289 5.51 -30.69 -18.67
N ARG B 1290 5.87 -29.67 -17.90
CA ARG B 1290 6.04 -28.32 -18.43
C ARG B 1290 7.34 -28.15 -19.20
N VAL B 1291 8.10 -29.25 -19.40
CA VAL B 1291 9.43 -29.14 -19.97
C VAL B 1291 9.38 -28.53 -21.36
N VAL B 1292 8.42 -28.96 -22.19
CA VAL B 1292 8.47 -28.60 -23.60
C VAL B 1292 8.20 -27.12 -23.80
N GLN B 1293 7.62 -26.44 -22.81
CA GLN B 1293 7.63 -24.98 -22.83
C GLN B 1293 9.05 -24.44 -22.94
N HIS B 1294 9.88 -24.75 -21.95
CA HIS B 1294 11.23 -24.21 -21.95
C HIS B 1294 12.04 -24.74 -23.13
N PHE B 1295 11.92 -26.04 -23.44
CA PHE B 1295 12.79 -26.63 -24.45
C PHE B 1295 12.35 -26.21 -25.85
N VAL B 1296 11.04 -26.21 -26.11
CA VAL B 1296 10.52 -25.81 -27.41
C VAL B 1296 10.62 -24.31 -27.58
N HIS B 1297 10.63 -23.59 -26.46
CA HIS B 1297 10.98 -22.18 -26.49
C HIS B 1297 12.47 -21.97 -26.74
N CYS B 1298 13.33 -22.97 -26.48
CA CYS B 1298 14.77 -22.81 -26.71
C CYS B 1298 15.18 -23.07 -28.18
N ILE B 1299 14.48 -23.95 -28.91
CA ILE B 1299 14.82 -24.16 -30.33
C ILE B 1299 14.21 -23.07 -31.23
N GLU B 1300 13.07 -22.49 -30.85
CA GLU B 1300 12.40 -21.43 -31.61
C GLU B 1300 12.21 -20.22 -30.72
N THR B 1301 12.54 -19.04 -31.24
CA THR B 1301 12.52 -17.83 -30.45
C THR B 1301 11.42 -16.89 -30.94
N HIS B 1302 11.19 -15.82 -30.16
CA HIS B 1302 10.17 -14.83 -30.50
C HIS B 1302 10.49 -14.16 -31.85
N GLY B 1303 11.76 -13.84 -32.09
CA GLY B 1303 12.15 -13.24 -33.37
C GLY B 1303 11.90 -14.15 -34.56
N ARG B 1304 11.71 -15.44 -34.30
CA ARG B 1304 11.45 -16.42 -35.35
C ARG B 1304 10.43 -15.93 -36.37
N ASN B 1305 9.26 -15.50 -35.93
CA ASN B 1305 8.21 -15.13 -36.87
C ASN B 1305 8.74 -14.18 -37.92
N VAL B 1306 9.47 -13.14 -37.51
CA VAL B 1306 9.97 -12.17 -38.46
C VAL B 1306 10.77 -12.88 -39.55
N GLN B 1307 11.71 -13.74 -39.15
CA GLN B 1307 12.55 -14.51 -40.07
C GLN B 1307 11.85 -15.73 -40.70
N TYR B 1308 10.70 -16.19 -40.17
CA TYR B 1308 10.07 -17.38 -40.75
C TYR B 1308 9.10 -17.05 -41.89
N ILE B 1309 8.46 -15.87 -41.83
CA ILE B 1309 7.54 -15.41 -42.87
C ILE B 1309 8.27 -15.17 -44.19
N LYS B 1310 9.47 -14.61 -44.12
CA LYS B 1310 10.33 -14.20 -45.24
C LYS B 1310 11.68 -13.79 -44.63
N PHE B 1311 12.61 -13.26 -45.45
CA PHE B 1311 13.95 -12.78 -45.01
C PHE B 1311 14.97 -13.89 -44.79
N LEU B 1312 14.66 -15.11 -45.25
CA LEU B 1312 15.46 -16.30 -45.08
C LEU B 1312 16.33 -16.55 -46.29
N GLN B 1313 16.58 -15.50 -47.06
CA GLN B 1313 17.28 -15.67 -48.32
C GLN B 1313 18.64 -16.28 -48.12
N THR B 1314 19.32 -15.90 -47.03
CA THR B 1314 20.65 -16.44 -46.83
C THR B 1314 20.60 -17.95 -46.81
N ILE B 1315 19.76 -18.51 -45.95
CA ILE B 1315 19.48 -19.94 -45.95
C ILE B 1315 19.21 -20.29 -47.40
N VAL B 1316 18.01 -19.95 -47.89
CA VAL B 1316 17.57 -20.50 -49.16
C VAL B 1316 18.72 -20.50 -50.15
N LYS B 1317 19.32 -19.33 -50.35
CA LYS B 1317 20.38 -19.16 -51.32
C LYS B 1317 21.47 -20.17 -51.06
N ALA B 1318 21.83 -20.34 -49.80
CA ALA B 1318 22.87 -21.29 -49.48
C ALA B 1318 22.39 -22.72 -49.52
N GLU B 1319 21.08 -22.97 -49.61
CA GLU B 1319 20.58 -24.33 -49.46
C GLU B 1319 20.89 -25.19 -50.68
N GLY B 1320 20.72 -24.65 -51.87
CA GLY B 1320 20.76 -25.47 -53.07
C GLY B 1320 20.70 -24.68 -54.36
N LYS B 1321 21.19 -25.33 -55.42
CA LYS B 1321 21.01 -24.79 -56.76
C LYS B 1321 19.58 -24.29 -56.90
N PHE B 1322 18.64 -25.21 -56.85
CA PHE B 1322 17.22 -24.88 -56.68
C PHE B 1322 16.93 -25.14 -55.20
N ILE B 1323 17.26 -24.16 -54.36
CA ILE B 1323 17.26 -24.37 -52.90
C ILE B 1323 15.84 -24.26 -52.36
N LYS B 1324 14.89 -24.22 -53.28
CA LYS B 1324 13.50 -24.22 -52.89
C LYS B 1324 13.16 -25.35 -51.91
N LYS B 1325 13.85 -26.48 -51.95
CA LYS B 1325 13.41 -27.59 -51.09
C LYS B 1325 13.89 -27.42 -49.64
N CYS B 1326 15.08 -26.87 -49.43
CA CYS B 1326 15.49 -26.59 -48.06
C CYS B 1326 14.68 -25.43 -47.50
N GLN B 1327 14.34 -24.45 -48.35
CA GLN B 1327 13.45 -23.38 -47.91
C GLN B 1327 12.05 -23.92 -47.58
N ASP B 1328 11.57 -24.93 -48.33
CA ASP B 1328 10.23 -25.51 -48.13
C ASP B 1328 10.19 -26.42 -46.90
N MET B 1329 11.26 -27.19 -46.70
CA MET B 1329 11.47 -27.83 -45.41
C MET B 1329 11.39 -26.78 -44.32
N VAL B 1330 12.01 -25.62 -44.57
CA VAL B 1330 11.93 -24.47 -43.68
C VAL B 1330 10.49 -23.99 -43.52
N MET B 1331 9.66 -24.11 -44.57
CA MET B 1331 8.29 -23.58 -44.51
C MET B 1331 7.40 -24.45 -43.64
N ALA B 1332 7.50 -25.77 -43.80
CA ALA B 1332 6.72 -26.68 -42.96
C ALA B 1332 7.14 -26.57 -41.50
N GLU B 1333 8.45 -26.55 -41.25
CA GLU B 1333 8.93 -26.51 -39.86
C GLU B 1333 8.55 -25.19 -39.18
N LEU B 1334 8.87 -24.05 -39.80
CA LEU B 1334 8.52 -22.77 -39.21
C LEU B 1334 7.01 -22.64 -39.04
N VAL B 1335 6.23 -23.18 -40.00
CA VAL B 1335 4.78 -22.99 -40.01
C VAL B 1335 4.09 -23.80 -38.92
N ASN B 1336 4.49 -25.07 -38.71
CA ASN B 1336 3.74 -25.96 -37.84
C ASN B 1336 4.54 -26.22 -36.57
N SER B 1337 3.99 -25.80 -35.41
CA SER B 1337 4.60 -26.10 -34.12
C SER B 1337 3.62 -26.09 -32.91
N GLY B 1338 2.31 -25.90 -33.14
CA GLY B 1338 1.29 -25.84 -32.07
C GLY B 1338 0.51 -27.07 -31.65
N GLU B 1339 0.43 -28.11 -32.49
CA GLU B 1339 -0.11 -29.40 -32.07
C GLU B 1339 1.02 -30.34 -31.65
N ASP B 1340 0.62 -31.43 -30.99
CA ASP B 1340 1.55 -32.29 -30.28
C ASP B 1340 2.09 -31.54 -29.06
N VAL B 1341 2.23 -32.24 -27.92
CA VAL B 1341 2.83 -31.68 -26.71
C VAL B 1341 1.96 -30.56 -26.17
N LEU B 1342 0.64 -30.70 -26.32
CA LEU B 1342 -0.25 -29.68 -25.79
C LEU B 1342 0.08 -29.42 -24.32
N VAL B 1343 0.30 -30.50 -23.56
CA VAL B 1343 0.69 -30.31 -22.18
C VAL B 1343 2.07 -29.67 -22.08
N PHE B 1344 3.01 -30.13 -22.92
CA PHE B 1344 4.34 -29.55 -22.98
C PHE B 1344 4.46 -28.68 -24.23
N TYR B 1345 3.85 -27.52 -24.12
CA TYR B 1345 4.04 -26.46 -25.09
C TYR B 1345 3.99 -25.16 -24.29
N ASN B 1346 2.81 -24.67 -23.95
CA ASN B 1346 2.65 -23.37 -23.31
C ASN B 1346 2.11 -23.53 -21.90
N ASP B 1347 2.78 -22.91 -20.94
CA ASP B 1347 2.30 -22.89 -19.57
C ASP B 1347 1.18 -21.85 -19.40
N ARG B 1348 0.77 -21.63 -18.15
CA ARG B 1348 -0.14 -20.53 -17.83
C ARG B 1348 0.55 -19.18 -18.09
N ALA B 1349 1.81 -19.03 -17.63
CA ALA B 1349 2.64 -17.85 -17.91
C ALA B 1349 3.49 -17.95 -19.19
N SER B 1350 3.71 -19.16 -19.72
CA SER B 1350 4.60 -19.35 -20.86
C SER B 1350 4.00 -18.83 -22.17
N PHE B 1351 2.69 -19.00 -22.38
CA PHE B 1351 1.98 -18.55 -23.61
C PHE B 1351 1.53 -17.10 -23.51
N GLN B 1352 2.46 -16.24 -23.08
CA GLN B 1352 2.17 -14.84 -22.85
C GLN B 1352 2.95 -13.92 -23.76
N THR B 1353 4.08 -14.35 -24.31
CA THR B 1353 4.92 -13.47 -25.13
C THR B 1353 4.30 -13.19 -26.49
N LEU B 1354 3.58 -14.17 -27.05
CA LEU B 1354 2.89 -14.02 -28.33
C LEU B 1354 1.38 -13.94 -28.08
N ILE B 1355 0.75 -12.86 -28.55
CA ILE B 1355 -0.67 -12.61 -28.32
C ILE B 1355 -1.03 -11.43 -29.19
N GLN B 1356 -2.21 -11.42 -29.78
CA GLN B 1356 -2.51 -10.34 -30.69
C GLN B 1356 -1.34 -10.09 -31.61
N MET B 1357 -0.50 -11.10 -31.75
CA MET B 1357 0.84 -10.89 -32.25
C MET B 1357 1.26 -12.12 -32.99
N MET B 1358 2.37 -11.97 -33.70
CA MET B 1358 3.01 -13.03 -34.45
C MET B 1358 2.36 -13.15 -35.82
N ARG B 1359 1.16 -12.60 -35.96
CA ARG B 1359 0.34 -12.89 -37.13
C ARG B 1359 0.90 -12.33 -38.44
N SER B 1360 1.54 -11.16 -38.44
CA SER B 1360 1.96 -10.57 -39.71
C SER B 1360 2.93 -11.49 -40.46
N GLU B 1361 3.84 -12.15 -39.73
CA GLU B 1361 4.84 -13.03 -40.35
C GLU B 1361 4.20 -14.28 -40.97
N ARG B 1362 3.54 -15.11 -40.17
CA ARG B 1362 3.00 -16.37 -40.69
C ARG B 1362 1.85 -16.13 -41.67
N ASP B 1363 0.87 -15.30 -41.29
CA ASP B 1363 -0.24 -15.02 -42.20
C ASP B 1363 0.26 -14.42 -43.49
N ARG B 1364 1.32 -13.63 -43.40
CA ARG B 1364 1.82 -12.93 -44.57
C ARG B 1364 2.10 -13.89 -45.72
N MET B 1365 2.56 -15.09 -45.41
CA MET B 1365 3.05 -16.00 -46.45
C MET B 1365 2.22 -17.30 -46.41
N ASP B 1366 1.05 -17.25 -47.03
CA ASP B 1366 0.15 -18.39 -47.04
C ASP B 1366 -0.43 -18.72 -48.42
N GLU B 1367 0.12 -18.18 -49.51
CA GLU B 1367 -0.44 -18.38 -50.85
C GLU B 1367 0.54 -19.15 -51.71
N ASN B 1368 0.07 -20.27 -52.24
CA ASN B 1368 0.96 -21.16 -52.98
C ASN B 1368 0.11 -22.27 -53.55
N SER B 1369 0.76 -23.14 -54.30
CA SER B 1369 0.07 -24.20 -55.00
C SER B 1369 1.01 -24.98 -55.91
N PRO B 1370 0.64 -26.20 -56.30
CA PRO B 1370 1.50 -27.04 -57.17
C PRO B 1370 2.61 -27.65 -56.36
N LEU B 1371 2.65 -27.29 -55.09
CA LEU B 1371 3.69 -27.74 -54.19
C LEU B 1371 3.86 -29.24 -54.32
N MET B 1372 5.12 -29.67 -54.24
CA MET B 1372 5.48 -31.05 -53.95
C MET B 1372 6.43 -31.12 -52.76
N TYR B 1373 7.59 -30.44 -52.78
CA TYR B 1373 8.52 -30.50 -51.66
C TYR B 1373 7.98 -29.78 -50.42
N HIS B 1374 7.19 -28.73 -50.64
CA HIS B 1374 6.42 -28.09 -49.59
C HIS B 1374 4.92 -28.39 -49.66
N ILE B 1375 4.49 -29.37 -50.49
CA ILE B 1375 3.07 -29.68 -50.70
C ILE B 1375 2.47 -30.43 -49.51
N HIS B 1376 3.25 -31.31 -48.88
CA HIS B 1376 2.76 -32.11 -47.77
C HIS B 1376 2.97 -31.43 -46.42
N LEU B 1377 3.45 -30.18 -46.40
CA LEU B 1377 3.48 -29.42 -45.16
C LEU B 1377 2.07 -29.26 -44.60
N VAL B 1378 1.08 -29.04 -45.47
CA VAL B 1378 -0.32 -28.94 -45.04
C VAL B 1378 -0.71 -30.16 -44.20
N GLU B 1379 -0.85 -31.34 -44.82
CA GLU B 1379 -1.18 -32.52 -44.04
C GLU B 1379 -0.19 -32.67 -42.87
N LEU B 1380 1.11 -32.56 -43.15
CA LEU B 1380 2.13 -32.58 -42.09
C LEU B 1380 1.88 -31.45 -41.08
N LEU B 1381 1.85 -30.21 -41.57
CA LEU B 1381 1.51 -29.07 -40.74
C LEU B 1381 0.04 -29.06 -40.31
N ALA B 1382 -0.82 -29.79 -41.02
CA ALA B 1382 -2.18 -29.98 -40.51
C ALA B 1382 -2.21 -31.08 -39.46
N VAL B 1383 -1.52 -32.19 -39.74
CA VAL B 1383 -1.35 -33.24 -38.75
C VAL B 1383 -0.71 -32.68 -37.49
N CYS B 1384 0.00 -31.57 -37.62
CA CYS B 1384 0.60 -30.89 -36.49
C CYS B 1384 0.15 -29.43 -36.49
N THR B 1385 -0.92 -29.14 -35.74
CA THR B 1385 -1.31 -27.78 -35.32
C THR B 1385 -2.40 -27.25 -36.25
N GLU B 1386 -3.32 -28.11 -36.64
CA GLU B 1386 -4.38 -27.75 -37.56
C GLU B 1386 -5.52 -27.10 -36.79
N GLY B 1387 -6.20 -26.17 -37.46
CA GLY B 1387 -7.28 -25.47 -36.82
C GLY B 1387 -6.81 -24.22 -36.12
N LYS B 1388 -7.42 -23.09 -36.48
CA LYS B 1388 -7.15 -21.82 -35.83
C LYS B 1388 -7.84 -21.76 -34.47
N ASN B 1389 -7.03 -21.68 -33.38
CA ASN B 1389 -7.50 -21.37 -32.02
C ASN B 1389 -8.18 -22.55 -31.29
N VAL B 1390 -7.67 -23.77 -31.48
CA VAL B 1390 -8.39 -24.91 -30.95
C VAL B 1390 -8.59 -24.75 -29.45
N TYR B 1391 -7.53 -24.32 -28.74
CA TYR B 1391 -7.42 -24.47 -27.30
C TYR B 1391 -7.19 -23.15 -26.53
N THR B 1392 -7.27 -22.00 -27.21
CA THR B 1392 -7.16 -20.72 -26.52
C THR B 1392 -8.57 -20.30 -26.12
N GLU B 1393 -8.86 -20.37 -24.83
CA GLU B 1393 -10.17 -19.91 -24.39
C GLU B 1393 -10.38 -18.44 -24.74
N ILE B 1394 -9.32 -17.64 -24.67
CA ILE B 1394 -9.43 -16.18 -24.66
C ILE B 1394 -8.29 -15.58 -25.47
N LYS B 1395 -8.32 -14.24 -25.59
CA LYS B 1395 -7.28 -13.47 -26.25
C LYS B 1395 -7.18 -13.83 -27.72
N CYS B 1396 -7.71 -12.94 -28.58
CA CYS B 1396 -7.62 -13.10 -30.02
C CYS B 1396 -7.51 -11.73 -30.67
N ASN B 1397 -7.00 -11.72 -31.91
CA ASN B 1397 -6.71 -10.49 -32.64
C ASN B 1397 -6.78 -10.81 -34.13
N SER B 1398 -7.99 -10.76 -34.66
CA SER B 1398 -8.17 -10.90 -36.09
C SER B 1398 -9.44 -10.19 -36.52
N LEU B 1399 -9.44 -9.73 -37.76
CA LEU B 1399 -10.66 -9.28 -38.41
C LEU B 1399 -11.48 -10.45 -38.94
N LEU B 1400 -10.82 -11.49 -39.48
CA LEU B 1400 -11.60 -12.59 -40.01
C LEU B 1400 -10.74 -13.82 -40.23
N PRO B 1401 -11.33 -15.02 -40.13
CA PRO B 1401 -10.55 -16.24 -40.31
C PRO B 1401 -11.16 -17.32 -41.20
N LEU B 1402 -12.43 -17.23 -41.63
CA LEU B 1402 -13.06 -18.34 -42.37
C LEU B 1402 -12.54 -18.47 -43.82
N ASP B 1403 -12.24 -17.33 -44.45
CA ASP B 1403 -11.91 -17.29 -45.88
C ASP B 1403 -10.55 -17.92 -46.21
N ASP B 1404 -9.50 -17.63 -45.40
CA ASP B 1404 -8.15 -18.14 -45.72
C ASP B 1404 -8.09 -19.66 -45.66
N ILE B 1405 -8.88 -20.27 -44.77
CA ILE B 1405 -8.95 -21.72 -44.66
C ILE B 1405 -9.76 -22.34 -45.83
N VAL B 1406 -10.83 -21.67 -46.30
CA VAL B 1406 -11.55 -22.21 -47.48
C VAL B 1406 -10.72 -22.08 -48.78
N ARG B 1407 -9.94 -20.99 -48.92
CA ARG B 1407 -9.06 -20.77 -50.07
C ARG B 1407 -7.83 -21.69 -50.05
N VAL B 1408 -7.18 -21.87 -48.89
CA VAL B 1408 -6.08 -22.84 -48.81
C VAL B 1408 -6.56 -24.30 -48.81
N VAL B 1409 -7.88 -24.55 -48.60
CA VAL B 1409 -8.47 -25.89 -48.55
C VAL B 1409 -8.97 -26.37 -49.94
N THR B 1410 -9.45 -25.46 -50.82
CA THR B 1410 -9.78 -25.86 -52.18
C THR B 1410 -8.76 -25.41 -53.26
N HIS B 1411 -7.57 -24.81 -52.86
CA HIS B 1411 -6.53 -24.28 -53.79
C HIS B 1411 -5.16 -24.94 -53.62
N GLU B 1412 -4.87 -25.94 -54.46
CA GLU B 1412 -3.60 -26.68 -54.53
C GLU B 1412 -3.31 -26.91 -56.01
N ASP B 1413 -2.14 -27.48 -56.34
CA ASP B 1413 -1.87 -27.74 -57.76
C ASP B 1413 -1.08 -29.01 -57.97
N CYS B 1414 -1.23 -29.57 -59.17
CA CYS B 1414 -0.53 -30.77 -59.59
C CYS B 1414 -0.81 -31.94 -58.66
N ILE B 1415 -2.01 -32.03 -58.10
CA ILE B 1415 -2.35 -33.11 -57.17
C ILE B 1415 -3.85 -33.28 -57.07
N PRO B 1416 -4.37 -34.53 -57.00
CA PRO B 1416 -5.79 -34.73 -56.67
C PRO B 1416 -6.10 -34.17 -55.29
N GLU B 1417 -7.38 -34.14 -54.96
CA GLU B 1417 -7.82 -33.45 -53.75
C GLU B 1417 -8.10 -34.39 -52.58
N VAL B 1418 -7.98 -35.72 -52.77
CA VAL B 1418 -8.32 -36.67 -51.71
C VAL B 1418 -7.52 -36.40 -50.42
N LYS B 1419 -6.23 -36.05 -50.56
CA LYS B 1419 -5.38 -35.80 -49.40
C LYS B 1419 -5.87 -34.61 -48.58
N ILE B 1420 -6.59 -33.68 -49.23
CA ILE B 1420 -7.28 -32.63 -48.50
C ILE B 1420 -8.32 -33.23 -47.52
N ALA B 1421 -9.21 -34.10 -48.01
CA ALA B 1421 -10.42 -34.44 -47.24
C ALA B 1421 -10.14 -34.99 -45.83
N TYR B 1422 -9.01 -35.69 -45.61
CA TYR B 1422 -8.69 -36.20 -44.27
C TYR B 1422 -8.12 -35.12 -43.32
N ILE B 1423 -7.27 -34.22 -43.83
CA ILE B 1423 -6.94 -33.01 -43.09
C ILE B 1423 -8.00 -31.92 -43.35
N ASN B 1424 -8.28 -31.62 -44.64
CA ASN B 1424 -9.24 -30.58 -45.05
C ASN B 1424 -10.64 -30.81 -44.49
N PHE B 1425 -11.25 -31.99 -44.69
CA PHE B 1425 -12.59 -32.19 -44.16
C PHE B 1425 -12.64 -31.79 -42.68
N LEU B 1426 -11.51 -31.95 -41.94
CA LEU B 1426 -11.48 -31.62 -40.51
C LEU B 1426 -11.88 -30.17 -40.23
N ASN B 1427 -11.39 -29.22 -41.05
CA ASN B 1427 -11.74 -27.82 -40.83
C ASN B 1427 -13.24 -27.63 -40.81
N HIS B 1428 -13.96 -28.30 -41.72
CA HIS B 1428 -15.40 -28.20 -41.74
C HIS B 1428 -15.96 -28.70 -40.44
N CYS B 1429 -15.45 -29.84 -39.98
CA CYS B 1429 -15.91 -30.42 -38.74
C CYS B 1429 -15.80 -29.40 -37.61
N TYR B 1430 -14.61 -28.85 -37.41
CA TYR B 1430 -14.41 -27.96 -36.27
C TYR B 1430 -15.42 -26.81 -36.24
N VAL B 1431 -16.07 -26.50 -37.39
CA VAL B 1431 -17.00 -25.37 -37.46
C VAL B 1431 -18.41 -25.70 -36.91
N ASP B 1432 -18.82 -26.97 -36.92
CA ASP B 1432 -20.18 -27.37 -36.52
C ASP B 1432 -20.24 -27.58 -35.00
N THR B 1433 -20.39 -26.44 -34.30
CA THR B 1433 -20.34 -26.41 -32.84
C THR B 1433 -20.00 -24.97 -32.38
N GLU B 1434 -19.11 -24.30 -33.13
CA GLU B 1434 -18.65 -22.95 -32.89
C GLU B 1434 -19.79 -22.12 -32.32
N VAL B 1435 -20.98 -22.37 -32.82
CA VAL B 1435 -22.11 -21.56 -32.47
C VAL B 1435 -21.62 -20.13 -32.71
N GLU B 1436 -21.53 -19.34 -31.65
CA GLU B 1436 -21.22 -17.94 -31.84
C GLU B 1436 -19.86 -17.75 -32.50
N MET B 1437 -18.95 -18.72 -32.31
CA MET B 1437 -17.57 -18.48 -32.70
C MET B 1437 -17.46 -18.12 -34.16
N LYS B 1438 -18.17 -18.86 -35.02
CA LYS B 1438 -18.12 -18.55 -36.44
C LYS B 1438 -18.52 -17.11 -36.67
N GLU B 1439 -19.63 -16.67 -36.05
CA GLU B 1439 -20.09 -15.30 -36.17
C GLU B 1439 -19.05 -14.28 -35.67
N ILE B 1440 -18.47 -14.50 -34.48
CA ILE B 1440 -17.56 -13.54 -33.85
C ILE B 1440 -16.21 -13.48 -34.56
N TYR B 1441 -15.82 -14.57 -35.21
CA TYR B 1441 -14.57 -14.64 -35.97
C TYR B 1441 -14.85 -14.45 -37.45
N THR B 1442 -14.63 -13.25 -37.96
CA THR B 1442 -14.54 -13.02 -39.40
C THR B 1442 -15.82 -12.55 -40.06
N SER B 1443 -16.59 -11.70 -39.40
CA SER B 1443 -17.89 -11.31 -39.93
C SER B 1443 -18.75 -12.54 -40.19
N ASN B 1444 -18.70 -13.50 -39.27
CA ASN B 1444 -19.33 -14.81 -39.43
C ASN B 1444 -18.61 -15.66 -40.48
N HIS B 1445 -19.28 -16.70 -40.97
CA HIS B 1445 -18.74 -17.58 -42.01
C HIS B 1445 -19.89 -17.98 -42.93
N MET B 1446 -19.67 -17.97 -44.26
CA MET B 1446 -20.74 -18.22 -45.23
C MET B 1446 -20.55 -19.43 -46.15
N TRP B 1447 -19.30 -19.88 -46.38
CA TRP B 1447 -19.01 -21.02 -47.25
C TRP B 1447 -18.39 -22.24 -46.57
N LYS B 1448 -18.19 -22.22 -45.25
CA LYS B 1448 -17.65 -23.37 -44.53
C LYS B 1448 -18.61 -24.57 -44.52
N LEU B 1449 -19.92 -24.32 -44.31
CA LEU B 1449 -20.91 -25.39 -44.34
C LEU B 1449 -20.98 -26.07 -45.72
N PHE B 1450 -20.85 -25.29 -46.81
CA PHE B 1450 -20.88 -25.86 -48.16
C PHE B 1450 -19.64 -26.70 -48.48
N GLU B 1451 -18.44 -26.26 -48.09
CA GLU B 1451 -17.29 -27.14 -48.25
C GLU B 1451 -17.49 -28.42 -47.45
N ASN B 1452 -17.94 -28.30 -46.18
CA ASN B 1452 -18.15 -29.48 -45.33
C ASN B 1452 -19.17 -30.44 -45.91
N PHE B 1453 -20.27 -29.93 -46.45
CA PHE B 1453 -21.33 -30.77 -47.01
C PHE B 1453 -20.97 -31.28 -48.39
N LEU B 1454 -20.14 -30.53 -49.11
CA LEU B 1454 -19.50 -31.08 -50.28
C LEU B 1454 -18.72 -32.32 -49.89
N VAL B 1455 -17.85 -32.20 -48.86
CA VAL B 1455 -16.97 -33.29 -48.45
C VAL B 1455 -17.76 -34.49 -47.88
N ASP B 1456 -18.69 -34.23 -46.96
CA ASP B 1456 -19.52 -35.30 -46.40
C ASP B 1456 -20.39 -35.94 -47.48
N ILE B 1457 -21.17 -35.13 -48.20
CA ILE B 1457 -21.92 -35.63 -49.34
C ILE B 1457 -20.97 -36.17 -50.38
N CYS B 1458 -19.99 -35.37 -50.74
CA CYS B 1458 -18.86 -35.88 -51.53
C CYS B 1458 -19.32 -36.38 -52.88
N ARG B 1459 -18.52 -37.35 -53.33
CA ARG B 1459 -18.75 -38.11 -54.55
C ARG B 1459 -17.98 -39.41 -54.39
N ALA B 1460 -17.40 -39.94 -55.46
CA ALA B 1460 -16.57 -41.13 -55.32
C ALA B 1460 -15.22 -40.82 -54.66
N CYS B 1461 -14.44 -39.87 -55.20
CA CYS B 1461 -13.24 -39.29 -54.55
C CYS B 1461 -12.51 -38.32 -55.50
N ASN B 1462 -11.18 -38.30 -55.50
CA ASN B 1462 -10.49 -37.54 -56.56
C ASN B 1462 -10.87 -38.11 -57.93
N ASN B 1463 -10.96 -39.45 -58.03
CA ASN B 1463 -11.16 -40.13 -59.30
C ASN B 1463 -12.02 -41.40 -59.24
N THR B 1464 -12.69 -41.69 -58.12
CA THR B 1464 -13.64 -42.81 -58.03
C THR B 1464 -13.01 -44.21 -58.04
N SER B 1465 -12.05 -44.45 -57.14
CA SER B 1465 -11.30 -45.71 -57.12
C SER B 1465 -12.09 -46.91 -56.61
N ASP B 1466 -13.25 -46.70 -55.99
CA ASP B 1466 -14.02 -47.80 -55.42
C ASP B 1466 -13.14 -48.67 -54.52
N ARG B 1467 -12.48 -48.04 -53.55
CA ARG B 1467 -11.44 -48.66 -52.74
C ARG B 1467 -11.94 -49.22 -51.39
N LYS B 1468 -12.89 -48.57 -50.72
CA LYS B 1468 -13.34 -49.00 -49.40
C LYS B 1468 -14.69 -49.72 -49.56
N HIS B 1469 -14.64 -51.03 -49.75
CA HIS B 1469 -15.86 -51.78 -50.08
C HIS B 1469 -16.83 -51.80 -48.90
N ALA B 1470 -16.33 -52.03 -47.68
CA ALA B 1470 -17.22 -52.18 -46.53
C ALA B 1470 -17.95 -50.87 -46.18
N ASP B 1471 -17.22 -49.79 -45.89
CA ASP B 1471 -17.80 -48.45 -45.75
C ASP B 1471 -18.48 -48.21 -44.40
N SER B 1472 -18.29 -49.10 -43.46
CA SER B 1472 -18.89 -48.95 -42.13
C SER B 1472 -18.01 -48.23 -41.12
N ILE B 1473 -16.80 -47.81 -41.46
CA ILE B 1473 -16.07 -46.89 -40.58
C ILE B 1473 -16.15 -45.45 -41.09
N LEU B 1474 -16.34 -45.26 -42.40
CA LEU B 1474 -16.75 -43.96 -42.90
C LEU B 1474 -18.19 -43.69 -42.47
N GLU B 1475 -19.09 -44.69 -42.63
CA GLU B 1475 -20.50 -44.56 -42.28
C GLU B 1475 -20.80 -44.91 -40.82
N LYS B 1476 -19.98 -45.80 -40.21
CA LYS B 1476 -20.11 -46.13 -38.79
C LYS B 1476 -19.21 -45.25 -37.93
N TYR B 1477 -17.98 -44.96 -38.36
CA TYR B 1477 -17.19 -43.90 -37.74
C TYR B 1477 -17.88 -42.55 -37.92
N VAL B 1478 -18.40 -42.30 -39.13
CA VAL B 1478 -19.17 -41.09 -39.39
C VAL B 1478 -20.47 -41.08 -38.56
N THR B 1479 -21.16 -42.22 -38.47
CA THR B 1479 -22.42 -42.26 -37.72
C THR B 1479 -22.20 -42.06 -36.20
N GLU B 1480 -21.10 -42.59 -35.65
CA GLU B 1480 -20.72 -42.31 -34.26
C GLU B 1480 -20.40 -40.82 -34.06
N ILE B 1481 -19.62 -40.23 -34.98
CA ILE B 1481 -19.34 -38.79 -34.89
C ILE B 1481 -20.60 -37.94 -35.06
N VAL B 1482 -21.70 -38.51 -35.64
CA VAL B 1482 -22.99 -37.83 -35.78
C VAL B 1482 -23.90 -37.98 -34.54
N MET B 1483 -23.70 -39.04 -33.72
CA MET B 1483 -24.32 -39.07 -32.39
C MET B 1483 -23.59 -38.17 -31.38
N SER B 1484 -22.29 -37.91 -31.56
CA SER B 1484 -21.60 -36.89 -30.75
C SER B 1484 -21.91 -35.46 -31.24
N ILE B 1485 -21.94 -35.24 -32.57
CA ILE B 1485 -22.32 -33.94 -33.14
C ILE B 1485 -23.81 -33.64 -32.90
N VAL B 1486 -24.68 -34.68 -32.86
CA VAL B 1486 -26.06 -34.51 -32.37
C VAL B 1486 -26.13 -34.35 -30.83
N THR B 1487 -25.10 -34.81 -30.10
CA THR B 1487 -25.05 -34.66 -28.65
C THR B 1487 -24.76 -33.21 -28.22
N THR B 1488 -23.87 -32.48 -28.93
CA THR B 1488 -23.50 -31.12 -28.54
C THR B 1488 -24.44 -30.03 -29.06
N PHE B 1489 -23.92 -29.03 -29.81
CA PHE B 1489 -24.71 -27.88 -30.27
C PHE B 1489 -24.86 -26.83 -29.17
N PHE B 1490 -25.42 -27.25 -28.04
CA PHE B 1490 -25.75 -26.34 -26.94
C PHE B 1490 -24.50 -25.58 -26.46
N SER B 1491 -23.42 -26.29 -26.17
CA SER B 1491 -22.19 -25.64 -25.73
C SER B 1491 -21.27 -25.57 -26.94
N SER B 1492 -20.76 -26.74 -27.38
CA SER B 1492 -19.90 -26.95 -28.55
C SER B 1492 -18.92 -25.78 -28.79
N PRO B 1493 -18.19 -25.76 -29.94
CA PRO B 1493 -17.21 -24.75 -30.38
C PRO B 1493 -16.50 -25.13 -31.70
#